data_5VMK
#
_entry.id   5VMK
#
_cell.length_a   96.620
_cell.length_b   96.620
_cell.length_c   262.420
_cell.angle_alpha   90.00
_cell.angle_beta   90.00
_cell.angle_gamma   120.00
#
_symmetry.space_group_name_H-M   'P 32 2 1'
#
loop_
_entity.id
_entity.type
_entity.pdbx_description
1 polymer 'Bifunctional protein GlmU'
2 non-polymer 'CITRIC ACID'
3 non-polymer 'PHOSPHATE ION'
4 non-polymer 'TETRAETHYLENE GLYCOL'
5 water water
#
_entity_poly.entity_id   1
_entity_poly.type   'polypeptide(L)'
_entity_poly.pdbx_seq_one_letter_code
;MAHHHHHHMSTTVIILAAGKGTRMRSQLPKVLQPLAGRPLLGHVIKTAKQLLAENIITIYGHGGDHVKKTFAQENIQWVE
QAEQLGTGHAVQMTLPVLPKDGISLILYGDVPLVRQTTLEQLIEVSNKTGIGMITLHVDNPTGYGRIVRQDGKIQAIVEH
KDATEAQRQIQEINTGIYCVSNAKLHEWLPKLSNENAQGEYYLTDIVAMAVADGLEIASIQPELAFEVEGVNDRLQLAAL
EREFQKQQAKELMQQGVTFADPARFDLRGTVKVGHDVRIDVNVIIEGNCELGDFVEIGAGCILKNTTIAAGTKVQAYSVF
DGAVVGENTQIGPFARLRPGAKLANEVHIGNFVEVKNTTIGLGSKANHFTYLGDAEIGAESNIGAGTITCNYDGANKHKT
TIGDAVFIGSNSSLVAPVTIGNGATVGAGSVITKDVAEQSLSFERAQQISKANYQRPQKLKK
;
_entity_poly.pdbx_strand_id   A,B,C
#
# COMPACT_ATOMS: atom_id res chain seq x y z
N SER A 10 -18.12 -16.59 40.22
CA SER A 10 -18.36 -15.20 39.84
C SER A 10 -17.05 -14.43 39.67
N THR A 11 -16.84 -13.89 38.47
CA THR A 11 -15.66 -13.10 38.15
C THR A 11 -16.10 -11.73 37.67
N THR A 12 -15.52 -10.68 38.25
CA THR A 12 -15.80 -9.30 37.86
C THR A 12 -14.54 -8.71 37.24
N VAL A 13 -14.72 -7.82 36.27
CA VAL A 13 -13.61 -7.16 35.60
C VAL A 13 -13.70 -5.69 35.96
N ILE A 14 -12.59 -5.10 36.40
CA ILE A 14 -12.53 -3.67 36.69
C ILE A 14 -11.58 -3.04 35.68
N ILE A 15 -12.06 -2.02 34.98
CA ILE A 15 -11.29 -1.39 33.92
C ILE A 15 -11.01 0.06 34.30
N LEU A 16 -9.72 0.40 34.39
CA LEU A 16 -9.28 1.77 34.65
C LEU A 16 -9.20 2.46 33.31
N ALA A 17 -10.12 3.40 33.08
CA ALA A 17 -10.22 4.08 31.80
C ALA A 17 -10.42 5.57 32.01
N ALA A 18 -9.76 6.15 33.01
CA ALA A 18 -9.95 7.54 33.34
C ALA A 18 -8.89 8.47 32.77
N GLY A 19 -7.77 7.93 32.31
CA GLY A 19 -6.67 8.77 31.87
C GLY A 19 -7.10 9.75 30.80
N LYS A 20 -6.57 10.97 30.90
CA LYS A 20 -6.81 11.97 29.87
C LYS A 20 -5.97 11.71 28.62
N GLY A 21 -4.81 11.05 28.77
CA GLY A 21 -3.89 10.77 27.68
C GLY A 21 -3.36 12.04 27.03
N THR A 22 -2.70 12.87 27.83
CA THR A 22 -2.34 14.21 27.39
C THR A 22 -1.44 14.17 26.17
N ARG A 23 -0.51 13.22 26.11
CA ARG A 23 0.43 13.13 25.00
CA ARG A 23 0.42 13.15 25.00
C ARG A 23 -0.23 12.67 23.71
N MET A 24 -1.49 12.22 23.75
CA MET A 24 -2.21 11.95 22.51
C MET A 24 -2.61 13.23 21.79
N ARG A 25 -2.70 14.34 22.53
CA ARG A 25 -3.13 15.62 22.00
C ARG A 25 -4.49 15.47 21.31
N SER A 26 -5.38 14.77 21.99
CA SER A 26 -6.70 14.45 21.46
C SER A 26 -7.78 15.16 22.27
N GLN A 27 -8.92 15.39 21.62
CA GLN A 27 -10.08 15.89 22.33
C GLN A 27 -10.85 14.78 23.03
N LEU A 28 -10.61 13.55 22.68
CA LEU A 28 -11.23 12.33 23.17
C LEU A 28 -10.43 11.76 24.34
N PRO A 29 -11.06 11.02 25.25
CA PRO A 29 -10.28 10.35 26.30
C PRO A 29 -9.33 9.35 25.67
N LYS A 30 -8.30 8.99 26.43
CA LYS A 30 -7.24 8.13 25.93
C LYS A 30 -7.80 6.81 25.41
N VAL A 31 -8.78 6.24 26.12
CA VAL A 31 -9.22 4.89 25.81
C VAL A 31 -10.11 4.82 24.59
N LEU A 32 -10.42 5.94 23.95
CA LEU A 32 -11.17 5.88 22.69
C LEU A 32 -10.28 6.03 21.46
N GLN A 33 -8.96 6.04 21.64
CA GLN A 33 -8.06 6.07 20.49
C GLN A 33 -8.10 4.71 19.78
N PRO A 34 -7.88 4.67 18.46
CA PRO A 34 -8.10 3.44 17.70
C PRO A 34 -6.92 2.49 17.66
N LEU A 35 -7.24 1.20 17.71
CA LEU A 35 -6.25 0.14 17.52
C LEU A 35 -6.88 -0.99 16.74
N ALA A 36 -6.31 -1.28 15.57
CA ALA A 36 -6.83 -2.25 14.62
C ALA A 36 -8.35 -2.07 14.40
N GLY A 37 -8.77 -0.82 14.26
CA GLY A 37 -10.15 -0.56 13.92
C GLY A 37 -11.10 -0.63 15.09
N ARG A 38 -10.63 -0.32 16.30
CA ARG A 38 -11.47 -0.46 17.47
C ARG A 38 -10.89 0.41 18.57
N PRO A 39 -11.71 1.10 19.37
CA PRO A 39 -11.14 1.90 20.48
C PRO A 39 -10.45 0.97 21.45
N LEU A 40 -9.42 1.51 22.13
CA LEU A 40 -8.67 0.73 23.11
C LEU A 40 -9.60 0.01 24.08
N LEU A 41 -10.50 0.76 24.70
CA LEU A 41 -11.41 0.20 25.69
C LEU A 41 -12.27 -0.91 25.10
N GLY A 42 -12.61 -0.80 23.81
CA GLY A 42 -13.40 -1.84 23.17
C GLY A 42 -12.69 -3.18 23.15
N HIS A 43 -11.37 -3.18 22.93
CA HIS A 43 -10.62 -4.43 22.97
C HIS A 43 -10.76 -5.09 24.34
N VAL A 44 -10.71 -4.30 25.41
CA VAL A 44 -10.76 -4.88 26.74
C VAL A 44 -12.20 -5.30 27.10
N ILE A 45 -13.19 -4.51 26.72
CA ILE A 45 -14.57 -4.93 26.95
C ILE A 45 -14.84 -6.24 26.23
N LYS A 46 -14.32 -6.40 25.01
CA LYS A 46 -14.50 -7.64 24.26
C LYS A 46 -13.89 -8.84 25.00
N THR A 47 -12.68 -8.68 25.52
CA THR A 47 -12.05 -9.79 26.24
C THR A 47 -12.78 -10.09 27.54
N ALA A 48 -13.28 -9.05 28.22
CA ALA A 48 -14.03 -9.24 29.45
C ALA A 48 -15.31 -10.01 29.19
N LYS A 49 -15.96 -9.75 28.06
CA LYS A 49 -17.15 -10.53 27.72
C LYS A 49 -16.79 -11.97 27.35
N GLN A 50 -15.61 -12.19 26.76
CA GLN A 50 -15.15 -13.54 26.45
C GLN A 50 -14.93 -14.36 27.72
N LEU A 51 -14.45 -13.71 28.80
CA LEU A 51 -14.28 -14.36 30.10
C LEU A 51 -15.59 -14.65 30.80
N LEU A 52 -16.72 -14.23 30.21
CA LEU A 52 -18.04 -14.41 30.78
C LEU A 52 -18.14 -13.72 32.14
N ALA A 53 -17.69 -12.46 32.17
CA ALA A 53 -17.70 -11.67 33.39
C ALA A 53 -19.12 -11.34 33.83
N GLU A 54 -19.44 -11.65 35.09
CA GLU A 54 -20.75 -11.31 35.62
C GLU A 54 -20.95 -9.79 35.65
N ASN A 55 -19.94 -9.06 36.09
CA ASN A 55 -20.00 -7.60 36.10
C ASN A 55 -18.80 -7.00 35.41
N ILE A 56 -18.99 -5.81 34.86
CA ILE A 56 -17.94 -5.00 34.29
C ILE A 56 -18.09 -3.59 34.84
N ILE A 57 -17.06 -3.13 35.55
CA ILE A 57 -17.07 -1.83 36.18
C ILE A 57 -15.98 -0.98 35.53
N THR A 58 -16.37 0.15 34.97
CA THR A 58 -15.44 1.01 34.27
C THR A 58 -15.32 2.33 35.01
N ILE A 59 -14.07 2.68 35.33
CA ILE A 59 -13.74 3.95 35.96
C ILE A 59 -13.47 4.95 34.85
N TYR A 60 -14.33 5.96 34.74
CA TYR A 60 -14.13 7.01 33.77
C TYR A 60 -13.68 8.28 34.48
N GLY A 61 -13.13 9.20 33.70
CA GLY A 61 -12.72 10.48 34.21
C GLY A 61 -13.16 11.57 33.26
N HIS A 62 -12.21 12.41 32.84
CA HIS A 62 -12.50 13.43 31.86
C HIS A 62 -13.04 12.80 30.59
N GLY A 63 -14.11 13.39 30.06
CA GLY A 63 -14.71 12.89 28.84
C GLY A 63 -15.51 11.61 28.98
N GLY A 64 -15.90 11.24 30.20
CA GLY A 64 -16.69 10.04 30.35
C GLY A 64 -18.02 10.07 29.62
N ASP A 65 -18.48 11.25 29.23
CA ASP A 65 -19.70 11.32 28.43
C ASP A 65 -19.53 10.59 27.10
N HIS A 66 -18.40 10.81 26.43
CA HIS A 66 -18.12 10.08 25.19
C HIS A 66 -18.03 8.58 25.43
N VAL A 67 -17.29 8.18 26.46
CA VAL A 67 -17.09 6.76 26.72
C VAL A 67 -18.42 6.10 27.00
N LYS A 68 -19.20 6.66 27.92
CA LYS A 68 -20.52 6.12 28.21
C LYS A 68 -21.36 6.04 26.93
N LYS A 69 -21.25 7.04 26.05
CA LYS A 69 -22.00 7.01 24.80
C LYS A 69 -21.52 5.90 23.88
N THR A 70 -20.21 5.71 23.78
CA THR A 70 -19.67 4.73 22.84
C THR A 70 -20.05 3.31 23.22
N PHE A 71 -20.07 2.99 24.50
CA PHE A 71 -20.40 1.64 24.96
C PHE A 71 -21.72 1.62 25.71
N ALA A 72 -22.69 2.39 25.21
CA ALA A 72 -23.97 2.53 25.90
C ALA A 72 -24.78 1.24 25.84
N GLN A 73 -24.67 0.48 24.76
CA GLN A 73 -25.41 -0.77 24.63
C GLN A 73 -24.64 -1.91 25.29
N GLU A 74 -23.85 -1.58 26.31
CA GLU A 74 -23.09 -2.57 27.08
C GLU A 74 -23.47 -2.44 28.53
N ASN A 75 -23.69 -3.59 29.18
CA ASN A 75 -24.10 -3.66 30.58
C ASN A 75 -22.86 -3.43 31.44
N ILE A 76 -22.53 -2.16 31.58
CA ILE A 76 -21.37 -1.71 32.31
C ILE A 76 -21.83 -0.84 33.47
N GLN A 77 -21.17 -1.00 34.62
CA GLN A 77 -21.40 -0.12 35.75
C GLN A 77 -20.33 0.96 35.70
N TRP A 78 -20.75 2.19 35.46
CA TRP A 78 -19.80 3.29 35.32
C TRP A 78 -19.54 3.90 36.69
N VAL A 79 -18.30 4.32 36.89
CA VAL A 79 -17.84 4.87 38.16
C VAL A 79 -16.93 6.02 37.82
N GLU A 80 -17.20 7.19 38.40
CA GLU A 80 -16.43 8.38 38.08
C GLU A 80 -15.19 8.52 38.97
N GLN A 81 -14.14 9.12 38.40
CA GLN A 81 -12.93 9.49 39.13
C GLN A 81 -12.67 10.97 38.79
N ALA A 82 -13.35 11.85 39.52
CA ALA A 82 -13.31 13.28 39.20
C ALA A 82 -11.90 13.84 39.32
N GLU A 83 -11.20 13.52 40.40
CA GLU A 83 -9.80 13.90 40.56
C GLU A 83 -8.91 12.68 40.35
N GLN A 84 -7.75 12.89 39.75
CA GLN A 84 -6.80 11.81 39.45
C GLN A 84 -5.74 11.79 40.55
N LEU A 85 -5.86 10.85 41.48
CA LEU A 85 -4.95 10.74 42.61
C LEU A 85 -4.38 9.32 42.77
N GLY A 86 -4.24 8.60 41.66
CA GLY A 86 -3.63 7.29 41.68
C GLY A 86 -4.56 6.19 41.22
N THR A 87 -3.98 5.05 40.81
CA THR A 87 -4.81 3.92 40.40
C THR A 87 -5.49 3.27 41.61
N GLY A 88 -4.81 3.23 42.75
CA GLY A 88 -5.46 2.71 43.94
C GLY A 88 -6.66 3.54 44.33
N HIS A 89 -6.53 4.87 44.22
CA HIS A 89 -7.67 5.74 44.45
C HIS A 89 -8.78 5.48 43.43
N ALA A 90 -8.43 5.12 42.19
CA ALA A 90 -9.44 4.79 41.20
C ALA A 90 -10.20 3.52 41.57
N VAL A 91 -9.47 2.47 41.99
CA VAL A 91 -10.13 1.23 42.36
C VAL A 91 -10.97 1.41 43.62
N GLN A 92 -10.55 2.30 44.50
CA GLN A 92 -11.35 2.59 45.68
C GLN A 92 -12.76 2.99 45.28
N MET A 93 -12.89 3.68 44.15
CA MET A 93 -14.18 4.17 43.70
C MET A 93 -15.18 3.04 43.45
N THR A 94 -14.68 1.84 43.16
CA THR A 94 -15.55 0.70 42.89
C THR A 94 -16.19 0.12 44.15
N LEU A 95 -15.74 0.51 45.34
CA LEU A 95 -16.30 -0.04 46.57
C LEU A 95 -17.83 0.05 46.70
N PRO A 96 -18.50 1.16 46.37
CA PRO A 96 -19.96 1.17 46.47
C PRO A 96 -20.65 0.14 45.60
N VAL A 97 -20.00 -0.31 44.53
CA VAL A 97 -20.61 -1.25 43.59
C VAL A 97 -19.81 -2.56 43.48
N LEU A 98 -18.79 -2.73 44.32
CA LEU A 98 -17.94 -3.92 44.29
C LEU A 98 -18.62 -5.07 45.04
N PRO A 99 -18.57 -6.28 44.52
CA PRO A 99 -19.22 -7.42 45.17
C PRO A 99 -18.46 -7.86 46.43
N LYS A 100 -19.15 -8.68 47.24
CA LYS A 100 -18.57 -9.20 48.50
C LYS A 100 -17.85 -10.53 48.31
N ASP A 101 -18.39 -11.45 47.51
CA ASP A 101 -17.74 -12.71 47.25
C ASP A 101 -17.00 -12.64 45.91
N GLY A 102 -16.54 -13.79 45.42
CA GLY A 102 -15.94 -13.86 44.12
C GLY A 102 -14.58 -13.16 44.02
N ILE A 103 -14.13 -13.04 42.78
CA ILE A 103 -12.83 -12.46 42.44
C ILE A 103 -13.06 -11.32 41.45
N SER A 104 -12.02 -10.49 41.29
CA SER A 104 -12.06 -9.39 40.33
C SER A 104 -10.74 -9.31 39.59
N LEU A 105 -10.83 -8.99 38.31
CA LEU A 105 -9.67 -8.67 37.49
C LEU A 105 -9.54 -7.16 37.41
N ILE A 106 -8.32 -6.66 37.47
CA ILE A 106 -8.06 -5.24 37.33
C ILE A 106 -7.25 -5.03 36.05
N LEU A 107 -7.90 -4.47 35.04
CA LEU A 107 -7.35 -4.26 33.72
C LEU A 107 -7.33 -2.77 33.40
N TYR A 108 -6.61 -2.41 32.34
CA TYR A 108 -6.46 -1.03 31.91
C TYR A 108 -7.07 -0.86 30.54
N GLY A 109 -7.82 0.22 30.36
CA GLY A 109 -8.41 0.50 29.06
C GLY A 109 -7.37 0.76 28.00
N ASP A 110 -6.21 1.30 28.39
CA ASP A 110 -5.12 1.56 27.49
C ASP A 110 -4.09 0.43 27.47
N VAL A 111 -4.45 -0.75 27.95
CA VAL A 111 -3.68 -1.97 27.76
C VAL A 111 -4.61 -2.96 27.09
N PRO A 112 -4.77 -2.86 25.79
CA PRO A 112 -5.95 -3.45 25.14
C PRO A 112 -5.80 -4.90 24.67
N LEU A 113 -4.57 -5.36 24.46
CA LEU A 113 -4.35 -6.61 23.74
C LEU A 113 -4.13 -7.80 24.67
N VAL A 114 -4.46 -7.69 25.96
CA VAL A 114 -4.29 -8.82 26.85
C VAL A 114 -5.26 -9.92 26.44
N ARG A 115 -4.76 -11.15 26.35
CA ARG A 115 -5.55 -12.23 25.80
C ARG A 115 -6.36 -12.93 26.89
N GLN A 116 -7.52 -13.45 26.48
CA GLN A 116 -8.36 -14.13 27.46
C GLN A 116 -7.67 -15.35 28.03
N THR A 117 -6.81 -16.02 27.23
CA THR A 117 -6.12 -17.20 27.69
C THR A 117 -5.13 -16.85 28.81
N THR A 118 -4.50 -15.68 28.69
CA THR A 118 -3.60 -15.22 29.74
C THR A 118 -4.38 -14.94 31.03
N LEU A 119 -5.50 -14.23 30.92
CA LEU A 119 -6.31 -13.88 32.09
C LEU A 119 -6.91 -15.12 32.74
N GLU A 120 -7.18 -16.17 31.95
CA GLU A 120 -7.64 -17.41 32.57
C GLU A 120 -6.54 -18.06 33.39
N GLN A 121 -5.30 -18.13 32.84
CA GLN A 121 -4.18 -18.64 33.61
C GLN A 121 -4.00 -17.86 34.90
N LEU A 122 -4.19 -16.54 34.85
CA LEU A 122 -4.08 -15.70 36.04
C LEU A 122 -5.17 -16.01 37.03
N ILE A 123 -6.37 -16.32 36.54
CA ILE A 123 -7.46 -16.63 37.46
C ILE A 123 -7.21 -17.97 38.13
N GLU A 124 -6.69 -18.95 37.37
CA GLU A 124 -6.47 -20.29 37.91
C GLU A 124 -5.40 -20.30 39.00
N VAL A 125 -4.32 -19.52 38.84
CA VAL A 125 -3.30 -19.49 39.89
C VAL A 125 -3.69 -18.55 41.03
N SER A 126 -4.54 -17.56 40.80
CA SER A 126 -4.93 -16.68 41.89
C SER A 126 -6.05 -17.25 42.74
N ASN A 127 -6.85 -18.17 42.19
CA ASN A 127 -7.84 -18.88 43.00
C ASN A 127 -7.19 -19.67 44.14
N LYS A 128 -5.91 -20.04 43.99
CA LYS A 128 -5.21 -20.79 45.02
C LYS A 128 -4.70 -19.92 46.16
N THR A 129 -4.50 -18.62 45.93
CA THR A 129 -3.95 -17.74 46.95
C THR A 129 -4.89 -16.62 47.39
N GLY A 130 -5.81 -16.18 46.52
CA GLY A 130 -6.61 -15.01 46.79
C GLY A 130 -6.10 -13.74 46.16
N ILE A 131 -4.90 -13.74 45.62
CA ILE A 131 -4.39 -12.57 44.92
C ILE A 131 -3.25 -12.97 43.99
N GLY A 132 -3.36 -12.57 42.72
CA GLY A 132 -2.29 -12.80 41.77
C GLY A 132 -2.06 -11.56 40.95
N MET A 133 -1.00 -11.61 40.17
CA MET A 133 -0.70 -10.49 39.31
C MET A 133 0.10 -11.00 38.12
N ILE A 134 0.10 -10.22 37.05
CA ILE A 134 0.84 -10.54 35.85
C ILE A 134 2.14 -9.76 35.88
N THR A 135 3.24 -10.44 35.67
CA THR A 135 4.54 -9.80 35.58
C THR A 135 5.18 -10.12 34.24
N LEU A 136 6.29 -9.46 33.97
CA LEU A 136 6.93 -9.52 32.67
C LEU A 136 8.42 -9.28 32.82
N HIS A 137 9.22 -10.08 32.11
CA HIS A 137 10.66 -9.88 32.06
C HIS A 137 11.04 -9.04 30.84
N VAL A 138 11.76 -7.96 31.08
CA VAL A 138 12.18 -7.06 30.02
C VAL A 138 13.68 -6.87 30.08
N ASP A 139 14.29 -6.72 28.90
CA ASP A 139 15.74 -6.49 28.85
C ASP A 139 16.12 -5.20 29.56
N ASN A 140 15.43 -4.12 29.24
CA ASN A 140 15.65 -2.85 29.89
C ASN A 140 14.44 -2.49 30.73
N PRO A 141 14.51 -2.57 32.06
CA PRO A 141 13.34 -2.23 32.89
C PRO A 141 13.29 -0.79 33.35
N THR A 142 14.13 0.07 32.79
CA THR A 142 14.15 1.48 33.19
C THR A 142 12.77 2.10 33.08
N GLY A 143 12.34 2.78 34.14
CA GLY A 143 11.05 3.45 34.17
C GLY A 143 9.91 2.59 34.64
N TYR A 144 10.11 1.28 34.79
CA TYR A 144 9.06 0.38 35.21
C TYR A 144 9.11 0.19 36.73
N GLY A 145 7.98 -0.26 37.28
CA GLY A 145 7.96 -0.65 38.68
C GLY A 145 8.54 -2.05 38.80
N ARG A 146 9.42 -2.24 39.79
CA ARG A 146 10.18 -3.47 39.94
C ARG A 146 9.47 -4.42 40.88
N ILE A 147 9.42 -5.71 40.51
CA ILE A 147 8.83 -6.75 41.35
C ILE A 147 9.90 -7.22 42.33
N VAL A 148 9.67 -7.00 43.61
CA VAL A 148 10.63 -7.37 44.64
C VAL A 148 10.27 -8.74 45.18
N ARG A 149 11.22 -9.67 45.16
CA ARG A 149 11.01 -11.02 45.64
C ARG A 149 12.02 -11.35 46.73
N GLN A 150 11.51 -11.89 47.82
CA GLN A 150 12.32 -12.36 48.93
C GLN A 150 12.12 -13.85 49.03
N ASP A 151 13.19 -14.63 48.82
CA ASP A 151 13.11 -16.09 48.78
C ASP A 151 12.22 -16.56 47.64
N GLY A 152 12.12 -15.76 46.57
CA GLY A 152 11.28 -16.07 45.44
C GLY A 152 9.84 -15.63 45.56
N LYS A 153 9.41 -15.08 46.69
CA LYS A 153 8.01 -14.71 46.89
C LYS A 153 7.88 -13.19 46.80
N ILE A 154 6.86 -12.73 46.05
CA ILE A 154 6.67 -11.29 45.84
C ILE A 154 6.32 -10.63 47.17
N GLN A 155 7.01 -9.53 47.45
CA GLN A 155 6.82 -8.74 48.67
C GLN A 155 6.34 -7.34 48.40
N ALA A 156 6.79 -6.71 47.32
CA ALA A 156 6.41 -5.34 47.06
C ALA A 156 6.73 -5.01 45.62
N ILE A 157 6.25 -3.85 45.19
CA ILE A 157 6.63 -3.24 43.93
C ILE A 157 7.28 -1.90 44.25
N VAL A 158 8.50 -1.70 43.75
CA VAL A 158 9.24 -0.46 44.00
C VAL A 158 9.30 0.29 42.68
N GLU A 159 8.74 1.50 42.68
CA GLU A 159 8.73 2.34 41.49
C GLU A 159 10.14 2.77 41.11
N HIS A 160 10.39 2.86 39.80
CA HIS A 160 11.73 3.20 39.31
C HIS A 160 12.25 4.46 39.95
N LYS A 161 11.36 5.44 40.19
CA LYS A 161 11.79 6.67 40.83
C LYS A 161 12.48 6.37 42.16
N ASP A 162 11.98 5.37 42.91
CA ASP A 162 12.45 5.11 44.27
C ASP A 162 13.46 3.98 44.38
N ALA A 163 13.79 3.30 43.29
CA ALA A 163 14.59 2.09 43.37
C ALA A 163 16.08 2.41 43.45
N THR A 164 16.76 1.80 44.40
CA THR A 164 18.20 1.91 44.48
C THR A 164 18.85 1.26 43.26
N GLU A 165 20.15 1.49 43.10
CA GLU A 165 20.86 0.92 41.95
C GLU A 165 20.73 -0.59 41.95
N ALA A 166 20.79 -1.21 43.13
CA ALA A 166 20.61 -2.65 43.19
C ALA A 166 19.21 -3.05 42.77
N GLN A 167 18.18 -2.34 43.24
CA GLN A 167 16.82 -2.72 42.85
C GLN A 167 16.58 -2.48 41.37
N ARG A 168 17.26 -1.50 40.77
CA ARG A 168 17.05 -1.23 39.36
C ARG A 168 17.55 -2.37 38.47
N GLN A 169 18.39 -3.25 39.02
CA GLN A 169 18.82 -4.42 38.28
C GLN A 169 17.73 -5.48 38.18
N ILE A 170 16.63 -5.33 38.92
CA ILE A 170 15.52 -6.25 38.78
C ILE A 170 14.89 -6.05 37.40
N GLN A 171 14.73 -7.13 36.66
CA GLN A 171 14.17 -7.05 35.32
C GLN A 171 12.75 -7.57 35.24
N GLU A 172 12.20 -8.00 36.37
CA GLU A 172 10.80 -8.40 36.45
C GLU A 172 10.00 -7.16 36.82
N ILE A 173 9.08 -6.77 35.95
CA ILE A 173 8.40 -5.48 36.10
C ILE A 173 6.92 -5.71 36.36
N ASN A 174 6.27 -4.66 36.82
CA ASN A 174 4.85 -4.69 37.13
C ASN A 174 4.03 -4.31 35.90
N THR A 175 2.94 -5.04 35.67
CA THR A 175 2.01 -4.71 34.59
C THR A 175 0.78 -3.99 35.08
N GLY A 176 0.55 -3.96 36.39
CA GLY A 176 -0.64 -3.37 36.95
C GLY A 176 -1.86 -4.27 36.92
N ILE A 177 -1.73 -5.50 36.42
CA ILE A 177 -2.86 -6.40 36.23
C ILE A 177 -2.92 -7.36 37.41
N TYR A 178 -3.96 -7.22 38.22
CA TYR A 178 -4.16 -8.05 39.39
C TYR A 178 -5.47 -8.83 39.27
N CYS A 179 -5.50 -9.95 39.98
CA CYS A 179 -6.71 -10.74 40.19
C CYS A 179 -6.82 -10.92 41.70
N VAL A 180 -7.81 -10.28 42.31
CA VAL A 180 -7.93 -10.23 43.77
C VAL A 180 -9.33 -10.66 44.21
N SER A 181 -9.40 -11.35 45.36
CA SER A 181 -10.71 -11.63 45.93
C SER A 181 -11.34 -10.32 46.37
N ASN A 182 -12.63 -10.17 46.08
CA ASN A 182 -13.33 -8.94 46.43
C ASN A 182 -13.42 -8.74 47.93
N ALA A 183 -13.55 -9.81 48.70
CA ALA A 183 -13.61 -9.66 50.14
C ALA A 183 -12.33 -9.00 50.66
N LYS A 184 -11.18 -9.46 50.21
CA LYS A 184 -9.93 -8.84 50.64
C LYS A 184 -9.77 -7.45 50.04
N LEU A 185 -10.36 -7.20 48.86
CA LEU A 185 -10.36 -5.83 48.32
C LEU A 185 -11.22 -4.90 49.16
N HIS A 186 -12.39 -5.37 49.61
CA HIS A 186 -13.22 -4.54 50.48
C HIS A 186 -12.54 -4.24 51.80
N GLU A 187 -11.63 -5.12 52.25
CA GLU A 187 -10.91 -4.85 53.50
C GLU A 187 -9.72 -3.93 53.26
N TRP A 188 -9.05 -4.07 52.12
CA TRP A 188 -7.82 -3.33 51.86
C TRP A 188 -8.05 -1.95 51.29
N LEU A 189 -9.07 -1.79 50.44
CA LEU A 189 -9.23 -0.54 49.69
C LEU A 189 -9.48 0.68 50.59
N PRO A 190 -10.31 0.64 51.63
CA PRO A 190 -10.46 1.85 52.45
C PRO A 190 -9.21 2.21 53.24
N LYS A 191 -8.39 1.21 53.61
CA LYS A 191 -7.17 1.44 54.38
C LYS A 191 -5.94 1.70 53.49
N LEU A 192 -6.13 2.28 52.31
CA LEU A 192 -5.01 2.66 51.46
C LEU A 192 -4.47 4.01 51.89
N SER A 193 -3.14 4.15 51.83
CA SER A 193 -2.44 5.32 52.35
C SER A 193 -1.82 6.14 51.23
N ASN A 194 -1.93 7.46 51.35
CA ASN A 194 -1.29 8.38 50.42
C ASN A 194 -0.16 9.15 51.08
N GLU A 195 0.29 8.71 52.26
CA GLU A 195 1.36 9.38 52.99
C GLU A 195 2.72 9.07 52.34
N ASN A 196 2.83 9.49 51.08
CA ASN A 196 4.08 9.38 50.33
C ASN A 196 4.39 10.70 49.66
N ALA A 197 5.34 10.68 48.70
CA ALA A 197 5.77 11.92 48.06
C ALA A 197 4.66 12.46 47.16
N GLN A 198 4.26 11.68 46.15
CA GLN A 198 3.29 12.14 45.17
C GLN A 198 1.92 12.46 45.77
N GLY A 199 1.65 12.05 47.01
CA GLY A 199 0.33 12.26 47.59
C GLY A 199 -0.75 11.39 47.02
N GLU A 200 -0.39 10.37 46.26
CA GLU A 200 -1.32 9.49 45.56
C GLU A 200 -1.52 8.20 46.35
N TYR A 201 -2.65 7.54 46.09
CA TYR A 201 -2.94 6.22 46.64
C TYR A 201 -2.45 5.18 45.64
N TYR A 202 -1.35 4.51 45.96
CA TYR A 202 -0.78 3.52 45.05
C TYR A 202 -1.53 2.21 45.16
N LEU A 203 -1.91 1.66 44.01
CA LEU A 203 -2.56 0.35 43.98
C LEU A 203 -1.62 -0.76 44.44
N THR A 204 -0.31 -0.60 44.20
CA THR A 204 0.68 -1.59 44.61
C THR A 204 0.69 -1.84 46.11
N ASP A 205 0.17 -0.90 46.91
CA ASP A 205 0.06 -1.08 48.36
C ASP A 205 -0.73 -2.32 48.77
N ILE A 206 -1.60 -2.83 47.90
CA ILE A 206 -2.34 -4.04 48.25
C ILE A 206 -1.44 -5.26 48.26
N VAL A 207 -0.32 -5.21 47.55
CA VAL A 207 0.70 -6.26 47.64
C VAL A 207 1.33 -6.23 49.03
N ALA A 208 1.70 -5.05 49.51
CA ALA A 208 2.20 -4.90 50.87
C ALA A 208 1.16 -5.33 51.90
N MET A 209 -0.11 -5.01 51.66
CA MET A 209 -1.15 -5.44 52.59
C MET A 209 -1.40 -6.93 52.54
N ALA A 210 -1.26 -7.53 51.36
CA ALA A 210 -1.52 -8.96 51.24
C ALA A 210 -0.43 -9.76 51.93
N VAL A 211 0.84 -9.35 51.75
CA VAL A 211 1.90 -10.06 52.44
C VAL A 211 1.76 -9.87 53.95
N ALA A 212 1.25 -8.72 54.39
CA ALA A 212 1.07 -8.46 55.82
C ALA A 212 0.02 -9.37 56.43
N ASP A 213 -0.97 -9.79 55.63
CA ASP A 213 -2.01 -10.70 56.06
C ASP A 213 -1.58 -12.17 55.97
N GLY A 214 -0.34 -12.43 55.57
CA GLY A 214 0.14 -13.77 55.41
C GLY A 214 -0.19 -14.44 54.09
N LEU A 215 -0.59 -13.67 53.07
CA LEU A 215 -0.94 -14.26 51.79
C LEU A 215 0.27 -14.29 50.87
N GLU A 216 0.33 -15.31 50.03
CA GLU A 216 1.33 -15.44 48.98
C GLU A 216 0.76 -14.91 47.67
N ILE A 217 1.55 -14.12 46.95
CA ILE A 217 1.10 -13.46 45.72
C ILE A 217 1.49 -14.32 44.54
N ALA A 218 0.50 -14.87 43.85
CA ALA A 218 0.76 -15.66 42.66
C ALA A 218 1.08 -14.74 41.49
N SER A 219 1.71 -15.32 40.47
CA SER A 219 2.13 -14.55 39.32
C SER A 219 2.16 -15.43 38.08
N ILE A 220 1.96 -14.79 36.92
CA ILE A 220 2.14 -15.43 35.63
C ILE A 220 2.75 -14.40 34.69
N GLN A 221 3.29 -14.88 33.58
CA GLN A 221 3.79 -14.01 32.52
C GLN A 221 2.99 -14.22 31.23
N PRO A 222 2.80 -13.17 30.43
CA PRO A 222 1.99 -13.30 29.22
C PRO A 222 2.77 -14.06 28.17
N GLU A 223 2.04 -14.72 27.26
CA GLU A 223 2.74 -15.41 26.18
C GLU A 223 3.41 -14.43 25.24
N LEU A 224 2.85 -13.23 25.10
CA LEU A 224 3.43 -12.19 24.25
C LEU A 224 3.52 -10.88 25.03
N ALA A 225 4.66 -10.22 24.93
CA ALA A 225 4.87 -9.02 25.74
C ALA A 225 3.87 -7.92 25.42
N PHE A 226 3.46 -7.79 24.15
CA PHE A 226 2.58 -6.66 23.88
C PHE A 226 1.19 -6.85 24.49
N GLU A 227 0.88 -8.04 25.00
CA GLU A 227 -0.39 -8.24 25.69
C GLU A 227 -0.56 -7.27 26.85
N VAL A 228 0.53 -6.89 27.51
CA VAL A 228 0.48 -6.09 28.73
C VAL A 228 1.04 -4.69 28.52
N GLU A 229 1.13 -4.26 27.27
CA GLU A 229 1.73 -2.98 26.91
C GLU A 229 0.67 -1.89 26.83
N GLY A 230 0.90 -0.79 27.52
CA GLY A 230 0.08 0.38 27.43
C GLY A 230 0.65 1.39 26.45
N VAL A 231 -0.16 2.41 26.16
CA VAL A 231 0.22 3.44 25.22
C VAL A 231 -0.15 4.80 25.79
N ASN A 232 0.72 5.79 25.54
CA ASN A 232 0.53 7.16 26.02
C ASN A 232 0.51 8.22 24.93
N ASP A 233 1.03 7.93 23.74
CA ASP A 233 1.06 8.89 22.65
C ASP A 233 0.89 8.13 21.34
N ARG A 234 0.96 8.87 20.22
CA ARG A 234 0.69 8.26 18.92
C ARG A 234 1.83 7.35 18.48
N LEU A 235 3.05 7.66 18.89
CA LEU A 235 4.19 6.80 18.58
C LEU A 235 4.00 5.42 19.18
N GLN A 236 3.63 5.38 20.46
CA GLN A 236 3.43 4.12 21.13
C GLN A 236 2.23 3.40 20.55
N LEU A 237 1.21 4.18 20.18
CA LEU A 237 0.05 3.61 19.53
C LEU A 237 0.41 2.92 18.23
N ALA A 238 1.21 3.59 17.39
CA ALA A 238 1.60 3.00 16.11
C ALA A 238 2.50 1.79 16.31
N ALA A 239 3.38 1.84 17.30
CA ALA A 239 4.31 0.72 17.52
C ALA A 239 3.55 -0.52 18.01
N LEU A 240 2.54 -0.31 18.86
CA LEU A 240 1.74 -1.45 19.29
C LEU A 240 0.89 -1.99 18.13
N GLU A 241 0.33 -1.09 17.30
CA GLU A 241 -0.44 -1.51 16.13
C GLU A 241 0.40 -2.42 15.23
N ARG A 242 1.65 -2.00 14.98
CA ARG A 242 2.53 -2.80 14.13
C ARG A 242 2.91 -4.12 14.80
N GLU A 243 3.10 -4.12 16.12
CA GLU A 243 3.38 -5.36 16.83
C GLU A 243 2.22 -6.33 16.71
N PHE A 244 1.00 -5.80 16.86
CA PHE A 244 -0.21 -6.61 16.76
C PHE A 244 -0.39 -7.16 15.35
N GLN A 245 -0.24 -6.31 14.33
CA GLN A 245 -0.43 -6.76 12.96
C GLN A 245 0.61 -7.81 12.60
N LYS A 246 1.88 -7.57 12.96
CA LYS A 246 2.93 -8.54 12.70
C LYS A 246 2.58 -9.89 13.29
N GLN A 247 2.11 -9.88 14.54
CA GLN A 247 1.71 -11.12 15.18
C GLN A 247 0.51 -11.75 14.47
N GLN A 248 -0.42 -10.91 14.00
CA GLN A 248 -1.61 -11.44 13.32
C GLN A 248 -1.24 -12.10 11.99
N ALA A 249 -0.36 -11.47 11.21
CA ALA A 249 0.10 -12.09 9.97
C ALA A 249 0.86 -13.38 10.25
N LYS A 250 1.67 -13.39 11.32
CA LYS A 250 2.40 -14.60 11.66
C LYS A 250 1.46 -15.77 11.97
N GLU A 251 0.40 -15.52 12.75
CA GLU A 251 -0.51 -16.61 13.07
C GLU A 251 -1.25 -17.11 11.82
N LEU A 252 -1.62 -16.19 10.92
CA LEU A 252 -2.26 -16.62 9.69
C LEU A 252 -1.32 -17.46 8.82
N MET A 253 -0.05 -17.07 8.76
CA MET A 253 0.92 -17.88 8.03
C MET A 253 1.11 -19.26 8.68
N GLN A 254 1.12 -19.31 10.01
CA GLN A 254 1.18 -20.62 10.67
C GLN A 254 -0.04 -21.47 10.31
N GLN A 255 -1.19 -20.83 10.03
CA GLN A 255 -2.34 -21.59 9.54
C GLN A 255 -2.20 -21.99 8.08
N GLY A 256 -1.29 -21.38 7.32
CA GLY A 256 -1.06 -21.77 5.93
C GLY A 256 -1.35 -20.67 4.93
N VAL A 257 -1.69 -19.47 5.36
CA VAL A 257 -1.95 -18.40 4.42
C VAL A 257 -0.64 -17.94 3.81
N THR A 258 -0.70 -17.55 2.52
CA THR A 258 0.44 -16.97 1.81
C THR A 258 0.31 -15.46 1.78
N PHE A 259 1.39 -14.75 2.10
CA PHE A 259 1.44 -13.29 2.00
C PHE A 259 2.56 -12.86 1.08
N ALA A 260 2.25 -12.01 0.12
CA ALA A 260 3.32 -11.42 -0.69
C ALA A 260 4.28 -10.57 0.18
N ASP A 261 3.75 -9.90 1.19
CA ASP A 261 4.53 -9.18 2.18
C ASP A 261 3.70 -9.10 3.44
N PRO A 262 4.04 -9.88 4.48
CA PRO A 262 3.23 -9.87 5.71
C PRO A 262 3.35 -8.58 6.49
N ALA A 263 4.33 -7.74 6.17
CA ALA A 263 4.43 -6.42 6.79
C ALA A 263 3.55 -5.41 6.11
N ARG A 264 2.90 -5.78 5.00
CA ARG A 264 1.98 -4.90 4.31
C ARG A 264 0.61 -5.55 4.32
N PHE A 265 0.08 -5.73 5.53
CA PHE A 265 -1.15 -6.45 5.76
C PHE A 265 -1.81 -5.89 7.01
N ASP A 266 -3.13 -5.80 7.00
CA ASP A 266 -3.84 -5.30 8.17
C ASP A 266 -5.11 -6.11 8.40
N LEU A 267 -5.20 -6.69 9.58
CA LEU A 267 -6.41 -7.35 10.05
C LEU A 267 -6.97 -6.50 11.18
N ARG A 268 -8.20 -6.03 10.99
CA ARG A 268 -8.92 -5.20 11.96
C ARG A 268 -10.26 -5.87 12.29
N GLY A 269 -10.20 -7.03 12.94
CA GLY A 269 -11.37 -7.83 13.25
C GLY A 269 -10.98 -9.29 13.25
N THR A 270 -11.75 -10.15 12.60
CA THR A 270 -11.45 -11.57 12.54
C THR A 270 -11.57 -12.03 11.10
N VAL A 271 -10.81 -13.06 10.74
CA VAL A 271 -10.94 -13.66 9.42
C VAL A 271 -10.78 -15.16 9.56
N LYS A 272 -11.69 -15.89 8.96
CA LYS A 272 -11.61 -17.34 8.89
C LYS A 272 -11.10 -17.69 7.50
N VAL A 273 -10.10 -18.59 7.43
CA VAL A 273 -9.43 -18.87 6.18
C VAL A 273 -9.36 -20.36 5.93
N GLY A 274 -9.42 -20.74 4.66
CA GLY A 274 -9.18 -22.11 4.23
C GLY A 274 -7.73 -22.33 3.86
N HIS A 275 -7.48 -23.44 3.16
CA HIS A 275 -6.12 -23.73 2.73
C HIS A 275 -5.83 -23.05 1.39
N ASP A 276 -4.54 -22.80 1.15
CA ASP A 276 -4.02 -22.22 -0.10
C ASP A 276 -4.62 -20.85 -0.41
N VAL A 277 -4.95 -20.09 0.62
CA VAL A 277 -5.37 -18.71 0.44
C VAL A 277 -4.14 -17.85 0.17
N ARG A 278 -4.24 -16.95 -0.80
CA ARG A 278 -3.12 -16.11 -1.20
C ARG A 278 -3.53 -14.66 -1.05
N ILE A 279 -2.74 -13.89 -0.31
CA ILE A 279 -3.06 -12.51 -0.01
C ILE A 279 -1.91 -11.62 -0.45
N ASP A 280 -2.17 -10.73 -1.40
CA ASP A 280 -1.16 -9.84 -1.95
C ASP A 280 -0.97 -8.63 -1.02
N VAL A 281 -0.12 -7.70 -1.47
CA VAL A 281 0.37 -6.62 -0.60
C VAL A 281 -0.73 -5.60 -0.29
N ASN A 282 -0.64 -5.00 0.91
CA ASN A 282 -1.50 -3.89 1.33
C ASN A 282 -2.97 -4.26 1.33
N VAL A 283 -3.27 -5.51 1.65
CA VAL A 283 -4.66 -5.93 1.86
C VAL A 283 -5.06 -5.55 3.28
N ILE A 284 -6.28 -5.08 3.44
CA ILE A 284 -6.87 -4.74 4.74
C ILE A 284 -8.13 -5.57 4.93
N ILE A 285 -8.31 -6.14 6.12
CA ILE A 285 -9.47 -6.97 6.43
C ILE A 285 -10.15 -6.44 7.68
N GLU A 286 -11.44 -6.07 7.55
CA GLU A 286 -12.15 -5.44 8.65
C GLU A 286 -13.42 -6.22 9.00
N GLY A 287 -13.84 -6.09 10.27
CA GLY A 287 -15.00 -6.81 10.75
C GLY A 287 -14.72 -8.31 10.76
N ASN A 288 -15.72 -9.10 10.40
CA ASN A 288 -15.59 -10.55 10.35
C ASN A 288 -15.70 -10.99 8.91
N CYS A 289 -14.63 -11.59 8.39
CA CYS A 289 -14.57 -12.04 7.00
C CYS A 289 -14.27 -13.54 6.96
N GLU A 290 -14.46 -14.10 5.76
CA GLU A 290 -14.17 -15.50 5.47
C GLU A 290 -13.63 -15.59 4.05
N LEU A 291 -12.57 -16.36 3.90
CA LEU A 291 -11.94 -16.62 2.62
C LEU A 291 -11.86 -18.13 2.47
N GLY A 292 -12.50 -18.66 1.43
CA GLY A 292 -12.48 -20.07 1.19
C GLY A 292 -11.18 -20.55 0.58
N ASP A 293 -11.13 -21.86 0.35
CA ASP A 293 -9.96 -22.51 -0.21
C ASP A 293 -9.60 -21.92 -1.56
N PHE A 294 -8.30 -21.69 -1.76
CA PHE A 294 -7.75 -21.21 -3.03
C PHE A 294 -8.22 -19.80 -3.40
N VAL A 295 -8.76 -19.03 -2.46
CA VAL A 295 -9.13 -17.65 -2.75
C VAL A 295 -7.87 -16.82 -2.89
N GLU A 296 -7.85 -15.96 -3.91
CA GLU A 296 -6.71 -15.10 -4.15
C GLU A 296 -7.16 -13.65 -4.02
N ILE A 297 -6.51 -12.91 -3.13
CA ILE A 297 -6.86 -11.51 -2.89
C ILE A 297 -5.74 -10.66 -3.47
N GLY A 298 -6.08 -9.81 -4.43
CA GLY A 298 -5.10 -8.99 -5.11
C GLY A 298 -4.66 -7.78 -4.32
N ALA A 299 -3.68 -7.07 -4.88
CA ALA A 299 -3.05 -5.97 -4.18
C ALA A 299 -4.06 -4.90 -3.78
N GLY A 300 -3.91 -4.41 -2.56
CA GLY A 300 -4.67 -3.26 -2.11
C GLY A 300 -6.13 -3.48 -1.86
N CYS A 301 -6.62 -4.72 -1.98
CA CYS A 301 -8.03 -4.99 -1.72
C CYS A 301 -8.36 -4.74 -0.25
N ILE A 302 -9.59 -4.30 -0.02
CA ILE A 302 -10.08 -3.99 1.32
C ILE A 302 -11.39 -4.72 1.48
N LEU A 303 -11.47 -5.59 2.47
CA LEU A 303 -12.66 -6.39 2.69
C LEU A 303 -13.21 -6.10 4.07
N LYS A 304 -14.51 -5.82 4.15
CA LYS A 304 -15.15 -5.57 5.43
C LYS A 304 -16.44 -6.37 5.51
N ASN A 305 -16.54 -7.22 6.53
CA ASN A 305 -17.74 -8.02 6.80
C ASN A 305 -18.23 -8.78 5.57
N THR A 306 -17.29 -9.46 4.92
CA THR A 306 -17.51 -10.09 3.62
C THR A 306 -17.09 -11.55 3.67
N THR A 307 -17.85 -12.42 3.03
CA THR A 307 -17.40 -13.80 2.83
C THR A 307 -17.13 -14.05 1.35
N ILE A 308 -16.04 -14.74 1.05
CA ILE A 308 -15.61 -15.02 -0.31
C ILE A 308 -15.33 -16.51 -0.40
N ALA A 309 -16.12 -17.21 -1.22
CA ALA A 309 -16.07 -18.65 -1.26
C ALA A 309 -14.97 -19.17 -2.20
N ALA A 310 -14.76 -20.48 -2.13
CA ALA A 310 -13.59 -21.14 -2.69
C ALA A 310 -13.40 -20.85 -4.17
N GLY A 311 -12.13 -20.67 -4.56
CA GLY A 311 -11.74 -20.49 -5.95
C GLY A 311 -11.88 -19.08 -6.48
N THR A 312 -12.52 -18.17 -5.74
CA THR A 312 -12.71 -16.83 -6.27
C THR A 312 -11.37 -16.11 -6.40
N LYS A 313 -11.20 -15.37 -7.49
CA LYS A 313 -10.00 -14.57 -7.71
C LYS A 313 -10.41 -13.11 -7.75
N VAL A 314 -9.94 -12.35 -6.75
CA VAL A 314 -10.23 -10.93 -6.62
C VAL A 314 -9.00 -10.15 -7.11
N GLN A 315 -9.16 -9.43 -8.21
CA GLN A 315 -8.08 -8.60 -8.68
C GLN A 315 -7.95 -7.33 -7.85
N ALA A 316 -6.87 -6.59 -8.11
CA ALA A 316 -6.39 -5.51 -7.26
C ALA A 316 -7.42 -4.40 -7.08
N TYR A 317 -7.36 -3.73 -5.93
CA TYR A 317 -8.12 -2.52 -5.67
C TYR A 317 -9.62 -2.77 -5.77
N SER A 318 -10.04 -3.91 -5.23
CA SER A 318 -11.46 -4.19 -5.08
C SER A 318 -11.83 -3.97 -3.63
N VAL A 319 -12.95 -3.28 -3.38
CA VAL A 319 -13.38 -3.01 -2.01
C VAL A 319 -14.76 -3.64 -1.81
N PHE A 320 -14.91 -4.35 -0.70
CA PHE A 320 -16.10 -5.10 -0.35
C PHE A 320 -16.54 -4.67 1.03
N ASP A 321 -17.84 -4.45 1.19
CA ASP A 321 -18.42 -4.21 2.50
C ASP A 321 -19.75 -4.95 2.55
N GLY A 322 -19.86 -5.91 3.46
CA GLY A 322 -21.09 -6.66 3.63
C GLY A 322 -21.46 -7.47 2.40
N ALA A 323 -20.45 -8.01 1.70
CA ALA A 323 -20.66 -8.77 0.48
C ALA A 323 -20.68 -10.26 0.80
N VAL A 324 -21.41 -11.01 -0.01
CA VAL A 324 -21.40 -12.47 -0.01
C VAL A 324 -21.04 -12.89 -1.42
N VAL A 325 -19.91 -13.55 -1.58
CA VAL A 325 -19.39 -13.90 -2.90
C VAL A 325 -19.21 -15.40 -2.96
N GLY A 326 -19.73 -16.01 -4.02
CA GLY A 326 -19.67 -17.45 -4.18
C GLY A 326 -18.33 -17.96 -4.67
N GLU A 327 -18.37 -19.16 -5.23
CA GLU A 327 -17.17 -19.87 -5.64
C GLU A 327 -16.81 -19.56 -7.08
N ASN A 328 -15.51 -19.51 -7.34
CA ASN A 328 -14.98 -19.35 -8.70
C ASN A 328 -15.54 -18.11 -9.39
N THR A 329 -15.76 -17.05 -8.61
CA THR A 329 -16.10 -15.79 -9.23
C THR A 329 -14.81 -15.04 -9.54
N GLN A 330 -14.92 -14.06 -10.44
CA GLN A 330 -13.81 -13.21 -10.82
C GLN A 330 -14.21 -11.77 -10.58
N ILE A 331 -13.47 -11.09 -9.72
CA ILE A 331 -13.89 -9.76 -9.29
C ILE A 331 -12.75 -8.75 -9.48
N GLY A 332 -13.07 -7.62 -10.10
CA GLY A 332 -12.16 -6.51 -10.21
C GLY A 332 -11.32 -6.60 -11.46
N PRO A 333 -10.30 -5.73 -11.59
CA PRO A 333 -9.89 -4.74 -10.57
C PRO A 333 -10.86 -3.55 -10.44
N PHE A 334 -10.72 -2.76 -9.37
CA PHE A 334 -11.53 -1.56 -9.16
C PHE A 334 -13.03 -1.89 -9.06
N ALA A 335 -13.34 -3.02 -8.47
CA ALA A 335 -14.71 -3.34 -8.13
C ALA A 335 -15.03 -2.83 -6.72
N ARG A 336 -16.27 -2.41 -6.54
CA ARG A 336 -16.77 -1.85 -5.27
C ARG A 336 -18.05 -2.59 -4.89
N LEU A 337 -17.99 -3.49 -3.90
CA LEU A 337 -19.18 -4.21 -3.44
C LEU A 337 -19.66 -3.65 -2.11
N ARG A 338 -20.94 -3.30 -2.05
CA ARG A 338 -21.56 -2.67 -0.90
C ARG A 338 -22.55 -3.61 -0.23
N PRO A 339 -23.04 -3.27 0.95
CA PRO A 339 -23.86 -4.23 1.70
C PRO A 339 -25.06 -4.73 0.91
N GLY A 340 -25.32 -6.03 1.04
CA GLY A 340 -26.35 -6.70 0.28
C GLY A 340 -25.90 -7.24 -1.05
N ALA A 341 -24.71 -6.90 -1.51
CA ALA A 341 -24.20 -7.49 -2.76
C ALA A 341 -23.98 -8.98 -2.55
N LYS A 342 -24.68 -9.80 -3.35
CA LYS A 342 -24.59 -11.25 -3.30
C LYS A 342 -24.29 -11.75 -4.71
N LEU A 343 -23.15 -12.40 -4.88
CA LEU A 343 -22.76 -12.97 -6.17
C LEU A 343 -22.82 -14.49 -6.10
N ALA A 344 -23.53 -15.09 -7.05
CA ALA A 344 -23.55 -16.55 -7.19
C ALA A 344 -22.19 -17.04 -7.69
N ASN A 345 -22.05 -18.36 -7.77
CA ASN A 345 -20.86 -18.95 -8.37
C ASN A 345 -20.68 -18.46 -9.81
N GLU A 346 -19.42 -18.41 -10.24
CA GLU A 346 -19.02 -18.16 -11.63
C GLU A 346 -19.28 -16.72 -12.10
N VAL A 347 -19.79 -15.83 -11.25
CA VAL A 347 -20.06 -14.45 -11.63
C VAL A 347 -18.76 -13.72 -11.91
N HIS A 348 -18.77 -12.82 -12.90
CA HIS A 348 -17.65 -11.94 -13.21
C HIS A 348 -18.07 -10.50 -12.97
N ILE A 349 -17.29 -9.79 -12.15
CA ILE A 349 -17.46 -8.36 -11.93
C ILE A 349 -16.15 -7.70 -12.36
N GLY A 350 -16.23 -6.75 -13.29
CA GLY A 350 -15.07 -6.10 -13.86
C GLY A 350 -14.72 -4.78 -13.19
N ASN A 351 -14.12 -3.88 -13.97
CA ASN A 351 -13.59 -2.65 -13.40
C ASN A 351 -14.64 -1.54 -13.34
N PHE A 352 -14.52 -0.73 -12.29
CA PHE A 352 -15.36 0.46 -12.08
C PHE A 352 -16.82 0.08 -12.00
N VAL A 353 -17.08 -1.03 -11.32
CA VAL A 353 -18.41 -1.57 -11.15
C VAL A 353 -18.82 -1.37 -9.70
N GLU A 354 -20.04 -0.90 -9.49
CA GLU A 354 -20.57 -0.73 -8.14
C GLU A 354 -21.83 -1.57 -7.99
N VAL A 355 -21.81 -2.52 -7.06
CA VAL A 355 -22.95 -3.37 -6.75
C VAL A 355 -23.41 -3.05 -5.34
N LYS A 356 -24.66 -2.61 -5.18
CA LYS A 356 -25.23 -2.29 -3.88
C LYS A 356 -26.59 -2.97 -3.74
N ASN A 357 -26.75 -3.77 -2.68
CA ASN A 357 -28.01 -4.47 -2.36
C ASN A 357 -28.60 -5.14 -3.61
N THR A 358 -27.78 -5.96 -4.24
CA THR A 358 -28.11 -6.61 -5.51
C THR A 358 -27.64 -8.04 -5.46
N THR A 359 -28.51 -8.96 -5.86
CA THR A 359 -28.16 -10.36 -6.04
C THR A 359 -27.95 -10.63 -7.52
N ILE A 360 -26.89 -11.37 -7.84
CA ILE A 360 -26.50 -11.64 -9.21
C ILE A 360 -26.35 -13.15 -9.35
N GLY A 361 -27.13 -13.74 -10.25
CA GLY A 361 -27.18 -15.19 -10.37
C GLY A 361 -26.00 -15.79 -11.12
N LEU A 362 -26.10 -17.12 -11.26
CA LEU A 362 -25.00 -17.97 -11.67
C LEU A 362 -24.47 -17.59 -13.05
N GLY A 363 -23.16 -17.36 -13.13
CA GLY A 363 -22.48 -17.08 -14.38
C GLY A 363 -22.77 -15.73 -15.02
N SER A 364 -23.45 -14.83 -14.31
CA SER A 364 -23.77 -13.56 -14.94
C SER A 364 -22.55 -12.64 -14.94
N LYS A 365 -22.54 -11.68 -15.86
CA LYS A 365 -21.37 -10.86 -16.13
C LYS A 365 -21.70 -9.37 -16.11
N ALA A 366 -20.88 -8.59 -15.42
CA ALA A 366 -20.86 -7.12 -15.51
C ALA A 366 -19.37 -6.74 -15.53
N ASN A 367 -18.79 -6.76 -16.73
CA ASN A 367 -17.36 -6.58 -16.90
C ASN A 367 -16.92 -5.12 -16.94
N HIS A 368 -17.85 -4.18 -17.14
CA HIS A 368 -17.48 -2.79 -17.40
C HIS A 368 -18.24 -1.84 -16.49
N PHE A 369 -17.88 -0.56 -16.57
CA PHE A 369 -18.38 0.41 -15.62
C PHE A 369 -19.91 0.41 -15.65
N THR A 370 -20.52 0.30 -14.46
CA THR A 370 -21.95 0.10 -14.32
C THR A 370 -22.29 0.37 -12.86
N TYR A 371 -23.54 0.74 -12.61
CA TYR A 371 -24.08 0.82 -11.26
C TYR A 371 -25.28 -0.10 -11.15
N LEU A 372 -25.17 -1.13 -10.32
CA LEU A 372 -26.29 -2.03 -10.08
C LEU A 372 -26.77 -1.86 -8.65
N GLY A 373 -27.90 -1.16 -8.47
CA GLY A 373 -28.42 -0.94 -7.15
C GLY A 373 -29.83 -1.42 -6.94
N ASP A 374 -30.06 -2.12 -5.83
CA ASP A 374 -31.39 -2.63 -5.47
C ASP A 374 -31.98 -3.49 -6.59
N ALA A 375 -31.18 -4.46 -7.05
CA ALA A 375 -31.51 -5.24 -8.24
C ALA A 375 -31.46 -6.73 -7.93
N GLU A 376 -32.26 -7.50 -8.65
CA GLU A 376 -32.21 -8.95 -8.65
C GLU A 376 -31.90 -9.39 -10.07
N ILE A 377 -30.76 -10.05 -10.27
CA ILE A 377 -30.28 -10.44 -11.59
C ILE A 377 -30.11 -11.95 -11.65
N GLY A 378 -30.67 -12.57 -12.70
CA GLY A 378 -30.65 -14.00 -12.86
C GLY A 378 -29.32 -14.57 -13.33
N ALA A 379 -29.41 -15.73 -13.97
CA ALA A 379 -28.23 -16.51 -14.36
C ALA A 379 -27.92 -16.30 -15.85
N GLU A 380 -26.64 -16.33 -16.17
CA GLU A 380 -26.17 -16.26 -17.57
C GLU A 380 -26.65 -14.99 -18.26
N SER A 381 -26.72 -13.90 -17.52
CA SER A 381 -27.12 -12.61 -18.03
C SER A 381 -25.90 -11.70 -18.16
N ASN A 382 -26.02 -10.70 -19.02
CA ASN A 382 -24.91 -9.81 -19.34
C ASN A 382 -25.31 -8.35 -19.18
N ILE A 383 -24.54 -7.59 -18.42
CA ILE A 383 -24.78 -6.18 -18.16
C ILE A 383 -23.78 -5.35 -18.95
N GLY A 384 -24.26 -4.55 -19.87
CA GLY A 384 -23.36 -3.77 -20.68
C GLY A 384 -22.77 -2.58 -19.95
N ALA A 385 -21.64 -2.10 -20.47
CA ALA A 385 -21.02 -0.87 -19.98
C ALA A 385 -22.03 0.27 -19.98
N GLY A 386 -21.97 1.10 -18.95
CA GLY A 386 -22.86 2.24 -18.85
C GLY A 386 -24.29 1.94 -18.42
N THR A 387 -24.58 0.70 -18.06
CA THR A 387 -25.90 0.33 -17.56
C THR A 387 -26.09 0.89 -16.15
N ILE A 388 -27.29 1.38 -15.88
CA ILE A 388 -27.62 1.95 -14.58
C ILE A 388 -29.02 1.49 -14.17
N THR A 389 -29.14 0.96 -12.96
CA THR A 389 -30.44 0.86 -12.32
C THR A 389 -30.75 2.21 -11.72
N CYS A 390 -31.78 2.88 -12.25
CA CYS A 390 -32.28 4.13 -11.69
C CYS A 390 -33.21 3.72 -10.57
N ASN A 391 -32.62 3.56 -9.39
CA ASN A 391 -33.29 2.96 -8.26
C ASN A 391 -33.90 3.98 -7.30
N TYR A 392 -33.67 5.27 -7.50
CA TYR A 392 -34.02 6.27 -6.50
C TYR A 392 -34.82 7.39 -7.17
N ASP A 393 -36.06 7.59 -6.71
CA ASP A 393 -36.91 8.63 -7.27
C ASP A 393 -36.81 9.93 -6.47
N GLY A 394 -35.81 10.05 -5.60
CA GLY A 394 -35.69 11.17 -4.71
C GLY A 394 -36.26 10.93 -3.33
N ALA A 395 -37.15 9.94 -3.17
CA ALA A 395 -37.73 9.70 -1.85
C ALA A 395 -37.63 8.23 -1.48
N ASN A 396 -38.05 7.34 -2.36
CA ASN A 396 -38.05 5.92 -2.10
C ASN A 396 -37.17 5.22 -3.11
N LYS A 397 -36.71 4.03 -2.74
CA LYS A 397 -35.94 3.20 -3.65
C LYS A 397 -36.84 2.10 -4.21
N HIS A 398 -36.55 1.69 -5.44
CA HIS A 398 -37.37 0.71 -6.13
C HIS A 398 -36.49 -0.35 -6.76
N LYS A 399 -37.04 -1.54 -6.90
CA LYS A 399 -36.28 -2.72 -7.28
C LYS A 399 -36.29 -2.89 -8.78
N THR A 400 -35.15 -3.30 -9.33
CA THR A 400 -35.03 -3.68 -10.72
C THR A 400 -34.87 -5.20 -10.80
N THR A 401 -35.65 -5.85 -11.67
CA THR A 401 -35.67 -7.29 -11.79
C THR A 401 -35.24 -7.70 -13.20
N ILE A 402 -34.16 -8.47 -13.29
CA ILE A 402 -33.61 -8.94 -14.55
C ILE A 402 -33.56 -10.45 -14.53
N GLY A 403 -34.08 -11.10 -15.57
CA GLY A 403 -34.21 -12.54 -15.61
C GLY A 403 -32.92 -13.26 -16.01
N ASP A 404 -33.09 -14.52 -16.42
CA ASP A 404 -31.98 -15.33 -16.91
C ASP A 404 -31.71 -15.03 -18.38
N ALA A 405 -30.43 -15.07 -18.75
CA ALA A 405 -29.99 -14.92 -20.14
C ALA A 405 -30.54 -13.63 -20.77
N VAL A 406 -30.56 -12.57 -19.98
CA VAL A 406 -30.94 -11.24 -20.45
C VAL A 406 -29.68 -10.55 -20.95
N PHE A 407 -29.79 -9.80 -22.03
CA PHE A 407 -28.69 -9.02 -22.56
C PHE A 407 -29.08 -7.55 -22.41
N ILE A 408 -28.39 -6.82 -21.54
CA ILE A 408 -28.63 -5.39 -21.37
C ILE A 408 -27.59 -4.63 -22.17
N GLY A 409 -27.99 -4.06 -23.31
CA GLY A 409 -27.08 -3.30 -24.13
C GLY A 409 -26.57 -2.05 -23.42
N SER A 410 -25.49 -1.50 -23.97
CA SER A 410 -24.70 -0.48 -23.28
C SER A 410 -25.48 0.82 -23.09
N ASN A 411 -25.09 1.56 -22.05
CA ASN A 411 -25.67 2.88 -21.73
C ASN A 411 -27.20 2.82 -21.58
N SER A 412 -27.71 1.72 -21.05
CA SER A 412 -29.14 1.60 -20.80
C SER A 412 -29.47 2.09 -19.40
N SER A 413 -30.59 2.80 -19.30
CA SER A 413 -31.09 3.27 -18.01
C SER A 413 -32.36 2.49 -17.71
N LEU A 414 -32.32 1.68 -16.66
CA LEU A 414 -33.46 0.88 -16.23
C LEU A 414 -34.15 1.62 -15.09
N VAL A 415 -35.34 2.16 -15.35
CA VAL A 415 -36.04 2.97 -14.36
C VAL A 415 -36.91 2.03 -13.51
N ALA A 416 -36.49 1.80 -12.27
CA ALA A 416 -37.21 0.93 -11.36
C ALA A 416 -38.51 1.59 -10.88
N PRO A 417 -39.51 0.79 -10.47
CA PRO A 417 -39.51 -0.68 -10.48
C PRO A 417 -39.84 -1.21 -11.87
N VAL A 418 -39.01 -2.11 -12.36
CA VAL A 418 -39.22 -2.68 -13.69
C VAL A 418 -38.68 -4.10 -13.70
N THR A 419 -39.29 -4.94 -14.52
CA THR A 419 -38.91 -6.33 -14.70
C THR A 419 -38.49 -6.50 -16.14
N ILE A 420 -37.38 -7.21 -16.36
CA ILE A 420 -36.91 -7.56 -17.70
C ILE A 420 -36.86 -9.08 -17.78
N GLY A 421 -37.76 -9.66 -18.58
CA GLY A 421 -37.98 -11.09 -18.56
C GLY A 421 -36.87 -11.91 -19.18
N ASN A 422 -36.94 -13.22 -18.93
CA ASN A 422 -35.89 -14.14 -19.35
C ASN A 422 -35.64 -14.02 -20.85
N GLY A 423 -34.38 -14.14 -21.26
CA GLY A 423 -34.04 -14.13 -22.66
C GLY A 423 -34.26 -12.82 -23.38
N ALA A 424 -34.65 -11.76 -22.68
CA ALA A 424 -34.93 -10.49 -23.33
C ALA A 424 -33.63 -9.81 -23.73
N THR A 425 -33.74 -8.89 -24.69
CA THR A 425 -32.60 -8.11 -25.16
C THR A 425 -32.98 -6.64 -25.14
N VAL A 426 -32.09 -5.81 -24.61
CA VAL A 426 -32.33 -4.37 -24.52
C VAL A 426 -31.26 -3.65 -25.36
N GLY A 427 -31.71 -2.82 -26.29
CA GLY A 427 -30.79 -2.12 -27.16
C GLY A 427 -29.94 -1.09 -26.43
N ALA A 428 -28.81 -0.77 -27.04
CA ALA A 428 -27.90 0.20 -26.45
C ALA A 428 -28.57 1.56 -26.30
N GLY A 429 -28.22 2.28 -25.25
CA GLY A 429 -28.76 3.60 -25.07
C GLY A 429 -30.23 3.67 -24.73
N SER A 430 -30.86 2.56 -24.33
CA SER A 430 -32.29 2.57 -24.03
C SER A 430 -32.58 3.14 -22.65
N VAL A 431 -33.73 3.79 -22.52
CA VAL A 431 -34.33 4.08 -21.22
C VAL A 431 -35.54 3.15 -21.08
N ILE A 432 -35.49 2.23 -20.11
CA ILE A 432 -36.58 1.26 -19.91
C ILE A 432 -37.40 1.69 -18.71
N THR A 433 -38.69 1.93 -18.95
CA THR A 433 -39.65 2.23 -17.90
C THR A 433 -40.80 1.23 -17.84
N LYS A 434 -41.07 0.49 -18.92
CA LYS A 434 -42.11 -0.53 -18.91
C LYS A 434 -41.46 -1.92 -18.87
N ASP A 435 -42.17 -2.87 -18.25
CA ASP A 435 -41.67 -4.25 -18.18
C ASP A 435 -41.39 -4.79 -19.57
N VAL A 436 -40.28 -5.49 -19.72
CA VAL A 436 -39.91 -6.09 -21.00
C VAL A 436 -40.25 -7.56 -20.96
N ALA A 437 -40.98 -8.03 -21.97
CA ALA A 437 -41.50 -9.39 -21.94
C ALA A 437 -40.37 -10.39 -22.15
N GLU A 438 -40.61 -11.62 -21.66
CA GLU A 438 -39.71 -12.73 -21.88
C GLU A 438 -39.45 -12.91 -23.38
N GLN A 439 -38.18 -13.10 -23.74
CA GLN A 439 -37.71 -13.30 -25.12
C GLN A 439 -37.89 -12.07 -25.99
N SER A 440 -38.18 -10.91 -25.41
CA SER A 440 -38.49 -9.74 -26.21
C SER A 440 -37.29 -8.80 -26.34
N LEU A 441 -37.28 -8.06 -27.45
CA LEU A 441 -36.30 -7.02 -27.71
C LEU A 441 -36.92 -5.63 -27.50
N SER A 442 -36.26 -4.79 -26.72
CA SER A 442 -36.66 -3.39 -26.57
C SER A 442 -35.46 -2.50 -26.88
N PHE A 443 -35.65 -1.54 -27.79
CA PHE A 443 -34.57 -0.69 -28.24
C PHE A 443 -35.10 0.71 -28.51
N GLU A 444 -34.20 1.69 -28.49
CA GLU A 444 -34.58 3.09 -28.70
C GLU A 444 -34.60 3.40 -30.20
N ARG A 445 -35.69 4.02 -30.64
CA ARG A 445 -35.86 4.36 -32.06
C ARG A 445 -34.77 5.32 -32.50
N ALA A 446 -34.07 4.96 -33.57
CA ALA A 446 -32.97 5.79 -34.06
C ALA A 446 -33.44 7.21 -34.34
N GLN A 447 -32.62 8.17 -33.94
CA GLN A 447 -32.95 9.58 -34.09
C GLN A 447 -31.71 10.39 -34.47
N GLN A 448 -30.79 9.78 -35.20
CA GLN A 448 -29.56 10.46 -35.61
C GLN A 448 -29.77 11.30 -36.86
N ILE A 449 -29.39 12.57 -36.77
CA ILE A 449 -29.44 13.51 -37.88
C ILE A 449 -28.01 13.71 -38.35
N SER A 450 -27.80 13.64 -39.66
CA SER A 450 -26.50 13.82 -40.27
C SER A 450 -26.50 15.15 -41.03
N LYS A 451 -25.47 15.96 -40.81
CA LYS A 451 -25.22 17.17 -41.58
C LYS A 451 -23.81 17.11 -42.15
N ALA A 452 -23.70 17.29 -43.46
CA ALA A 452 -22.40 17.14 -44.13
C ALA A 452 -21.52 18.37 -43.90
N ASN A 453 -20.22 18.13 -43.93
CA ASN A 453 -19.19 19.18 -43.88
C ASN A 453 -19.39 20.14 -42.70
N TYR A 454 -19.39 19.57 -41.50
CA TYR A 454 -19.56 20.39 -40.30
C TYR A 454 -18.21 20.82 -39.78
N GLN A 455 -18.06 22.11 -39.52
CA GLN A 455 -16.83 22.67 -38.98
C GLN A 455 -17.04 22.93 -37.49
N ARG A 456 -16.18 22.35 -36.65
CA ARG A 456 -16.24 22.51 -35.22
C ARG A 456 -15.71 23.89 -34.81
N PRO A 457 -16.12 24.39 -33.64
CA PRO A 457 -15.67 25.72 -33.21
C PRO A 457 -14.15 25.85 -33.19
N GLN A 458 -13.68 27.07 -33.46
CA GLN A 458 -12.24 27.35 -33.52
C GLN A 458 -11.80 28.42 -32.50
N THR B 11 25.31 -31.41 -20.35
CA THR B 11 24.85 -31.06 -19.01
C THR B 11 23.40 -31.45 -18.78
N THR B 12 23.15 -32.24 -17.74
CA THR B 12 21.80 -32.57 -17.31
C THR B 12 21.57 -32.08 -15.89
N VAL B 13 20.36 -31.64 -15.60
CA VAL B 13 20.01 -31.12 -14.29
C VAL B 13 19.02 -32.08 -13.63
N ILE B 14 19.30 -32.42 -12.38
CA ILE B 14 18.43 -33.30 -11.60
C ILE B 14 17.82 -32.46 -10.49
N ILE B 15 16.50 -32.42 -10.44
CA ILE B 15 15.78 -31.60 -9.47
C ILE B 15 15.00 -32.50 -8.54
N LEU B 16 15.25 -32.35 -7.25
CA LEU B 16 14.53 -33.08 -6.21
C LEU B 16 13.27 -32.29 -5.87
N ALA B 17 12.10 -32.82 -6.23
CA ALA B 17 10.84 -32.13 -6.07
C ALA B 17 9.78 -33.07 -5.51
N ALA B 18 10.15 -33.89 -4.53
CA ALA B 18 9.21 -34.85 -3.96
C ALA B 18 8.63 -34.41 -2.62
N GLY B 19 9.21 -33.41 -1.97
CA GLY B 19 8.79 -33.05 -0.62
C GLY B 19 7.32 -32.71 -0.55
N LYS B 20 6.65 -33.20 0.51
CA LYS B 20 5.25 -32.88 0.72
C LYS B 20 5.04 -31.48 1.30
N GLY B 21 6.01 -30.97 2.04
CA GLY B 21 5.91 -29.65 2.66
C GLY B 21 4.68 -29.49 3.53
N THR B 22 4.52 -30.37 4.53
CA THR B 22 3.28 -30.38 5.29
C THR B 22 3.11 -29.10 6.11
N ARG B 23 4.21 -28.43 6.46
CA ARG B 23 4.09 -27.17 7.21
C ARG B 23 3.48 -26.07 6.38
N MET B 24 3.49 -26.20 5.04
CA MET B 24 2.75 -25.25 4.21
C MET B 24 1.25 -25.33 4.48
N ARG B 25 0.77 -26.48 4.97
CA ARG B 25 -0.64 -26.73 5.21
C ARG B 25 -1.42 -26.46 3.91
N SER B 26 -0.88 -27.00 2.83
CA SER B 26 -1.37 -26.81 1.47
C SER B 26 -1.85 -28.14 0.89
N GLN B 27 -2.74 -28.01 -0.10
CA GLN B 27 -3.22 -29.17 -0.84
C GLN B 27 -2.31 -29.51 -2.01
N LEU B 28 -1.44 -28.60 -2.41
CA LEU B 28 -0.49 -28.78 -3.49
C LEU B 28 0.88 -29.20 -2.96
N PRO B 29 1.67 -29.92 -3.75
CA PRO B 29 3.02 -30.27 -3.28
C PRO B 29 3.85 -29.02 -3.09
N LYS B 30 4.89 -29.17 -2.27
CA LYS B 30 5.68 -28.02 -1.82
C LYS B 30 6.18 -27.18 -2.99
N VAL B 31 6.65 -27.82 -4.07
CA VAL B 31 7.35 -27.11 -5.14
C VAL B 31 6.41 -26.33 -6.04
N LEU B 32 5.11 -26.35 -5.78
CA LEU B 32 4.17 -25.52 -6.52
C LEU B 32 3.75 -24.27 -5.75
N GLN B 33 4.33 -24.03 -4.58
CA GLN B 33 4.01 -22.83 -3.85
C GLN B 33 4.62 -21.62 -4.55
N PRO B 34 4.01 -20.44 -4.43
CA PRO B 34 4.42 -19.29 -5.24
C PRO B 34 5.56 -18.52 -4.63
N LEU B 35 6.43 -18.02 -5.50
CA LEU B 35 7.48 -17.09 -5.11
C LEU B 35 7.68 -16.11 -6.25
N ALA B 36 7.47 -14.81 -6.00
CA ALA B 36 7.58 -13.77 -7.05
C ALA B 36 6.83 -14.16 -8.33
N GLY B 37 5.63 -14.70 -8.18
CA GLY B 37 4.74 -14.93 -9.30
C GLY B 37 4.94 -16.19 -10.12
N ARG B 38 5.62 -17.21 -9.59
CA ARG B 38 5.81 -18.46 -10.30
C ARG B 38 6.13 -19.55 -9.28
N PRO B 39 5.72 -20.79 -9.54
CA PRO B 39 6.00 -21.88 -8.59
C PRO B 39 7.49 -22.03 -8.37
N LEU B 40 7.84 -22.52 -7.17
CA LEU B 40 9.23 -22.76 -6.81
C LEU B 40 9.96 -23.54 -7.89
N LEU B 41 9.40 -24.68 -8.31
CA LEU B 41 10.04 -25.52 -9.32
C LEU B 41 10.24 -24.76 -10.63
N GLY B 42 9.34 -23.85 -10.98
CA GLY B 42 9.49 -23.08 -12.20
C GLY B 42 10.75 -22.21 -12.20
N HIS B 43 11.11 -21.65 -11.04
CA HIS B 43 12.36 -20.91 -10.94
C HIS B 43 13.54 -21.80 -11.28
N VAL B 44 13.49 -23.05 -10.83
CA VAL B 44 14.63 -23.93 -11.05
C VAL B 44 14.66 -24.41 -12.50
N ILE B 45 13.50 -24.79 -13.05
CA ILE B 45 13.41 -25.16 -14.46
C ILE B 45 13.87 -24.01 -15.35
N LYS B 46 13.48 -22.79 -15.00
CA LYS B 46 13.95 -21.63 -15.76
C LYS B 46 15.47 -21.54 -15.72
N THR B 47 16.04 -21.71 -14.52
CA THR B 47 17.50 -21.66 -14.39
C THR B 47 18.16 -22.83 -15.11
N ALA B 48 17.53 -24.00 -15.11
CA ALA B 48 18.09 -25.15 -15.82
C ALA B 48 18.12 -24.89 -17.33
N LYS B 49 17.10 -24.21 -17.85
CA LYS B 49 17.06 -23.85 -19.26
C LYS B 49 18.10 -22.79 -19.60
N GLN B 50 18.36 -21.85 -18.68
CA GLN B 50 19.40 -20.85 -18.90
C GLN B 50 20.76 -21.51 -19.03
N LEU B 51 21.00 -22.58 -18.25
CA LEU B 51 22.23 -23.35 -18.30
C LEU B 51 22.35 -24.25 -19.52
N LEU B 52 21.32 -24.30 -20.38
CA LEU B 52 21.32 -25.12 -21.59
C LEU B 52 21.48 -26.60 -21.26
N ALA B 53 20.66 -27.08 -20.32
CA ALA B 53 20.70 -28.48 -19.92
C ALA B 53 20.25 -29.38 -21.06
N GLU B 54 21.06 -30.38 -21.40
CA GLU B 54 20.68 -31.32 -22.44
C GLU B 54 19.41 -32.08 -22.06
N ASN B 55 19.36 -32.59 -20.84
CA ASN B 55 18.18 -33.26 -20.30
C ASN B 55 17.87 -32.65 -18.95
N ILE B 56 16.61 -32.69 -18.56
CA ILE B 56 16.18 -32.25 -17.24
C ILE B 56 15.35 -33.36 -16.64
N ILE B 57 15.80 -33.90 -15.52
CA ILE B 57 15.12 -35.00 -14.84
C ILE B 57 14.66 -34.49 -13.48
N THR B 58 13.36 -34.61 -13.21
CA THR B 58 12.77 -34.16 -11.96
C THR B 58 12.19 -35.34 -11.20
N ILE B 59 12.59 -35.47 -9.94
CA ILE B 59 12.04 -36.49 -9.06
C ILE B 59 10.79 -35.92 -8.40
N TYR B 60 9.64 -36.53 -8.68
CA TYR B 60 8.40 -36.09 -8.08
C TYR B 60 7.95 -37.07 -7.01
N GLY B 61 7.06 -36.59 -6.14
CA GLY B 61 6.48 -37.40 -5.08
C GLY B 61 4.99 -37.21 -4.94
N HIS B 62 4.54 -36.88 -3.73
CA HIS B 62 3.13 -36.64 -3.50
C HIS B 62 2.64 -35.53 -4.42
N GLY B 63 1.49 -35.75 -5.05
CA GLY B 63 0.90 -34.74 -5.91
C GLY B 63 1.60 -34.55 -7.23
N GLY B 64 2.41 -35.51 -7.68
CA GLY B 64 3.12 -35.39 -8.94
C GLY B 64 2.23 -35.20 -10.16
N ASP B 65 0.95 -35.54 -10.05
CA ASP B 65 0.03 -35.28 -11.15
C ASP B 65 -0.09 -33.78 -11.44
N HIS B 66 -0.24 -32.97 -10.39
CA HIS B 66 -0.30 -31.53 -10.57
C HIS B 66 1.00 -31.00 -11.16
N VAL B 67 2.14 -31.47 -10.64
CA VAL B 67 3.43 -30.95 -11.08
C VAL B 67 3.66 -31.25 -12.56
N LYS B 68 3.49 -32.51 -12.97
CA LYS B 68 3.64 -32.84 -14.39
C LYS B 68 2.68 -32.02 -15.25
N LYS B 69 1.45 -31.84 -14.79
CA LYS B 69 0.47 -31.08 -15.55
C LYS B 69 0.90 -29.62 -15.68
N THR B 70 1.45 -29.05 -14.60
CA THR B 70 1.84 -27.65 -14.60
C THR B 70 2.96 -27.37 -15.59
N PHE B 71 3.91 -28.29 -15.71
CA PHE B 71 5.03 -28.11 -16.63
C PHE B 71 4.92 -29.09 -17.79
N ALA B 72 3.74 -29.19 -18.39
CA ALA B 72 3.52 -30.16 -19.46
C ALA B 72 4.28 -29.81 -20.73
N GLN B 73 4.39 -28.51 -21.05
CA GLN B 73 5.09 -28.07 -22.25
C GLN B 73 6.58 -27.92 -22.04
N GLU B 74 7.17 -28.71 -21.14
CA GLU B 74 8.61 -28.70 -20.89
C GLU B 74 9.12 -30.12 -21.08
N ASN B 75 10.20 -30.27 -21.85
CA ASN B 75 10.75 -31.60 -22.14
C ASN B 75 11.62 -32.05 -20.97
N ILE B 76 10.96 -32.53 -19.92
CA ILE B 76 11.62 -33.02 -18.71
C ILE B 76 11.28 -34.49 -18.54
N GLN B 77 12.26 -35.27 -18.09
CA GLN B 77 12.07 -36.69 -17.80
C GLN B 77 11.70 -36.84 -16.32
N TRP B 78 10.48 -37.27 -16.05
CA TRP B 78 9.95 -37.38 -14.69
C TRP B 78 10.25 -38.75 -14.09
N VAL B 79 10.43 -38.76 -12.76
CA VAL B 79 10.76 -39.97 -12.01
C VAL B 79 10.01 -39.94 -10.69
N GLU B 80 9.32 -41.03 -10.36
CA GLU B 80 8.51 -41.13 -9.14
C GLU B 80 9.32 -41.62 -7.95
N GLN B 81 8.91 -41.18 -6.76
CA GLN B 81 9.52 -41.60 -5.49
C GLN B 81 8.46 -42.14 -4.53
N GLY B 86 15.28 -41.38 2.00
CA GLY B 86 16.39 -40.46 2.19
C GLY B 86 16.64 -39.62 0.94
N THR B 87 17.40 -38.53 1.09
CA THR B 87 17.75 -37.72 -0.07
C THR B 87 18.77 -38.43 -0.95
N GLY B 88 19.70 -39.16 -0.34
CA GLY B 88 20.62 -39.98 -1.12
C GLY B 88 19.91 -41.08 -1.87
N HIS B 89 18.93 -41.73 -1.23
CA HIS B 89 18.11 -42.73 -1.92
C HIS B 89 17.34 -42.12 -3.08
N ALA B 90 16.94 -40.85 -2.96
CA ALA B 90 16.17 -40.21 -4.03
C ALA B 90 16.97 -40.13 -5.33
N VAL B 91 18.23 -39.70 -5.25
CA VAL B 91 19.03 -39.62 -6.47
C VAL B 91 19.34 -41.02 -7.01
N GLN B 92 19.46 -42.02 -6.13
CA GLN B 92 19.70 -43.38 -6.60
C GLN B 92 18.61 -43.85 -7.55
N MET B 93 17.37 -43.43 -7.30
CA MET B 93 16.25 -43.82 -8.16
C MET B 93 16.41 -43.29 -9.59
N THR B 94 17.19 -42.23 -9.77
CA THR B 94 17.46 -41.65 -11.09
C THR B 94 18.44 -42.47 -11.92
N LEU B 95 19.13 -43.45 -11.31
CA LEU B 95 20.12 -44.25 -12.03
C LEU B 95 19.65 -44.82 -13.37
N PRO B 96 18.42 -45.33 -13.52
CA PRO B 96 17.97 -45.77 -14.85
C PRO B 96 17.93 -44.67 -15.90
N VAL B 97 18.14 -43.39 -15.54
CA VAL B 97 17.88 -42.27 -16.42
C VAL B 97 19.11 -41.44 -16.74
N LEU B 98 20.22 -41.62 -16.02
CA LEU B 98 21.46 -40.89 -16.33
C LEU B 98 22.43 -41.78 -17.13
N GLY B 102 29.12 -37.33 -19.12
CA GLY B 102 28.87 -35.92 -18.86
C GLY B 102 28.75 -35.61 -17.38
N ILE B 103 28.24 -34.42 -17.05
CA ILE B 103 28.07 -34.01 -15.67
C ILE B 103 26.60 -33.78 -15.38
N SER B 104 26.27 -33.77 -14.08
CA SER B 104 24.93 -33.51 -13.62
C SER B 104 24.98 -32.58 -12.42
N LEU B 105 24.01 -31.68 -12.35
CA LEU B 105 23.80 -30.84 -11.19
C LEU B 105 22.69 -31.45 -10.35
N ILE B 106 22.83 -31.37 -9.04
CA ILE B 106 21.82 -31.86 -8.12
C ILE B 106 21.23 -30.66 -7.39
N LEU B 107 20.01 -30.31 -7.75
CA LEU B 107 19.32 -29.15 -7.20
C LEU B 107 18.06 -29.58 -6.49
N TYR B 108 17.49 -28.66 -5.74
CA TYR B 108 16.26 -28.90 -5.00
C TYR B 108 15.17 -28.02 -5.58
N GLY B 109 13.99 -28.61 -5.78
CA GLY B 109 12.86 -27.84 -6.28
C GLY B 109 12.43 -26.76 -5.31
N ASP B 110 12.66 -26.95 -4.02
CA ASP B 110 12.29 -25.95 -3.03
C ASP B 110 13.43 -25.02 -2.68
N VAL B 111 14.48 -24.96 -3.50
CA VAL B 111 15.52 -23.96 -3.32
C VAL B 111 15.61 -23.21 -4.63
N PRO B 112 14.74 -22.24 -4.86
CA PRO B 112 14.47 -21.80 -6.23
C PRO B 112 15.38 -20.69 -6.72
N LEU B 113 16.00 -19.93 -5.82
CA LEU B 113 16.63 -18.69 -6.22
C LEU B 113 18.12 -18.83 -6.53
N VAL B 114 18.62 -20.05 -6.73
CA VAL B 114 20.03 -20.21 -7.05
C VAL B 114 20.29 -19.68 -8.46
N ARG B 115 21.36 -18.90 -8.61
CA ARG B 115 21.61 -18.19 -9.86
C ARG B 115 22.42 -19.03 -10.83
N GLN B 116 22.20 -18.78 -12.13
CA GLN B 116 22.94 -19.49 -13.17
C GLN B 116 24.43 -19.17 -13.14
N THR B 117 24.81 -17.95 -12.74
CA THR B 117 26.23 -17.62 -12.65
C THR B 117 26.91 -18.42 -11.55
N THR B 118 26.20 -18.67 -10.45
CA THR B 118 26.74 -19.52 -9.39
C THR B 118 26.92 -20.96 -9.90
N LEU B 119 25.89 -21.49 -10.58
CA LEU B 119 25.98 -22.87 -11.08
C LEU B 119 27.05 -23.03 -12.14
N GLU B 120 27.28 -21.99 -12.95
CA GLU B 120 28.40 -22.01 -13.89
C GLU B 120 29.73 -22.00 -13.16
N GLN B 121 29.85 -21.12 -12.17
CA GLN B 121 31.05 -21.05 -11.32
C GLN B 121 31.34 -22.42 -10.68
N LEU B 122 30.29 -23.13 -10.27
CA LEU B 122 30.45 -24.46 -9.69
C LEU B 122 30.93 -25.46 -10.73
N ILE B 123 30.45 -25.33 -11.96
CA ILE B 123 30.84 -26.26 -13.01
C ILE B 123 32.31 -26.07 -13.37
N GLU B 124 32.81 -24.83 -13.33
CA GLU B 124 34.20 -24.59 -13.68
C GLU B 124 35.16 -25.28 -12.72
N VAL B 125 34.87 -25.22 -11.42
CA VAL B 125 35.74 -25.87 -10.44
C VAL B 125 35.45 -27.36 -10.31
N SER B 126 34.25 -27.80 -10.69
CA SER B 126 33.90 -29.21 -10.58
C SER B 126 34.45 -30.03 -11.74
N ASN B 127 34.51 -29.42 -12.94
CA ASN B 127 35.02 -30.13 -14.10
C ASN B 127 36.49 -30.52 -13.92
N LYS B 128 37.23 -29.73 -13.15
CA LYS B 128 38.64 -30.04 -12.92
C LYS B 128 38.83 -31.27 -12.05
N THR B 129 37.84 -31.63 -11.23
CA THR B 129 37.95 -32.74 -10.28
C THR B 129 37.02 -33.90 -10.59
N GLY B 130 35.84 -33.62 -11.14
CA GLY B 130 34.79 -34.60 -11.29
C GLY B 130 33.74 -34.52 -10.21
N ILE B 131 33.98 -33.79 -9.13
CA ILE B 131 32.98 -33.60 -8.09
C ILE B 131 33.25 -32.29 -7.36
N GLY B 132 32.22 -31.44 -7.29
CA GLY B 132 32.27 -30.21 -6.55
C GLY B 132 30.98 -30.03 -5.79
N MET B 133 30.93 -29.00 -4.96
CA MET B 133 29.73 -28.74 -4.18
C MET B 133 29.70 -27.26 -3.77
N ILE B 134 28.51 -26.78 -3.45
CA ILE B 134 28.33 -25.42 -2.95
C ILE B 134 28.21 -25.48 -1.42
N THR B 135 29.01 -24.66 -0.75
CA THR B 135 28.98 -24.56 0.71
C THR B 135 28.72 -23.11 1.12
N LEU B 136 28.48 -22.91 2.41
CA LEU B 136 28.04 -21.60 2.90
C LEU B 136 28.46 -21.40 4.35
N HIS B 137 28.87 -20.17 4.68
CA HIS B 137 29.17 -19.79 6.05
C HIS B 137 27.95 -19.13 6.69
N VAL B 138 27.55 -19.65 7.84
CA VAL B 138 26.41 -19.13 8.60
C VAL B 138 26.85 -18.87 10.03
N ASP B 139 26.31 -17.81 10.64
CA ASP B 139 26.62 -17.51 12.03
C ASP B 139 26.20 -18.66 12.96
N ASN B 140 24.98 -19.17 12.76
CA ASN B 140 24.47 -20.29 13.54
C ASN B 140 24.35 -21.53 12.65
N PRO B 141 25.21 -22.52 12.79
CA PRO B 141 25.14 -23.71 11.92
C PRO B 141 24.32 -24.86 12.49
N THR B 142 23.52 -24.62 13.53
CA THR B 142 22.74 -25.68 14.15
C THR B 142 21.77 -26.32 13.15
N GLY B 143 21.79 -27.66 13.12
CA GLY B 143 20.91 -28.43 12.27
C GLY B 143 21.43 -28.69 10.88
N TYR B 144 22.49 -28.02 10.48
CA TYR B 144 23.06 -28.19 9.15
C TYR B 144 24.20 -29.22 9.17
N GLY B 145 24.49 -29.74 7.98
CA GLY B 145 25.61 -30.65 7.84
C GLY B 145 26.93 -29.89 7.80
N ARG B 146 27.93 -30.42 8.49
CA ARG B 146 29.19 -29.70 8.66
C ARG B 146 30.19 -30.10 7.58
N ILE B 147 30.86 -29.09 7.02
CA ILE B 147 31.92 -29.29 6.05
C ILE B 147 33.23 -29.47 6.83
N VAL B 148 33.74 -30.69 6.87
CA VAL B 148 34.98 -30.99 7.58
C VAL B 148 36.13 -30.91 6.60
N ARG B 149 37.08 -29.99 6.84
CA ARG B 149 38.26 -29.81 5.99
C ARG B 149 39.52 -29.99 6.82
N GLN B 150 40.37 -30.92 6.40
CA GLN B 150 41.70 -31.11 6.99
C GLN B 150 42.72 -30.47 6.04
N ASP B 151 43.33 -29.38 6.48
CA ASP B 151 44.32 -28.64 5.70
C ASP B 151 43.72 -28.03 4.43
N GLY B 152 42.43 -27.68 4.46
CA GLY B 152 41.78 -26.99 3.38
C GLY B 152 41.03 -27.86 2.39
N LYS B 153 41.24 -29.16 2.42
CA LYS B 153 40.57 -30.09 1.51
C LYS B 153 39.38 -30.72 2.22
N ILE B 154 38.24 -30.76 1.53
CA ILE B 154 37.05 -31.36 2.09
C ILE B 154 37.28 -32.86 2.26
N GLN B 155 36.92 -33.39 3.41
CA GLN B 155 37.10 -34.81 3.72
C GLN B 155 35.79 -35.57 3.80
N ALA B 156 34.76 -34.96 4.36
CA ALA B 156 33.44 -35.57 4.50
C ALA B 156 32.45 -34.47 4.88
N ILE B 157 31.18 -34.84 4.91
CA ILE B 157 30.11 -34.01 5.46
C ILE B 157 29.46 -34.80 6.59
N VAL B 158 29.41 -34.22 7.78
CA VAL B 158 28.82 -34.86 8.93
C VAL B 158 27.53 -34.13 9.27
N GLU B 159 26.42 -34.87 9.22
CA GLU B 159 25.12 -34.30 9.54
C GLU B 159 25.10 -33.94 11.02
N HIS B 160 24.38 -32.86 11.35
CA HIS B 160 24.37 -32.33 12.70
C HIS B 160 24.04 -33.42 13.73
N LYS B 161 23.13 -34.33 13.39
CA LYS B 161 22.78 -35.43 14.30
C LYS B 161 23.99 -36.26 14.67
N ASP B 162 24.88 -36.51 13.70
CA ASP B 162 26.00 -37.43 13.85
C ASP B 162 27.31 -36.71 14.13
N ALA B 163 27.28 -35.38 14.31
CA ALA B 163 28.49 -34.57 14.44
C ALA B 163 28.99 -34.59 15.88
N THR B 164 30.30 -34.81 16.05
CA THR B 164 30.90 -34.74 17.38
C THR B 164 30.80 -33.33 17.94
N GLU B 165 31.00 -33.19 19.26
CA GLU B 165 30.86 -31.88 19.89
C GLU B 165 31.84 -30.88 19.30
N ALA B 166 33.07 -31.33 19.01
CA ALA B 166 34.06 -30.47 18.39
C ALA B 166 33.61 -30.04 16.99
N GLN B 167 33.01 -30.99 16.25
CA GLN B 167 32.56 -30.71 14.89
C GLN B 167 31.40 -29.73 14.84
N ARG B 168 30.60 -29.63 15.91
CA ARG B 168 29.47 -28.71 15.91
C ARG B 168 29.93 -27.26 15.82
N GLN B 169 31.20 -26.99 16.08
CA GLN B 169 31.75 -25.64 15.97
C GLN B 169 32.01 -25.21 14.53
N ILE B 170 31.90 -26.12 13.56
CA ILE B 170 32.08 -25.73 12.16
C ILE B 170 30.90 -24.86 11.69
N GLN B 171 31.23 -23.75 11.05
CA GLN B 171 30.25 -22.82 10.52
C GLN B 171 30.14 -22.86 9.00
N GLU B 172 30.92 -23.69 8.31
CA GLU B 172 30.75 -23.93 6.89
C GLU B 172 29.87 -25.17 6.72
N ILE B 173 28.70 -25.01 6.11
CA ILE B 173 27.68 -26.03 6.07
C ILE B 173 27.41 -26.50 4.63
N ASN B 174 26.69 -27.61 4.53
CA ASN B 174 26.34 -28.19 3.24
C ASN B 174 25.02 -27.62 2.73
N THR B 175 24.96 -27.32 1.43
CA THR B 175 23.76 -26.81 0.80
C THR B 175 22.99 -27.87 0.02
N GLY B 176 23.59 -29.03 -0.23
CA GLY B 176 22.96 -30.06 -1.02
C GLY B 176 23.11 -29.91 -2.51
N ILE B 177 23.83 -28.89 -2.97
CA ILE B 177 23.99 -28.62 -4.40
C ILE B 177 25.34 -29.18 -4.82
N TYR B 178 25.32 -30.24 -5.62
CA TYR B 178 26.52 -30.89 -6.11
C TYR B 178 26.57 -30.83 -7.62
N CYS B 179 27.78 -30.92 -8.15
CA CYS B 179 28.03 -31.09 -9.58
C CYS B 179 28.93 -32.30 -9.70
N VAL B 180 28.42 -33.39 -10.23
CA VAL B 180 29.17 -34.64 -10.26
C VAL B 180 29.19 -35.20 -11.67
N SER B 181 30.29 -35.88 -12.01
CA SER B 181 30.40 -36.54 -13.30
C SER B 181 29.38 -37.67 -13.41
N ASN B 182 28.75 -37.76 -14.59
CA ASN B 182 27.79 -38.84 -14.82
C ASN B 182 28.50 -40.19 -14.76
N ALA B 183 29.75 -40.24 -15.24
CA ALA B 183 30.51 -41.47 -15.19
C ALA B 183 30.78 -41.88 -13.74
N LYS B 184 31.29 -40.95 -12.93
CA LYS B 184 31.61 -41.28 -11.55
C LYS B 184 30.36 -41.50 -10.71
N LEU B 185 29.23 -40.88 -11.10
CA LEU B 185 27.98 -41.09 -10.37
C LEU B 185 27.52 -42.53 -10.49
N HIS B 186 27.62 -43.13 -11.68
CA HIS B 186 27.16 -44.50 -11.87
C HIS B 186 27.95 -45.47 -11.02
N GLU B 187 29.21 -45.14 -10.69
CA GLU B 187 30.02 -46.00 -9.83
C GLU B 187 29.69 -45.80 -8.35
N TRP B 188 29.32 -44.57 -7.97
CA TRP B 188 29.07 -44.25 -6.56
C TRP B 188 27.64 -44.51 -6.12
N LEU B 189 26.64 -44.30 -6.99
CA LEU B 189 25.26 -44.31 -6.54
C LEU B 189 24.83 -45.68 -6.00
N PRO B 190 25.12 -46.81 -6.68
CA PRO B 190 24.81 -48.10 -6.03
C PRO B 190 25.79 -48.41 -4.90
N TYR B 201 19.77 -43.87 4.02
CA TYR B 201 20.82 -43.62 3.04
C TYR B 201 20.90 -42.13 2.67
N TYR B 202 22.10 -41.55 2.73
CA TYR B 202 22.29 -40.11 2.57
C TYR B 202 23.28 -39.81 1.45
N LEU B 203 23.03 -38.71 0.74
CA LEU B 203 23.88 -38.31 -0.39
C LEU B 203 25.23 -37.76 0.07
N THR B 204 25.28 -37.13 1.25
CA THR B 204 26.55 -36.60 1.76
C THR B 204 27.64 -37.67 1.85
N ASP B 205 27.26 -38.95 1.82
CA ASP B 205 28.25 -40.02 1.77
C ASP B 205 29.00 -40.07 0.43
N ILE B 206 28.52 -39.36 -0.59
CA ILE B 206 29.25 -39.31 -1.86
C ILE B 206 30.54 -38.53 -1.74
N VAL B 207 30.68 -37.69 -0.72
CA VAL B 207 31.91 -36.92 -0.53
C VAL B 207 33.05 -37.84 -0.14
N ALA B 208 32.87 -38.62 0.94
CA ALA B 208 33.89 -39.56 1.37
C ALA B 208 34.15 -40.63 0.31
N MET B 209 33.11 -41.05 -0.40
CA MET B 209 33.25 -41.90 -1.58
C MET B 209 34.16 -41.25 -2.61
N ALA B 210 34.11 -39.93 -2.73
CA ALA B 210 34.94 -39.23 -3.71
C ALA B 210 36.39 -39.16 -3.25
N VAL B 211 36.60 -38.85 -1.97
CA VAL B 211 37.97 -38.85 -1.44
C VAL B 211 38.53 -40.26 -1.44
N ALA B 212 37.66 -41.28 -1.34
CA ALA B 212 38.12 -42.66 -1.34
C ALA B 212 38.73 -43.04 -2.70
N ASP B 213 38.16 -42.53 -3.78
CA ASP B 213 38.66 -42.79 -5.13
C ASP B 213 39.76 -41.83 -5.56
N GLY B 214 40.17 -40.90 -4.69
CA GLY B 214 41.26 -40.01 -4.97
C GLY B 214 40.89 -38.62 -5.47
N LEU B 215 39.60 -38.35 -5.71
CA LEU B 215 39.17 -37.06 -6.24
C LEU B 215 39.07 -36.03 -5.13
N GLU B 216 39.27 -34.76 -5.49
CA GLU B 216 39.33 -33.65 -4.53
C GLU B 216 38.12 -32.74 -4.66
N ILE B 217 37.18 -32.86 -3.72
CA ILE B 217 35.93 -32.12 -3.74
C ILE B 217 36.15 -30.61 -3.86
N ALA B 218 35.81 -30.04 -5.00
CA ALA B 218 35.86 -28.59 -5.17
C ALA B 218 34.65 -27.95 -4.49
N SER B 219 34.76 -26.65 -4.25
CA SER B 219 33.70 -25.93 -3.57
C SER B 219 33.70 -24.47 -4.00
N ILE B 220 32.52 -23.87 -3.95
CA ILE B 220 32.34 -22.44 -4.13
C ILE B 220 31.27 -21.99 -3.13
N GLN B 221 31.22 -20.69 -2.91
CA GLN B 221 30.14 -20.12 -2.13
C GLN B 221 29.28 -19.23 -3.02
N PRO B 222 27.97 -19.17 -2.77
CA PRO B 222 27.12 -18.32 -3.60
C PRO B 222 27.38 -16.85 -3.28
N GLU B 223 27.15 -16.00 -4.27
CA GLU B 223 27.32 -14.57 -4.02
C GLU B 223 26.30 -14.07 -3.01
N LEU B 224 25.13 -14.70 -2.94
CA LEU B 224 24.08 -14.32 -2.00
C LEU B 224 23.57 -15.54 -1.24
N ALA B 225 23.41 -15.41 0.08
CA ALA B 225 23.04 -16.57 0.89
C ALA B 225 21.66 -17.11 0.50
N PHE B 226 20.72 -16.24 0.14
CA PHE B 226 19.39 -16.75 -0.18
C PHE B 226 19.34 -17.57 -1.47
N GLU B 227 20.42 -17.56 -2.27
CA GLU B 227 20.47 -18.43 -3.43
C GLU B 227 20.31 -19.90 -3.06
N VAL B 228 20.80 -20.31 -1.89
CA VAL B 228 20.87 -21.72 -1.50
C VAL B 228 19.91 -22.03 -0.35
N GLU B 229 18.95 -21.15 -0.12
CA GLU B 229 18.05 -21.23 1.01
C GLU B 229 16.81 -22.03 0.62
N GLY B 230 16.43 -23.00 1.45
CA GLY B 230 15.18 -23.70 1.26
C GLY B 230 14.05 -23.09 2.09
N VAL B 231 12.83 -23.54 1.82
CA VAL B 231 11.65 -23.04 2.54
C VAL B 231 10.75 -24.21 2.90
N ASN B 232 10.17 -24.16 4.10
CA ASN B 232 9.34 -25.25 4.62
C ASN B 232 7.93 -24.86 4.98
N ASP B 233 7.67 -23.58 5.26
CA ASP B 233 6.35 -23.14 5.66
C ASP B 233 6.15 -21.73 5.09
N ARG B 234 5.02 -21.12 5.45
CA ARG B 234 4.67 -19.83 4.89
C ARG B 234 5.53 -18.71 5.47
N LEU B 235 6.00 -18.87 6.71
CA LEU B 235 6.86 -17.85 7.30
C LEU B 235 8.15 -17.74 6.51
N GLN B 236 8.78 -18.88 6.25
CA GLN B 236 10.03 -18.89 5.52
C GLN B 236 9.83 -18.47 4.08
N LEU B 237 8.68 -18.82 3.51
CA LEU B 237 8.35 -18.40 2.14
C LEU B 237 8.30 -16.88 2.03
N ALA B 238 7.63 -16.23 2.98
CA ALA B 238 7.52 -14.78 2.95
C ALA B 238 8.88 -14.13 3.13
N ALA B 239 9.72 -14.68 4.01
CA ALA B 239 11.01 -14.09 4.27
C ALA B 239 11.94 -14.26 3.07
N LEU B 240 11.84 -15.41 2.40
CA LEU B 240 12.63 -15.56 1.19
C LEU B 240 12.13 -14.63 0.09
N GLU B 241 10.80 -14.47 -0.03
CA GLU B 241 10.22 -13.54 -0.99
C GLU B 241 10.73 -12.12 -0.75
N ARG B 242 10.75 -11.69 0.51
CA ARG B 242 11.20 -10.35 0.85
C ARG B 242 12.69 -10.19 0.60
N GLU B 243 13.49 -11.23 0.84
CA GLU B 243 14.90 -11.18 0.49
C GLU B 243 15.10 -10.99 -1.00
N PHE B 244 14.33 -11.74 -1.80
CA PHE B 244 14.43 -11.63 -3.25
C PHE B 244 14.05 -10.24 -3.72
N GLN B 245 12.92 -9.71 -3.22
CA GLN B 245 12.45 -8.41 -3.68
C GLN B 245 13.44 -7.32 -3.30
N LYS B 246 13.93 -7.33 -2.07
CA LYS B 246 14.95 -6.38 -1.64
C LYS B 246 16.15 -6.42 -2.58
N GLN B 247 16.63 -7.63 -2.90
CA GLN B 247 17.78 -7.75 -3.80
C GLN B 247 17.45 -7.25 -5.20
N GLN B 248 16.23 -7.51 -5.69
CA GLN B 248 15.86 -7.04 -7.02
C GLN B 248 15.78 -5.52 -7.08
N ALA B 249 15.18 -4.89 -6.06
CA ALA B 249 15.14 -3.42 -6.02
C ALA B 249 16.55 -2.85 -5.91
N LYS B 250 17.43 -3.50 -5.15
CA LYS B 250 18.80 -3.04 -5.06
C LYS B 250 19.49 -3.08 -6.43
N GLU B 251 19.31 -4.15 -7.18
CA GLU B 251 19.95 -4.24 -8.48
C GLU B 251 19.42 -3.18 -9.44
N LEU B 252 18.11 -2.91 -9.40
CA LEU B 252 17.54 -1.85 -10.22
C LEU B 252 18.07 -0.48 -9.78
N MET B 253 18.22 -0.25 -8.47
CA MET B 253 18.80 1.02 -8.03
C MET B 253 20.22 1.18 -8.54
N GLN B 254 20.99 0.09 -8.55
CA GLN B 254 22.33 0.16 -9.12
C GLN B 254 22.28 0.50 -10.61
N GLN B 255 21.23 0.07 -11.31
CA GLN B 255 21.13 0.47 -12.71
C GLN B 255 20.73 1.92 -12.84
N GLY B 256 20.19 2.54 -11.81
CA GLY B 256 19.84 3.95 -11.85
C GLY B 256 18.39 4.22 -11.65
N VAL B 257 17.58 3.20 -11.36
CA VAL B 257 16.17 3.43 -11.10
C VAL B 257 16.01 4.14 -9.77
N THR B 258 15.03 5.04 -9.68
CA THR B 258 14.67 5.70 -8.43
C THR B 258 13.42 5.06 -7.85
N PHE B 259 13.46 4.76 -6.55
CA PHE B 259 12.31 4.20 -5.85
C PHE B 259 11.95 5.15 -4.72
N ALA B 260 10.68 5.55 -4.64
CA ALA B 260 10.25 6.30 -3.47
C ALA B 260 10.42 5.47 -2.21
N ASP B 261 10.21 4.14 -2.32
CA ASP B 261 10.47 3.21 -1.23
C ASP B 261 10.80 1.83 -1.78
N PRO B 262 12.06 1.44 -1.75
CA PRO B 262 12.43 0.13 -2.34
C PRO B 262 11.86 -1.05 -1.57
N ALA B 263 11.44 -0.85 -0.33
CA ALA B 263 10.79 -1.92 0.41
C ALA B 263 9.31 -2.04 0.04
N ARG B 264 8.78 -1.13 -0.77
CA ARG B 264 7.42 -1.26 -1.25
C ARG B 264 7.43 -1.42 -2.76
N PHE B 265 8.04 -2.50 -3.25
CA PHE B 265 8.20 -2.75 -4.66
C PHE B 265 8.22 -4.25 -4.87
N ASP B 266 7.65 -4.73 -5.99
CA ASP B 266 7.64 -6.16 -6.26
C ASP B 266 7.88 -6.43 -7.73
N LEU B 267 8.88 -7.25 -8.03
CA LEU B 267 9.17 -7.69 -9.38
C LEU B 267 8.87 -9.17 -9.48
N ARG B 268 7.95 -9.54 -10.36
CA ARG B 268 7.55 -10.93 -10.53
C ARG B 268 7.73 -11.29 -11.99
N GLY B 269 8.99 -11.30 -12.41
CA GLY B 269 9.39 -11.52 -13.79
C GLY B 269 10.67 -10.76 -14.09
N THR B 270 10.68 -10.04 -15.22
CA THR B 270 11.83 -9.27 -15.68
C THR B 270 11.39 -7.88 -16.12
N VAL B 271 12.27 -6.90 -15.96
CA VAL B 271 12.00 -5.54 -16.43
C VAL B 271 13.29 -4.95 -16.99
N LYS B 272 13.20 -4.34 -18.15
CA LYS B 272 14.29 -3.59 -18.76
C LYS B 272 14.00 -2.12 -18.54
N VAL B 273 15.01 -1.35 -18.13
CA VAL B 273 14.79 0.03 -17.73
C VAL B 273 15.77 0.93 -18.46
N GLY B 274 15.34 2.15 -18.77
CA GLY B 274 16.22 3.18 -19.26
C GLY B 274 16.77 3.99 -18.10
N HIS B 275 17.35 5.13 -18.45
CA HIS B 275 17.87 6.01 -17.41
C HIS B 275 16.74 6.93 -16.89
N ASP B 276 16.93 7.39 -15.65
CA ASP B 276 16.02 8.35 -15.01
C ASP B 276 14.59 7.84 -14.91
N VAL B 277 14.44 6.52 -14.77
CA VAL B 277 13.15 5.94 -14.46
C VAL B 277 12.85 6.15 -12.98
N ARG B 278 11.62 6.54 -12.66
CA ARG B 278 11.18 6.80 -11.31
C ARG B 278 9.98 5.94 -10.99
N ILE B 279 10.05 5.20 -9.88
CA ILE B 279 8.99 4.24 -9.52
C ILE B 279 8.50 4.57 -8.12
N ASP B 280 7.22 4.91 -8.02
CA ASP B 280 6.65 5.29 -6.73
C ASP B 280 6.27 4.04 -5.94
N VAL B 281 5.63 4.24 -4.78
CA VAL B 281 5.46 3.18 -3.79
C VAL B 281 4.43 2.15 -4.27
N ASN B 282 4.67 0.89 -3.86
CA ASN B 282 3.75 -0.24 -4.04
C ASN B 282 3.48 -0.53 -5.52
N VAL B 283 4.48 -0.33 -6.34
CA VAL B 283 4.41 -0.75 -7.74
C VAL B 283 4.72 -2.24 -7.80
N ILE B 284 3.99 -2.95 -8.64
CA ILE B 284 4.21 -4.37 -8.90
C ILE B 284 4.43 -4.50 -10.39
N ILE B 285 5.43 -5.30 -10.79
CA ILE B 285 5.77 -5.51 -12.17
C ILE B 285 5.82 -7.01 -12.41
N GLU B 286 4.99 -7.50 -13.32
CA GLU B 286 4.83 -8.93 -13.55
C GLU B 286 5.14 -9.27 -14.99
N GLY B 287 5.53 -10.52 -15.20
CA GLY B 287 5.89 -10.94 -16.54
C GLY B 287 7.13 -10.23 -17.04
N ASN B 288 7.14 -9.87 -18.33
CA ASN B 288 8.26 -9.17 -18.96
C ASN B 288 7.82 -7.76 -19.35
N CYS B 289 8.42 -6.77 -18.71
CA CYS B 289 8.07 -5.37 -18.95
C CYS B 289 9.30 -4.58 -19.41
N GLU B 290 9.02 -3.40 -19.93
CA GLU B 290 10.05 -2.47 -20.37
C GLU B 290 9.64 -1.05 -19.98
N LEU B 291 10.59 -0.30 -19.44
CA LEU B 291 10.39 1.08 -19.06
C LEU B 291 11.46 1.92 -19.72
N GLY B 292 11.05 2.82 -20.61
CA GLY B 292 11.99 3.66 -21.31
C GLY B 292 12.50 4.82 -20.47
N ASP B 293 13.36 5.62 -21.09
CA ASP B 293 13.97 6.78 -20.44
C ASP B 293 12.92 7.74 -19.89
N PHE B 294 13.16 8.23 -18.68
CA PHE B 294 12.35 9.26 -18.03
C PHE B 294 10.91 8.82 -17.75
N VAL B 295 10.62 7.52 -17.79
CA VAL B 295 9.28 7.05 -17.48
C VAL B 295 9.03 7.19 -15.98
N GLU B 296 7.84 7.68 -15.63
CA GLU B 296 7.47 7.84 -14.24
C GLU B 296 6.26 6.97 -13.94
N ILE B 297 6.41 6.02 -13.02
CA ILE B 297 5.34 5.10 -12.63
C ILE B 297 4.84 5.47 -11.24
N GLY B 298 3.57 5.90 -11.16
CA GLY B 298 2.98 6.43 -9.95
C GLY B 298 2.58 5.35 -8.96
N ALA B 299 2.09 5.81 -7.82
CA ALA B 299 1.84 4.91 -6.71
C ALA B 299 0.87 3.80 -7.09
N GLY B 300 1.18 2.58 -6.66
CA GLY B 300 0.24 1.49 -6.78
C GLY B 300 0.01 0.95 -8.18
N CYS B 301 0.75 1.41 -9.18
CA CYS B 301 0.57 0.87 -10.52
C CYS B 301 1.01 -0.59 -10.53
N ILE B 302 0.36 -1.36 -11.37
CA ILE B 302 0.64 -2.78 -11.57
C ILE B 302 0.79 -2.96 -13.07
N LEU B 303 1.94 -3.46 -13.49
CA LEU B 303 2.23 -3.64 -14.90
C LEU B 303 2.55 -5.10 -15.15
N LYS B 304 1.90 -5.69 -16.17
CA LYS B 304 2.16 -7.08 -16.55
C LYS B 304 2.29 -7.18 -18.07
N ASN B 305 3.43 -7.69 -18.54
CA ASN B 305 3.72 -7.89 -19.96
C ASN B 305 3.45 -6.64 -20.79
N THR B 306 3.96 -5.51 -20.30
CA THR B 306 3.67 -4.20 -20.85
C THR B 306 4.99 -3.47 -21.15
N THR B 307 5.05 -2.78 -22.28
CA THR B 307 6.17 -1.87 -22.58
C THR B 307 5.69 -0.43 -22.56
N ILE B 308 6.50 0.45 -21.98
CA ILE B 308 6.15 1.85 -21.83
C ILE B 308 7.34 2.67 -22.31
N ALA B 309 7.13 3.46 -23.36
CA ALA B 309 8.24 4.14 -24.00
C ALA B 309 8.54 5.48 -23.33
N ALA B 310 9.68 6.05 -23.74
CA ALA B 310 10.31 7.17 -23.06
C ALA B 310 9.36 8.36 -22.89
N GLY B 311 9.50 9.06 -21.76
CA GLY B 311 8.77 10.28 -21.47
C GLY B 311 7.37 10.09 -20.92
N THR B 312 6.83 8.87 -20.92
CA THR B 312 5.47 8.66 -20.44
C THR B 312 5.38 8.81 -18.93
N LYS B 313 4.29 9.44 -18.49
CA LYS B 313 3.99 9.60 -17.08
C LYS B 313 2.69 8.88 -16.76
N VAL B 314 2.79 7.87 -15.91
CA VAL B 314 1.64 7.08 -15.47
C VAL B 314 1.24 7.52 -14.07
N GLN B 315 0.02 8.00 -13.93
CA GLN B 315 -0.48 8.40 -12.64
C GLN B 315 -0.85 7.16 -11.80
N ALA B 316 -1.10 7.41 -10.53
CA ALA B 316 -1.26 6.32 -9.56
C ALA B 316 -2.43 5.41 -9.93
N TYR B 317 -2.32 4.14 -9.51
CA TYR B 317 -3.40 3.13 -9.59
C TYR B 317 -3.84 2.89 -11.04
N SER B 318 -2.88 2.82 -11.95
CA SER B 318 -3.13 2.38 -13.32
C SER B 318 -2.60 0.94 -13.46
N VAL B 319 -3.40 0.05 -14.08
CA VAL B 319 -2.96 -1.33 -14.25
C VAL B 319 -2.91 -1.64 -15.73
N PHE B 320 -1.84 -2.33 -16.15
CA PHE B 320 -1.54 -2.67 -17.54
C PHE B 320 -1.32 -4.18 -17.65
N ASP B 321 -1.91 -4.79 -18.66
CA ASP B 321 -1.68 -6.19 -18.99
C ASP B 321 -1.60 -6.29 -20.51
N GLY B 322 -0.46 -6.76 -21.02
CA GLY B 322 -0.30 -6.90 -22.47
C GLY B 322 -0.44 -5.59 -23.22
N ALA B 323 0.01 -4.49 -22.62
CA ALA B 323 -0.13 -3.17 -23.17
C ALA B 323 1.13 -2.75 -23.89
N VAL B 324 0.97 -1.92 -24.93
CA VAL B 324 2.09 -1.30 -25.64
C VAL B 324 1.86 0.21 -25.64
N VAL B 325 2.75 0.96 -25.00
CA VAL B 325 2.58 2.39 -24.75
C VAL B 325 3.76 3.16 -25.35
N GLY B 326 3.43 4.20 -26.14
CA GLY B 326 4.42 5.01 -26.81
C GLY B 326 5.04 6.07 -25.92
N GLU B 327 5.59 7.09 -26.57
CA GLU B 327 6.37 8.13 -25.92
C GLU B 327 5.51 9.33 -25.52
N ASN B 328 5.83 9.90 -24.35
CA ASN B 328 5.20 11.12 -23.84
C ASN B 328 3.69 10.96 -23.74
N THR B 329 3.23 9.78 -23.38
CA THR B 329 1.82 9.62 -23.10
C THR B 329 1.54 9.98 -21.64
N GLN B 330 0.28 10.25 -21.36
CA GLN B 330 -0.17 10.56 -20.02
C GLN B 330 -1.29 9.60 -19.69
N ILE B 331 -1.10 8.82 -18.64
CA ILE B 331 -2.03 7.75 -18.30
C ILE B 331 -2.42 7.85 -16.84
N GLY B 332 -3.72 7.77 -16.57
CA GLY B 332 -4.23 7.67 -15.23
C GLY B 332 -4.58 9.01 -14.62
N PRO B 333 -4.94 9.00 -13.33
CA PRO B 333 -4.97 7.80 -12.47
C PRO B 333 -6.14 6.85 -12.81
N PHE B 334 -6.12 5.62 -12.26
CA PHE B 334 -7.22 4.66 -12.42
C PHE B 334 -7.45 4.27 -13.87
N ALA B 335 -6.37 4.15 -14.65
CA ALA B 335 -6.48 3.61 -15.99
C ALA B 335 -6.33 2.09 -15.95
N ARG B 336 -7.05 1.41 -16.84
CA ARG B 336 -7.00 -0.05 -16.94
C ARG B 336 -6.75 -0.40 -18.42
N LEU B 337 -5.53 -0.79 -18.77
CA LEU B 337 -5.20 -1.22 -20.13
C LEU B 337 -5.06 -2.73 -20.17
N ARG B 338 -5.73 -3.34 -21.14
CA ARG B 338 -5.83 -4.78 -21.28
C ARG B 338 -5.13 -5.26 -22.54
N PRO B 339 -4.92 -6.57 -22.70
CA PRO B 339 -4.11 -7.04 -23.84
C PRO B 339 -4.64 -6.50 -25.16
N GLY B 340 -3.71 -6.16 -26.05
CA GLY B 340 -4.02 -5.52 -27.31
C GLY B 340 -4.14 -4.01 -27.23
N ALA B 341 -4.19 -3.43 -26.04
CA ALA B 341 -4.17 -1.97 -25.95
C ALA B 341 -2.82 -1.46 -26.43
N LYS B 342 -2.85 -0.64 -27.49
CA LYS B 342 -1.66 -0.04 -28.07
C LYS B 342 -1.88 1.46 -28.16
N LEU B 343 -1.07 2.24 -27.45
CA LEU B 343 -1.16 3.70 -27.49
C LEU B 343 0.01 4.28 -28.28
N ALA B 344 -0.29 5.12 -29.25
CA ALA B 344 0.75 5.85 -29.97
C ALA B 344 1.35 6.93 -29.05
N ASN B 345 2.38 7.62 -29.57
CA ASN B 345 2.95 8.77 -28.87
C ASN B 345 1.89 9.83 -28.58
N GLU B 346 2.07 10.56 -27.47
CA GLU B 346 1.30 11.74 -27.03
C GLU B 346 -0.14 11.44 -26.61
N VAL B 347 -0.57 10.19 -26.58
CA VAL B 347 -1.92 9.84 -26.17
C VAL B 347 -2.13 10.19 -24.70
N HIS B 348 -3.31 10.70 -24.37
CA HIS B 348 -3.72 10.93 -22.99
C HIS B 348 -4.88 10.01 -22.67
N ILE B 349 -4.71 9.21 -21.62
CA ILE B 349 -5.75 8.35 -21.04
C ILE B 349 -5.93 8.80 -19.59
N GLY B 350 -7.15 9.17 -19.22
CA GLY B 350 -7.48 9.65 -17.90
C GLY B 350 -8.05 8.57 -16.99
N ASN B 351 -8.94 9.00 -16.09
CA ASN B 351 -9.45 8.17 -15.01
C ASN B 351 -10.68 7.32 -15.37
N PHE B 352 -10.72 6.11 -14.80
CA PHE B 352 -11.82 5.15 -14.96
C PHE B 352 -12.02 4.81 -16.43
N VAL B 353 -10.91 4.64 -17.14
CA VAL B 353 -10.88 4.32 -18.56
C VAL B 353 -10.39 2.89 -18.71
N GLU B 354 -11.05 2.13 -19.57
CA GLU B 354 -10.70 0.76 -19.90
C GLU B 354 -10.45 0.64 -21.39
N VAL B 355 -9.23 0.27 -21.77
CA VAL B 355 -8.86 0.08 -23.16
C VAL B 355 -8.49 -1.40 -23.32
N LYS B 356 -9.22 -2.09 -24.20
CA LYS B 356 -9.00 -3.51 -24.47
C LYS B 356 -8.95 -3.72 -25.97
N ASN B 357 -7.87 -4.33 -26.44
CA ASN B 357 -7.72 -4.69 -27.85
C ASN B 357 -8.04 -3.49 -28.75
N THR B 358 -7.38 -2.37 -28.44
CA THR B 358 -7.65 -1.11 -29.10
C THR B 358 -6.35 -0.39 -29.36
N THR B 359 -6.21 0.11 -30.59
CA THR B 359 -5.10 0.97 -30.97
C THR B 359 -5.59 2.41 -31.05
N ILE B 360 -4.80 3.33 -30.51
CA ILE B 360 -5.15 4.74 -30.37
C ILE B 360 -4.03 5.54 -31.01
N GLY B 361 -4.37 6.36 -32.01
CA GLY B 361 -3.39 7.07 -32.81
C GLY B 361 -2.80 8.29 -32.13
N LEU B 362 -1.92 8.95 -32.88
CA LEU B 362 -1.02 9.96 -32.31
C LEU B 362 -1.80 11.11 -31.68
N GLY B 363 -1.51 11.39 -30.40
CA GLY B 363 -2.03 12.53 -29.68
C GLY B 363 -3.50 12.50 -29.32
N SER B 364 -4.16 11.35 -29.45
CA SER B 364 -5.58 11.30 -29.17
C SER B 364 -5.81 11.29 -27.66
N LYS B 365 -7.01 11.68 -27.26
CA LYS B 365 -7.35 11.88 -25.85
C LYS B 365 -8.61 11.12 -25.48
N ALA B 366 -8.56 10.43 -24.34
CA ALA B 366 -9.75 9.88 -23.67
C ALA B 366 -9.55 10.14 -22.18
N ASN B 367 -9.91 11.35 -21.75
CA ASN B 367 -9.60 11.85 -20.42
C ASN B 367 -10.60 11.38 -19.37
N HIS B 368 -11.75 10.87 -19.77
CA HIS B 368 -12.80 10.60 -18.79
C HIS B 368 -13.32 9.18 -18.96
N PHE B 369 -14.23 8.78 -18.08
CA PHE B 369 -14.60 7.36 -18.01
C PHE B 369 -15.19 6.90 -19.34
N THR B 370 -14.69 5.76 -19.80
CA THR B 370 -15.00 5.24 -21.12
C THR B 370 -14.56 3.79 -21.19
N TYR B 371 -15.22 3.03 -22.05
CA TYR B 371 -14.77 1.70 -22.42
C TYR B 371 -14.53 1.70 -23.92
N LEU B 372 -13.27 1.51 -24.31
CA LEU B 372 -12.91 1.38 -25.72
C LEU B 372 -12.44 -0.06 -25.91
N GLY B 373 -13.29 -0.88 -26.51
CA GLY B 373 -12.93 -2.26 -26.74
C GLY B 373 -13.03 -2.65 -28.20
N ASP B 374 -12.01 -3.34 -28.70
CA ASP B 374 -11.96 -3.82 -30.09
C ASP B 374 -12.11 -2.67 -31.08
N ALA B 375 -11.32 -1.62 -30.87
CA ALA B 375 -11.46 -0.38 -31.62
C ALA B 375 -10.14 0.03 -32.24
N GLU B 376 -10.24 0.74 -33.36
CA GLU B 376 -9.11 1.41 -34.01
C GLU B 376 -9.40 2.89 -34.05
N ILE B 377 -8.59 3.67 -33.36
CA ILE B 377 -8.81 5.10 -33.22
C ILE B 377 -7.64 5.84 -33.84
N GLY B 378 -7.94 6.83 -34.69
CA GLY B 378 -6.94 7.60 -35.41
C GLY B 378 -6.24 8.64 -34.56
N ALA B 379 -5.70 9.63 -35.25
CA ALA B 379 -4.85 10.63 -34.62
C ALA B 379 -5.60 11.93 -34.35
N GLU B 380 -5.22 12.59 -33.24
CA GLU B 380 -5.78 13.89 -32.89
C GLU B 380 -7.30 13.83 -32.72
N SER B 381 -7.78 12.72 -32.17
CA SER B 381 -9.20 12.51 -31.92
C SER B 381 -9.52 12.65 -30.44
N ASN B 382 -10.79 12.89 -30.14
CA ASN B 382 -11.21 13.13 -28.78
C ASN B 382 -12.41 12.26 -28.44
N ILE B 383 -12.28 11.49 -27.37
CA ILE B 383 -13.32 10.57 -26.90
C ILE B 383 -13.92 11.17 -25.64
N GLY B 384 -15.18 11.56 -25.71
CA GLY B 384 -15.83 12.17 -24.58
C GLY B 384 -16.16 11.18 -23.49
N ALA B 385 -16.36 11.73 -22.29
CA ALA B 385 -16.83 10.94 -21.16
C ALA B 385 -18.08 10.16 -21.53
N GLY B 386 -18.20 8.94 -21.02
CA GLY B 386 -19.36 8.13 -21.23
C GLY B 386 -19.44 7.47 -22.59
N THR B 387 -18.40 7.58 -23.41
CA THR B 387 -18.39 6.89 -24.69
C THR B 387 -18.20 5.40 -24.46
N ILE B 388 -18.95 4.61 -25.22
CA ILE B 388 -18.90 3.15 -25.14
C ILE B 388 -18.87 2.60 -26.56
N THR B 389 -17.90 1.72 -26.84
CA THR B 389 -17.94 0.83 -28.00
C THR B 389 -18.83 -0.33 -27.64
N CYS B 390 -19.96 -0.48 -28.34
CA CYS B 390 -20.80 -1.66 -28.18
C CYS B 390 -20.20 -2.72 -29.09
N ASN B 391 -19.26 -3.49 -28.55
CA ASN B 391 -18.46 -4.42 -29.32
C ASN B 391 -18.96 -5.85 -29.26
N TYR B 392 -19.99 -6.13 -28.48
CA TYR B 392 -20.42 -7.50 -28.21
C TYR B 392 -21.92 -7.60 -28.35
N ASP B 393 -22.39 -8.44 -29.28
CA ASP B 393 -23.82 -8.64 -29.49
C ASP B 393 -24.38 -9.81 -28.69
N GLY B 394 -23.62 -10.33 -27.72
CA GLY B 394 -23.97 -11.51 -26.98
C GLY B 394 -23.31 -12.78 -27.48
N ALA B 395 -22.80 -12.78 -28.71
CA ALA B 395 -22.14 -13.96 -29.27
C ALA B 395 -20.81 -13.61 -29.91
N ASN B 396 -20.79 -12.55 -30.72
CA ASN B 396 -19.59 -12.18 -31.46
C ASN B 396 -19.12 -10.79 -31.08
N LYS B 397 -17.84 -10.54 -31.36
CA LYS B 397 -17.23 -9.23 -31.23
C LYS B 397 -17.13 -8.56 -32.59
N HIS B 398 -17.21 -7.24 -32.59
CA HIS B 398 -17.18 -6.44 -33.81
C HIS B 398 -16.34 -5.19 -33.58
N LYS B 399 -15.76 -4.68 -34.67
CA LYS B 399 -14.77 -3.62 -34.61
C LYS B 399 -15.41 -2.24 -34.75
N THR B 400 -14.93 -1.27 -33.97
CA THR B 400 -15.27 0.13 -34.13
C THR B 400 -14.06 0.86 -34.71
N THR B 401 -14.26 1.62 -35.78
CA THR B 401 -13.16 2.29 -36.47
C THR B 401 -13.39 3.81 -36.42
N ILE B 402 -12.46 4.52 -35.81
CA ILE B 402 -12.58 5.97 -35.63
C ILE B 402 -11.39 6.64 -36.29
N GLY B 403 -11.65 7.62 -37.14
CA GLY B 403 -10.61 8.26 -37.91
C GLY B 403 -9.83 9.32 -37.16
N ASP B 404 -9.13 10.14 -37.95
CA ASP B 404 -8.38 11.28 -37.44
C ASP B 404 -9.29 12.48 -37.25
N ALA B 405 -8.98 13.28 -36.23
CA ALA B 405 -9.68 14.53 -35.95
C ALA B 405 -11.19 14.31 -35.77
N VAL B 406 -11.54 13.18 -35.18
CA VAL B 406 -12.92 12.87 -34.83
C VAL B 406 -13.17 13.38 -33.42
N PHE B 407 -14.35 13.92 -33.19
CA PHE B 407 -14.78 14.33 -31.85
C PHE B 407 -16.00 13.48 -31.51
N ILE B 408 -15.89 12.59 -30.53
CA ILE B 408 -17.03 11.83 -30.08
C ILE B 408 -17.58 12.51 -28.82
N GLY B 409 -18.75 13.13 -28.96
CA GLY B 409 -19.38 13.76 -27.82
C GLY B 409 -19.78 12.76 -26.75
N SER B 410 -20.05 13.30 -25.57
CA SER B 410 -20.19 12.50 -24.36
C SER B 410 -21.38 11.56 -24.43
N ASN B 411 -21.27 10.45 -23.69
CA ASN B 411 -22.37 9.48 -23.54
C ASN B 411 -22.84 8.96 -24.90
N SER B 412 -21.91 8.80 -25.84
CA SER B 412 -22.25 8.25 -27.13
C SER B 412 -22.08 6.74 -27.06
N SER B 413 -23.00 6.01 -27.71
CA SER B 413 -22.91 4.56 -27.82
C SER B 413 -22.61 4.23 -29.27
N LEU B 414 -21.42 3.68 -29.51
CA LEU B 414 -20.96 3.33 -30.86
C LEU B 414 -21.19 1.83 -31.07
N VAL B 415 -22.17 1.50 -31.90
CA VAL B 415 -22.59 0.13 -32.13
C VAL B 415 -21.71 -0.43 -33.24
N ALA B 416 -20.73 -1.25 -32.86
CA ALA B 416 -19.89 -1.88 -33.86
C ALA B 416 -20.70 -2.94 -34.59
N PRO B 417 -20.37 -3.25 -35.86
CA PRO B 417 -19.30 -2.59 -36.62
C PRO B 417 -19.76 -1.26 -37.19
N VAL B 418 -18.98 -0.20 -36.97
CA VAL B 418 -19.32 1.11 -37.50
C VAL B 418 -18.02 1.87 -37.74
N THR B 419 -18.03 2.75 -38.74
CA THR B 419 -16.88 3.58 -39.04
C THR B 419 -17.26 5.04 -38.87
N ILE B 420 -16.41 5.81 -38.22
CA ILE B 420 -16.61 7.25 -38.05
C ILE B 420 -15.46 7.91 -38.78
N GLY B 421 -15.74 8.54 -39.91
CA GLY B 421 -14.69 9.04 -40.78
C GLY B 421 -13.98 10.25 -40.23
N ASN B 422 -12.86 10.59 -40.86
CA ASN B 422 -12.02 11.69 -40.41
C ASN B 422 -12.81 12.99 -40.29
N GLY B 423 -12.45 13.80 -39.29
CA GLY B 423 -13.05 15.09 -39.13
C GLY B 423 -14.51 15.08 -38.75
N ALA B 424 -15.08 13.91 -38.49
CA ALA B 424 -16.46 13.82 -38.12
C ALA B 424 -16.65 14.28 -36.68
N THR B 425 -17.89 14.66 -36.37
CA THR B 425 -18.30 15.06 -35.04
C THR B 425 -19.53 14.26 -34.67
N VAL B 426 -19.58 13.74 -33.44
CA VAL B 426 -20.73 13.01 -32.94
C VAL B 426 -21.35 13.79 -31.79
N GLY B 427 -22.66 14.05 -31.88
CA GLY B 427 -23.34 14.77 -30.82
C GLY B 427 -23.39 13.99 -29.52
N ALA B 428 -23.52 14.73 -28.42
CA ALA B 428 -23.58 14.10 -27.12
C ALA B 428 -24.81 13.19 -27.03
N GLY B 429 -24.64 12.06 -26.35
CA GLY B 429 -25.78 11.17 -26.20
C GLY B 429 -26.21 10.44 -27.46
N SER B 430 -25.37 10.41 -28.49
CA SER B 430 -25.76 9.77 -29.74
C SER B 430 -25.60 8.26 -29.64
N VAL B 431 -26.48 7.54 -30.33
CA VAL B 431 -26.30 6.13 -30.64
C VAL B 431 -25.95 6.02 -32.11
N ILE B 432 -24.75 5.54 -32.42
CA ILE B 432 -24.26 5.45 -33.79
C ILE B 432 -24.31 3.99 -34.23
N THR B 433 -25.09 3.73 -35.26
CA THR B 433 -25.21 2.42 -35.87
C THR B 433 -24.86 2.42 -37.34
N LYS B 434 -24.95 3.56 -38.02
CA LYS B 434 -24.57 3.71 -39.41
C LYS B 434 -23.24 4.45 -39.51
N ASP B 435 -22.46 4.12 -40.52
CA ASP B 435 -21.17 4.78 -40.71
C ASP B 435 -21.37 6.28 -40.83
N VAL B 436 -20.53 7.04 -40.13
CA VAL B 436 -20.60 8.50 -40.16
C VAL B 436 -19.54 9.00 -41.13
N ALA B 437 -19.97 9.82 -42.08
CA ALA B 437 -19.14 10.21 -43.19
C ALA B 437 -18.05 11.17 -42.74
N GLU B 438 -16.96 11.19 -43.51
CA GLU B 438 -15.86 12.09 -43.27
C GLU B 438 -16.33 13.54 -43.24
N GLN B 439 -15.85 14.29 -42.24
CA GLN B 439 -16.15 15.70 -42.02
C GLN B 439 -17.63 15.96 -41.70
N SER B 440 -18.41 14.94 -41.41
CA SER B 440 -19.84 15.12 -41.21
C SER B 440 -20.18 15.15 -39.73
N LEU B 441 -21.29 15.81 -39.42
CA LEU B 441 -21.84 15.87 -38.08
C LEU B 441 -23.00 14.91 -37.95
N SER B 442 -22.98 14.09 -36.90
CA SER B 442 -24.11 13.23 -36.58
C SER B 442 -24.52 13.51 -35.14
N PHE B 443 -25.79 13.85 -34.93
CA PHE B 443 -26.26 14.20 -33.60
C PHE B 443 -27.68 13.70 -33.41
N GLU B 444 -28.04 13.49 -32.15
CA GLU B 444 -29.32 12.93 -31.79
C GLU B 444 -30.36 14.03 -31.71
N ARG B 445 -31.45 13.88 -32.44
CA ARG B 445 -32.59 14.76 -32.31
C ARG B 445 -33.16 14.62 -30.90
N ALA B 446 -33.01 15.67 -30.09
CA ALA B 446 -33.34 15.63 -28.67
C ALA B 446 -34.36 16.74 -28.40
N GLN B 447 -35.64 16.41 -28.48
CA GLN B 447 -36.67 17.39 -28.17
C GLN B 447 -36.71 17.62 -26.66
N GLN B 448 -36.57 18.90 -26.27
CA GLN B 448 -36.63 19.32 -24.87
C GLN B 448 -38.10 19.43 -24.49
N ILE B 449 -38.56 18.56 -23.59
CA ILE B 449 -39.94 18.57 -23.13
C ILE B 449 -39.98 18.98 -21.66
N SER B 450 -40.78 19.99 -21.35
CA SER B 450 -40.88 20.51 -20.01
C SER B 450 -42.28 20.32 -19.45
N LYS B 451 -42.36 19.91 -18.19
CA LYS B 451 -43.61 19.91 -17.46
C LYS B 451 -43.42 20.84 -16.27
N ALA B 452 -44.21 21.91 -16.23
CA ALA B 452 -44.01 22.96 -15.25
C ALA B 452 -44.52 22.53 -13.89
N ASN B 453 -43.91 23.11 -12.86
CA ASN B 453 -44.31 22.94 -11.47
C ASN B 453 -44.45 21.46 -11.10
N TYR B 454 -43.39 20.71 -11.35
CA TYR B 454 -43.36 19.28 -11.10
C TYR B 454 -42.85 19.02 -9.69
N GLN B 455 -43.59 18.21 -8.94
CA GLN B 455 -43.23 17.79 -7.59
C GLN B 455 -42.71 16.35 -7.63
N ARG B 456 -41.50 16.15 -7.09
CA ARG B 456 -40.96 14.81 -7.03
C ARG B 456 -41.65 14.00 -5.94
N PRO B 457 -41.71 12.66 -6.08
CA PRO B 457 -42.36 11.77 -5.10
C PRO B 457 -41.79 11.91 -3.69
N SER C 10 25.02 40.57 7.34
CA SER C 10 24.56 40.00 6.07
C SER C 10 25.20 38.65 5.81
N THR C 11 24.37 37.61 5.80
CA THR C 11 24.82 36.23 5.62
C THR C 11 24.61 35.81 4.17
N THR C 12 25.66 35.29 3.54
CA THR C 12 25.61 34.75 2.20
C THR C 12 25.89 33.25 2.25
N VAL C 13 25.23 32.50 1.37
CA VAL C 13 25.35 31.05 1.35
C VAL C 13 26.02 30.64 0.03
N ILE C 14 26.97 29.72 0.12
CA ILE C 14 27.66 29.15 -1.04
C ILE C 14 27.27 27.68 -1.17
N ILE C 15 26.73 27.31 -2.34
CA ILE C 15 26.24 25.95 -2.59
C ILE C 15 27.05 25.31 -3.71
N LEU C 16 27.67 24.18 -3.41
CA LEU C 16 28.41 23.38 -4.39
C LEU C 16 27.44 22.41 -5.06
N ALA C 17 27.15 22.65 -6.34
CA ALA C 17 26.18 21.88 -7.10
C ALA C 17 26.75 21.51 -8.46
N ALA C 18 28.03 21.17 -8.50
CA ALA C 18 28.70 20.90 -9.77
C ALA C 18 28.82 19.41 -10.07
N GLY C 19 28.66 18.57 -9.06
CA GLY C 19 28.89 17.15 -9.25
C GLY C 19 28.00 16.57 -10.34
N LYS C 20 28.61 15.72 -11.17
CA LYS C 20 27.81 15.02 -12.18
C LYS C 20 27.04 13.86 -11.55
N GLY C 21 27.58 13.28 -10.46
CA GLY C 21 26.97 12.15 -9.79
C GLY C 21 26.78 10.95 -10.70
N THR C 22 27.88 10.45 -11.29
CA THR C 22 27.77 9.41 -12.31
C THR C 22 27.20 8.11 -11.76
N ARG C 23 27.20 7.93 -10.44
CA ARG C 23 26.60 6.72 -9.86
C ARG C 23 25.07 6.76 -9.95
N MET C 24 24.48 7.95 -10.12
CA MET C 24 23.04 8.03 -10.37
C MET C 24 22.65 7.44 -11.72
N ARG C 25 23.58 7.36 -12.68
CA ARG C 25 23.28 6.90 -14.04
C ARG C 25 22.11 7.70 -14.63
N SER C 26 22.20 9.02 -14.46
CA SER C 26 21.17 9.96 -14.86
C SER C 26 21.69 10.85 -15.98
N GLN C 27 20.76 11.39 -16.76
CA GLN C 27 21.11 12.38 -17.76
C GLN C 27 21.20 13.79 -17.18
N LEU C 28 20.63 14.03 -16.00
CA LEU C 28 20.56 15.29 -15.30
C LEU C 28 21.67 15.40 -14.26
N PRO C 29 22.05 16.62 -13.89
CA PRO C 29 23.06 16.79 -12.83
C PRO C 29 22.57 16.23 -11.51
N LYS C 30 23.54 15.96 -10.63
CA LYS C 30 23.25 15.28 -9.37
C LYS C 30 22.22 16.03 -8.55
N VAL C 31 22.34 17.36 -8.46
CA VAL C 31 21.52 18.13 -7.52
C VAL C 31 20.09 18.32 -7.99
N LEU C 32 19.71 17.79 -9.16
CA LEU C 32 18.33 17.82 -9.63
C LEU C 32 17.60 16.49 -9.40
N GLN C 33 18.23 15.55 -8.70
CA GLN C 33 17.56 14.31 -8.37
C GLN C 33 16.50 14.56 -7.30
N PRO C 34 15.41 13.76 -7.30
CA PRO C 34 14.27 14.05 -6.43
C PRO C 34 14.40 13.42 -5.04
N LEU C 35 14.00 14.20 -4.05
CA LEU C 35 13.91 13.76 -2.66
C LEU C 35 12.66 14.38 -2.10
N ALA C 36 11.71 13.54 -1.67
CA ALA C 36 10.39 13.96 -1.20
C ALA C 36 9.76 15.00 -2.14
N GLY C 37 9.85 14.74 -3.44
CA GLY C 37 9.13 15.53 -4.41
C GLY C 37 9.77 16.84 -4.82
N ARG C 38 11.08 16.95 -4.69
CA ARG C 38 11.74 18.22 -4.95
C ARG C 38 13.19 17.92 -5.29
N PRO C 39 13.81 18.65 -6.21
CA PRO C 39 15.24 18.42 -6.48
C PRO C 39 16.07 18.67 -5.21
N LEU C 40 17.19 17.95 -5.11
CA LEU C 40 18.08 18.14 -3.95
C LEU C 40 18.42 19.61 -3.76
N LEU C 41 18.87 20.26 -4.83
CA LEU C 41 19.27 21.67 -4.73
C LEU C 41 18.12 22.55 -4.27
N GLY C 42 16.90 22.20 -4.66
CA GLY C 42 15.75 22.98 -4.23
C GLY C 42 15.57 22.99 -2.72
N HIS C 43 15.86 21.86 -2.08
CA HIS C 43 15.82 21.80 -0.62
C HIS C 43 16.78 22.78 0.00
N VAL C 44 17.98 22.91 -0.59
CA VAL C 44 18.99 23.79 0.00
C VAL C 44 18.68 25.24 -0.28
N ILE C 45 18.22 25.55 -1.50
CA ILE C 45 17.77 26.90 -1.79
C ILE C 45 16.64 27.29 -0.85
N LYS C 46 15.73 26.36 -0.57
CA LYS C 46 14.64 26.68 0.34
C LYS C 46 15.17 27.05 1.72
N THR C 47 16.13 26.29 2.25
CA THR C 47 16.68 26.60 3.55
C THR C 47 17.46 27.90 3.54
N ALA C 48 18.21 28.16 2.46
CA ALA C 48 18.97 29.40 2.36
C ALA C 48 18.06 30.62 2.28
N LYS C 49 16.92 30.50 1.60
CA LYS C 49 15.96 31.60 1.58
C LYS C 49 15.33 31.78 2.96
N GLN C 50 15.12 30.68 3.70
CA GLN C 50 14.59 30.76 5.05
C GLN C 50 15.54 31.49 5.99
N LEU C 51 16.85 31.35 5.78
CA LEU C 51 17.83 32.05 6.61
C LEU C 51 17.90 33.54 6.34
N LEU C 52 17.15 34.07 5.37
CA LEU C 52 17.21 35.49 4.99
C LEU C 52 18.62 35.83 4.53
N ALA C 53 19.16 34.98 3.66
CA ALA C 53 20.49 35.17 3.13
C ALA C 53 20.55 36.38 2.21
N GLU C 54 21.50 37.29 2.49
CA GLU C 54 21.65 38.48 1.67
C GLU C 54 21.99 38.10 0.23
N ASN C 55 22.94 37.16 0.06
CA ASN C 55 23.28 36.65 -1.25
C ASN C 55 23.27 35.13 -1.23
N ILE C 56 22.96 34.54 -2.38
CA ILE C 56 23.07 33.11 -2.57
C ILE C 56 23.81 32.87 -3.89
N ILE C 57 24.96 32.19 -3.81
CA ILE C 57 25.80 31.90 -4.95
C ILE C 57 25.83 30.39 -5.13
N THR C 58 25.51 29.92 -6.32
CA THR C 58 25.52 28.49 -6.62
C THR C 58 26.58 28.19 -7.66
N ILE C 59 27.44 27.23 -7.33
CA ILE C 59 28.44 26.73 -8.27
C ILE C 59 27.79 25.61 -9.07
N TYR C 60 27.66 25.81 -10.38
CA TYR C 60 27.14 24.75 -11.22
C TYR C 60 28.29 24.13 -12.00
N GLY C 61 28.03 22.94 -12.54
CA GLY C 61 29.03 22.26 -13.35
C GLY C 61 28.45 21.68 -14.61
N HIS C 62 28.67 20.38 -14.82
CA HIS C 62 28.07 19.70 -15.96
C HIS C 62 26.56 19.81 -15.89
N GLY C 63 25.94 20.15 -17.03
CA GLY C 63 24.50 20.26 -17.09
C GLY C 63 23.92 21.47 -16.40
N GLY C 64 24.74 22.48 -16.13
CA GLY C 64 24.27 23.68 -15.45
C GLY C 64 23.16 24.43 -16.18
N ASP C 65 22.97 24.17 -17.48
CA ASP C 65 21.85 24.79 -18.18
C ASP C 65 20.51 24.37 -17.57
N HIS C 66 20.37 23.07 -17.30
CA HIS C 66 19.14 22.57 -16.68
C HIS C 66 18.91 23.21 -15.32
N VAL C 67 19.97 23.27 -14.51
CA VAL C 67 19.87 23.78 -13.14
C VAL C 67 19.44 25.24 -13.16
N LYS C 68 20.15 26.06 -13.93
CA LYS C 68 19.76 27.46 -14.06
C LYS C 68 18.34 27.59 -14.60
N LYS C 69 17.95 26.69 -15.51
CA LYS C 69 16.57 26.72 -16.02
C LYS C 69 15.57 26.38 -14.91
N THR C 70 15.91 25.41 -14.05
CA THR C 70 14.97 24.99 -13.01
C THR C 70 14.75 26.08 -11.97
N PHE C 71 15.79 26.84 -11.63
CA PHE C 71 15.66 27.90 -10.63
C PHE C 71 15.80 29.28 -11.25
N ALA C 72 15.11 29.52 -12.37
CA ALA C 72 15.27 30.79 -13.08
C ALA C 72 14.65 31.94 -12.30
N GLN C 73 13.54 31.70 -11.62
CA GLN C 73 12.86 32.75 -10.87
C GLN C 73 13.47 32.91 -9.49
N GLU C 74 14.77 32.66 -9.36
CA GLU C 74 15.48 32.79 -8.08
C GLU C 74 16.67 33.72 -8.27
N ASN C 75 16.83 34.65 -7.33
CA ASN C 75 17.92 35.62 -7.35
C ASN C 75 19.19 34.94 -6.82
N ILE C 76 19.81 34.17 -7.69
CA ILE C 76 21.02 33.42 -7.38
C ILE C 76 22.14 33.91 -8.28
N GLN C 77 23.34 34.01 -7.73
CA GLN C 77 24.52 34.34 -8.52
C GLN C 77 25.16 33.03 -8.94
N TRP C 78 25.06 32.73 -10.23
CA TRP C 78 25.56 31.47 -10.77
C TRP C 78 27.03 31.57 -11.16
N VAL C 79 27.73 30.46 -10.98
CA VAL C 79 29.17 30.40 -11.20
C VAL C 79 29.50 29.04 -11.82
N GLU C 80 30.29 29.06 -12.89
CA GLU C 80 30.69 27.83 -13.56
C GLU C 80 31.94 27.27 -12.88
N GLN C 81 32.13 25.95 -12.98
CA GLN C 81 33.27 25.29 -12.38
C GLN C 81 34.09 24.46 -13.38
N ALA C 82 33.76 24.54 -14.67
CA ALA C 82 34.53 23.87 -15.73
C ALA C 82 34.71 22.38 -15.47
N GLY C 86 38.26 20.25 -7.80
CA GLY C 86 38.23 20.04 -6.36
C GLY C 86 37.23 20.91 -5.62
N THR C 87 36.91 20.53 -4.39
CA THR C 87 35.97 21.33 -3.60
C THR C 87 36.60 22.64 -3.14
N GLY C 88 37.89 22.60 -2.77
CA GLY C 88 38.57 23.84 -2.47
C GLY C 88 38.73 24.73 -3.69
N HIS C 89 39.08 24.12 -4.83
CA HIS C 89 39.14 24.88 -6.08
C HIS C 89 37.78 25.43 -6.48
N ALA C 90 36.71 24.68 -6.19
CA ALA C 90 35.38 25.12 -6.57
C ALA C 90 34.99 26.41 -5.86
N VAL C 91 35.23 26.48 -4.55
CA VAL C 91 34.87 27.68 -3.80
C VAL C 91 35.71 28.88 -4.23
N GLN C 92 36.95 28.64 -4.70
CA GLN C 92 37.83 29.72 -5.12
C GLN C 92 37.18 30.62 -6.17
N MET C 93 36.34 30.04 -7.04
CA MET C 93 35.68 30.83 -8.07
C MET C 93 34.76 31.91 -7.48
N THR C 94 34.30 31.75 -6.24
CA THR C 94 33.36 32.73 -5.70
C THR C 94 34.01 34.06 -5.35
N LEU C 95 35.33 34.10 -5.14
CA LEU C 95 35.98 35.37 -4.81
C LEU C 95 35.67 36.45 -5.85
N PRO C 96 35.77 36.19 -7.17
CA PRO C 96 35.32 37.19 -8.15
C PRO C 96 33.83 37.48 -8.03
N ILE C 103 29.48 37.13 6.90
CA ILE C 103 29.77 35.70 7.01
C ILE C 103 29.26 34.95 5.79
N SER C 104 29.75 33.72 5.62
CA SER C 104 29.30 32.84 4.55
C SER C 104 29.15 31.42 5.06
N LEU C 105 28.11 30.74 4.59
CA LEU C 105 27.91 29.32 4.82
C LEU C 105 28.37 28.54 3.60
N ILE C 106 28.94 27.36 3.83
CA ILE C 106 29.35 26.47 2.75
C ILE C 106 28.48 25.21 2.83
N LEU C 107 27.58 25.07 1.87
CA LEU C 107 26.64 23.95 1.82
C LEU C 107 26.86 23.16 0.54
N TYR C 108 26.32 21.95 0.52
CA TYR C 108 26.41 21.08 -0.64
C TYR C 108 25.03 20.87 -1.23
N GLY C 109 24.95 20.96 -2.56
CA GLY C 109 23.69 20.73 -3.22
C GLY C 109 23.17 19.33 -3.06
N ASP C 110 24.07 18.35 -2.90
CA ASP C 110 23.68 16.96 -2.71
C ASP C 110 23.65 16.54 -1.23
N VAL C 111 23.62 17.50 -0.31
CA VAL C 111 23.37 17.25 1.10
C VAL C 111 22.14 18.10 1.45
N PRO C 112 20.96 17.63 1.18
CA PRO C 112 19.82 18.55 1.07
C PRO C 112 19.08 18.86 2.36
N LEU C 113 19.18 18.02 3.40
CA LEU C 113 18.25 18.07 4.52
C LEU C 113 18.76 18.87 5.72
N VAL C 114 19.77 19.71 5.56
CA VAL C 114 20.27 20.47 6.71
C VAL C 114 19.23 21.49 7.15
N ARG C 115 18.96 21.57 8.45
CA ARG C 115 17.88 22.40 8.96
C ARG C 115 18.34 23.83 9.20
N GLN C 116 17.40 24.76 9.05
CA GLN C 116 17.72 26.17 9.28
C GLN C 116 18.15 26.40 10.71
N THR C 117 17.57 25.66 11.65
CA THR C 117 17.95 25.82 13.05
C THR C 117 19.39 25.37 13.28
N THR C 118 19.84 24.33 12.56
CA THR C 118 21.24 23.91 12.66
C THR C 118 22.16 24.97 12.08
N LEU C 119 21.83 25.49 10.89
CA LEU C 119 22.70 26.47 10.24
C LEU C 119 22.78 27.78 11.00
N GLU C 120 21.69 28.19 11.65
CA GLU C 120 21.77 29.36 12.51
C GLU C 120 22.66 29.07 13.71
N GLN C 121 22.46 27.91 14.33
CA GLN C 121 23.30 27.46 15.44
C GLN C 121 24.77 27.47 15.06
N LEU C 122 25.08 27.10 13.81
CA LEU C 122 26.46 27.17 13.35
C LEU C 122 26.91 28.62 13.19
N ILE C 123 26.00 29.51 12.78
CA ILE C 123 26.40 30.90 12.54
C ILE C 123 26.71 31.62 13.85
N GLU C 124 25.94 31.37 14.90
CA GLU C 124 26.15 32.08 16.15
C GLU C 124 27.52 31.74 16.75
N VAL C 125 27.91 30.48 16.67
CA VAL C 125 29.19 30.07 17.22
C VAL C 125 30.35 30.45 16.32
N SER C 126 30.11 30.65 15.01
CA SER C 126 31.19 31.00 14.11
C SER C 126 31.48 32.50 14.14
N ASN C 127 30.44 33.33 14.31
CA ASN C 127 30.64 34.77 14.33
C ASN C 127 31.54 35.21 15.48
N LYS C 128 31.51 34.48 16.61
CA LYS C 128 32.40 34.75 17.73
C LYS C 128 33.83 34.28 17.47
N THR C 129 34.05 33.36 16.54
CA THR C 129 35.36 32.82 16.22
C THR C 129 35.85 33.15 14.82
N GLY C 130 34.96 33.36 13.86
CA GLY C 130 35.36 33.58 12.49
C GLY C 130 35.36 32.34 11.62
N ILE C 131 35.26 31.15 12.22
CA ILE C 131 35.18 29.90 11.46
C ILE C 131 34.50 28.84 12.31
N GLY C 132 33.48 28.19 11.73
CA GLY C 132 32.84 27.07 12.38
C GLY C 132 32.61 25.94 11.40
N MET C 133 32.18 24.81 11.93
CA MET C 133 31.91 23.66 11.08
C MET C 133 30.97 22.71 11.80
N ILE C 134 30.37 21.83 11.02
CA ILE C 134 29.51 20.78 11.55
C ILE C 134 30.28 19.47 11.58
N THR C 135 30.22 18.79 12.71
CA THR C 135 30.84 17.48 12.86
C THR C 135 29.76 16.52 13.32
N LEU C 136 30.06 15.23 13.25
CA LEU C 136 29.05 14.20 13.54
C LEU C 136 29.75 12.96 14.06
N HIS C 137 29.15 12.33 15.06
CA HIS C 137 29.66 11.06 15.58
C HIS C 137 28.92 9.90 14.94
N VAL C 138 29.68 8.95 14.38
CA VAL C 138 29.13 7.80 13.68
C VAL C 138 29.65 6.53 14.34
N ASP C 139 28.76 5.55 14.50
CA ASP C 139 29.18 4.27 15.07
C ASP C 139 30.23 3.62 14.18
N ASN C 140 29.97 3.60 12.87
CA ASN C 140 30.91 3.03 11.92
C ASN C 140 31.50 4.16 11.07
N PRO C 141 32.74 4.58 11.31
CA PRO C 141 33.33 5.69 10.55
C PRO C 141 34.21 5.27 9.38
N THR C 142 34.12 4.01 8.95
CA THR C 142 34.97 3.53 7.86
C THR C 142 34.78 4.37 6.60
N GLY C 143 35.89 4.84 6.03
CA GLY C 143 35.86 5.60 4.80
C GLY C 143 35.63 7.09 4.93
N TYR C 144 35.26 7.57 6.11
CA TYR C 144 34.98 8.99 6.30
C TYR C 144 36.23 9.72 6.80
N GLY C 145 36.23 11.04 6.64
CA GLY C 145 37.33 11.85 7.15
C GLY C 145 37.21 12.07 8.65
N ARG C 146 38.34 11.92 9.35
CA ARG C 146 38.37 11.92 10.82
C ARG C 146 38.68 13.31 11.36
N ILE C 147 37.95 13.69 12.41
CA ILE C 147 38.17 14.99 13.05
C ILE C 147 39.32 14.90 14.03
N LYS C 153 39.94 20.88 21.60
CA LYS C 153 40.06 21.78 20.46
C LYS C 153 40.38 20.99 19.20
N ILE C 154 39.64 21.29 18.13
CA ILE C 154 39.85 20.60 16.85
C ILE C 154 41.22 20.97 16.30
N GLN C 155 41.96 19.97 15.85
CA GLN C 155 43.31 20.20 15.34
C GLN C 155 43.45 19.97 13.84
N ALA C 156 42.79 18.95 13.29
CA ALA C 156 42.92 18.67 11.87
C ALA C 156 41.82 17.70 11.45
N ILE C 157 41.69 17.52 10.14
CA ILE C 157 40.83 16.49 9.56
C ILE C 157 41.68 15.63 8.63
N VAL C 158 41.71 14.32 8.89
CA VAL C 158 42.47 13.37 8.08
C VAL C 158 41.47 12.47 7.34
N GLU C 159 41.48 12.54 6.01
CA GLU C 159 40.58 11.71 5.22
C GLU C 159 41.00 10.25 5.32
N HIS C 160 40.00 9.36 5.38
CA HIS C 160 40.26 7.94 5.56
C HIS C 160 41.18 7.38 4.48
N LYS C 161 41.06 7.88 3.24
CA LYS C 161 41.90 7.39 2.16
C LYS C 161 43.39 7.60 2.46
N ASP C 162 43.75 8.76 2.99
CA ASP C 162 45.14 9.10 3.26
C ASP C 162 45.47 9.03 4.74
N ALA C 163 44.53 8.62 5.58
CA ALA C 163 44.74 8.66 7.03
C ALA C 163 45.47 7.39 7.46
N THR C 164 46.49 7.57 8.30
CA THR C 164 47.18 6.41 8.86
C THR C 164 46.23 5.59 9.73
N GLU C 165 46.65 4.37 10.04
CA GLU C 165 45.80 3.43 10.78
C GLU C 165 45.43 3.96 12.16
N ALA C 166 46.33 4.69 12.82
CA ALA C 166 46.05 5.15 14.18
C ALA C 166 44.87 6.11 14.23
N GLN C 167 44.84 7.09 13.33
CA GLN C 167 43.77 8.09 13.34
C GLN C 167 42.42 7.51 12.95
N ARG C 168 42.40 6.41 12.18
CA ARG C 168 41.16 5.82 11.71
C ARG C 168 40.25 5.33 12.83
N GLN C 169 40.75 5.25 14.06
CA GLN C 169 39.91 4.82 15.17
C GLN C 169 38.95 5.92 15.65
N ILE C 170 39.14 7.17 15.19
CA ILE C 170 38.25 8.27 15.57
C ILE C 170 36.87 8.03 14.98
N GLN C 171 35.83 8.21 15.81
CA GLN C 171 34.45 8.04 15.39
C GLN C 171 33.74 9.37 15.17
N GLU C 172 34.44 10.48 15.38
CA GLU C 172 33.92 11.80 15.04
C GLU C 172 34.39 12.18 13.63
N ILE C 173 33.44 12.40 12.72
CA ILE C 173 33.75 12.55 11.31
C ILE C 173 33.42 13.97 10.84
N ASN C 174 33.94 14.30 9.66
CA ASN C 174 33.76 15.61 9.03
C ASN C 174 32.52 15.60 8.14
N THR C 175 31.76 16.72 8.17
CA THR C 175 30.60 16.86 7.29
C THR C 175 30.82 17.78 6.10
N GLY C 176 31.87 18.60 6.11
CA GLY C 176 32.11 19.53 5.02
C GLY C 176 31.34 20.84 5.05
N ILE C 177 30.54 21.09 6.08
CA ILE C 177 29.72 22.29 6.15
C ILE C 177 30.44 23.32 7.01
N TYR C 178 30.90 24.41 6.39
CA TYR C 178 31.68 25.43 7.08
C TYR C 178 30.94 26.76 7.08
N CYS C 179 31.27 27.60 8.06
CA CYS C 179 30.81 28.99 8.13
C CYS C 179 32.01 29.89 8.40
N VAL C 180 32.38 30.72 7.42
CA VAL C 180 33.54 31.59 7.56
C VAL C 180 33.15 33.03 7.23
N SER C 181 33.78 33.97 7.94
CA SER C 181 33.55 35.39 7.71
C SER C 181 33.97 35.80 6.30
N ASN C 182 33.17 36.70 5.70
CA ASN C 182 33.42 37.11 4.32
C ASN C 182 34.79 37.75 4.15
N ALA C 183 35.23 38.53 5.14
CA ALA C 183 36.55 39.16 5.06
C ALA C 183 37.67 38.14 5.13
N LYS C 184 37.63 37.24 6.13
CA LYS C 184 38.71 36.28 6.36
C LYS C 184 38.78 35.19 5.29
N LEU C 185 37.68 34.91 4.60
CA LEU C 185 37.73 33.92 3.53
C LEU C 185 38.66 34.37 2.43
N HIS C 186 38.63 35.66 2.10
CA HIS C 186 39.46 36.21 1.03
C HIS C 186 40.95 36.08 1.30
N GLU C 187 41.35 36.00 2.57
CA GLU C 187 42.77 35.88 2.89
C GLU C 187 43.27 34.44 2.76
N TRP C 188 42.43 33.46 3.11
CA TRP C 188 42.85 32.07 3.07
C TRP C 188 42.64 31.43 1.71
N LEU C 189 41.62 31.88 0.96
CA LEU C 189 41.19 31.20 -0.25
C LEU C 189 42.23 31.16 -1.38
N PRO C 190 42.95 32.24 -1.70
CA PRO C 190 43.92 32.14 -2.82
C PRO C 190 45.13 31.26 -2.49
N LYS C 191 45.62 31.26 -1.24
CA LYS C 191 46.84 30.55 -0.84
C LYS C 191 46.68 29.00 -0.83
N LEU C 192 45.55 28.44 -1.26
CA LEU C 192 45.40 26.99 -1.35
C LEU C 192 46.25 26.46 -2.50
N SER C 193 47.27 25.67 -2.16
CA SER C 193 48.20 25.16 -3.17
C SER C 193 47.88 23.71 -3.57
N MET C 209 45.12 25.69 8.64
CA MET C 209 45.37 27.01 8.07
C MET C 209 44.55 28.07 8.78
N ALA C 210 43.37 27.69 9.27
CA ALA C 210 42.49 28.64 9.92
C ALA C 210 42.95 29.00 11.33
N VAL C 211 43.33 28.00 12.13
CA VAL C 211 43.78 28.26 13.49
C VAL C 211 45.09 29.02 13.51
N ALA C 212 45.89 28.89 12.45
CA ALA C 212 47.21 29.53 12.42
C ALA C 212 47.13 31.05 12.45
N ASP C 213 46.08 31.63 11.88
CA ASP C 213 45.95 33.09 11.91
C ASP C 213 45.36 33.53 13.24
N ILE C 217 38.51 27.37 15.69
CA ILE C 217 37.57 26.61 14.86
C ILE C 217 36.37 26.17 15.69
N ALA C 218 35.22 26.81 15.49
CA ALA C 218 34.02 26.43 16.21
C ALA C 218 33.39 25.19 15.57
N SER C 219 32.53 24.51 16.34
CA SER C 219 31.89 23.29 15.83
C SER C 219 30.57 23.05 16.53
N ILE C 220 29.63 22.43 15.81
CA ILE C 220 28.38 21.95 16.37
C ILE C 220 28.03 20.62 15.69
N GLN C 221 27.15 19.85 16.34
CA GLN C 221 26.68 18.61 15.74
C GLN C 221 25.19 18.72 15.42
N PRO C 222 24.72 18.10 14.35
CA PRO C 222 23.32 18.27 13.97
C PRO C 222 22.39 17.52 14.92
N GLU C 223 21.14 17.99 14.96
CA GLU C 223 20.14 17.35 15.80
C GLU C 223 19.82 15.94 15.30
N LEU C 224 19.89 15.72 13.98
CA LEU C 224 19.60 14.44 13.36
C LEU C 224 20.71 14.12 12.37
N ALA C 225 21.19 12.87 12.35
CA ALA C 225 22.35 12.54 11.53
C ALA C 225 22.09 12.73 10.05
N PHE C 226 20.86 12.48 9.58
CA PHE C 226 20.63 12.57 8.14
C PHE C 226 20.66 14.02 7.65
N GLU C 227 20.63 15.00 8.55
CA GLU C 227 20.72 16.40 8.14
C GLU C 227 21.99 16.66 7.34
N VAL C 228 23.06 15.95 7.64
CA VAL C 228 24.37 16.24 7.06
C VAL C 228 24.80 15.11 6.12
N GLU C 229 23.84 14.29 5.71
CA GLU C 229 24.12 13.12 4.92
C GLU C 229 24.01 13.47 3.45
N GLY C 230 25.06 13.15 2.68
CA GLY C 230 25.03 13.32 1.24
C GLY C 230 24.58 12.06 0.51
N VAL C 231 24.35 12.19 -0.79
CA VAL C 231 23.91 11.05 -1.59
C VAL C 231 24.70 11.03 -2.89
N ASN C 232 25.03 9.82 -3.33
CA ASN C 232 25.81 9.62 -4.55
C ASN C 232 25.19 8.68 -5.56
N ASP C 233 24.26 7.81 -5.16
CA ASP C 233 23.63 6.85 -6.05
C ASP C 233 22.19 6.68 -5.59
N ARG C 234 21.45 5.79 -6.27
CA ARG C 234 20.03 5.66 -5.98
C ARG C 234 19.78 4.94 -4.65
N LEU C 235 20.72 4.07 -4.25
CA LEU C 235 20.60 3.42 -2.95
C LEU C 235 20.63 4.46 -1.85
N GLN C 236 21.61 5.36 -1.91
CA GLN C 236 21.73 6.38 -0.89
C GLN C 236 20.57 7.36 -0.96
N LEU C 237 20.12 7.67 -2.17
CA LEU C 237 18.97 8.55 -2.31
C LEU C 237 17.75 7.95 -1.62
N ALA C 238 17.49 6.66 -1.84
CA ALA C 238 16.34 6.00 -1.22
C ALA C 238 16.50 5.87 0.30
N ALA C 239 17.71 5.61 0.77
CA ALA C 239 17.87 5.43 2.20
C ALA C 239 17.66 6.75 2.92
N LEU C 240 18.11 7.85 2.32
CA LEU C 240 17.85 9.16 2.88
C LEU C 240 16.37 9.53 2.79
N GLU C 241 15.71 9.16 1.68
CA GLU C 241 14.27 9.41 1.55
C GLU C 241 13.52 8.75 2.70
N ARG C 242 13.86 7.49 2.99
CA ARG C 242 13.18 6.77 4.06
C ARG C 242 13.49 7.35 5.43
N GLU C 243 14.73 7.79 5.66
CA GLU C 243 15.04 8.45 6.93
C GLU C 243 14.22 9.72 7.10
N PHE C 244 14.10 10.49 6.03
CA PHE C 244 13.33 11.73 6.05
C PHE C 244 11.86 11.46 6.31
N GLN C 245 11.29 10.48 5.60
CA GLN C 245 9.87 10.19 5.78
C GLN C 245 9.57 9.70 7.18
N LYS C 246 10.43 8.83 7.69
CA LYS C 246 10.30 8.33 9.05
C LYS C 246 10.31 9.47 10.05
N GLN C 247 11.26 10.39 9.91
CA GLN C 247 11.29 11.51 10.83
C GLN C 247 10.05 12.40 10.68
N GLN C 248 9.54 12.54 9.45
CA GLN C 248 8.36 13.37 9.22
C GLN C 248 7.11 12.76 9.85
N ALA C 249 6.97 11.44 9.73
CA ALA C 249 5.88 10.75 10.40
C ALA C 249 6.00 10.86 11.92
N LYS C 250 7.23 10.80 12.43
CA LYS C 250 7.46 10.96 13.87
C LYS C 250 7.01 12.34 14.33
N GLU C 251 7.37 13.37 13.57
CA GLU C 251 6.98 14.72 13.98
C GLU C 251 5.47 14.88 13.92
N LEU C 252 4.80 14.27 12.93
CA LEU C 252 3.34 14.36 12.90
C LEU C 252 2.71 13.61 14.06
N MET C 253 3.25 12.44 14.40
CA MET C 253 2.77 11.73 15.59
C MET C 253 3.01 12.54 16.87
N GLN C 254 4.16 13.21 16.97
CA GLN C 254 4.36 14.07 18.12
C GLN C 254 3.32 15.19 18.14
N GLN C 255 2.87 15.63 16.97
CA GLN C 255 1.80 16.64 16.93
C GLN C 255 0.43 16.07 17.26
N GLY C 256 0.27 14.75 17.20
CA GLY C 256 -0.98 14.12 17.59
C GLY C 256 -1.64 13.36 16.48
N VAL C 257 -1.00 13.25 15.31
CA VAL C 257 -1.58 12.50 14.20
C VAL C 257 -1.49 11.01 14.49
N THR C 258 -2.53 10.27 14.10
CA THR C 258 -2.56 8.81 14.18
C THR C 258 -2.23 8.21 12.82
N PHE C 259 -1.33 7.24 12.79
CA PHE C 259 -0.96 6.54 11.57
C PHE C 259 -1.21 5.05 11.75
N ALA C 260 -1.96 4.46 10.81
CA ALA C 260 -2.13 3.01 10.83
C ALA C 260 -0.77 2.32 10.68
N ASP C 261 0.11 2.90 9.87
CA ASP C 261 1.47 2.40 9.73
C ASP C 261 2.36 3.58 9.31
N PRO C 262 3.14 4.13 10.24
CA PRO C 262 3.96 5.31 9.89
C PRO C 262 5.07 5.00 8.93
N ALA C 263 5.42 3.73 8.74
CA ALA C 263 6.40 3.37 7.72
C ALA C 263 5.81 3.31 6.32
N ARG C 264 4.50 3.47 6.19
CA ARG C 264 3.85 3.51 4.88
C ARG C 264 3.16 4.84 4.74
N PHE C 265 3.94 5.92 4.76
CA PHE C 265 3.42 7.28 4.70
C PHE C 265 4.43 8.14 3.96
N ASP C 266 3.94 9.10 3.17
CA ASP C 266 4.88 9.99 2.50
C ASP C 266 4.38 11.42 2.50
N LEU C 267 5.21 12.31 3.01
CA LEU C 267 4.99 13.75 2.93
C LEU C 267 6.03 14.35 2.00
N ARG C 268 5.56 15.01 0.94
CA ARG C 268 6.40 15.65 -0.07
C ARG C 268 6.01 17.13 -0.13
N GLY C 269 6.27 17.84 0.95
CA GLY C 269 5.85 19.21 1.04
C GLY C 269 5.47 19.57 2.46
N THR C 270 4.33 20.21 2.64
CA THR C 270 3.89 20.63 3.96
C THR C 270 2.44 20.24 4.19
N VAL C 271 2.13 19.97 5.45
CA VAL C 271 0.76 19.69 5.84
C VAL C 271 0.53 20.32 7.20
N LYS C 272 -0.59 21.02 7.33
CA LYS C 272 -1.07 21.58 8.57
C LYS C 272 -2.15 20.64 9.09
N VAL C 273 -2.09 20.27 10.37
CA VAL C 273 -2.99 19.25 10.89
C VAL C 273 -3.66 19.76 12.15
N GLY C 274 -4.93 19.40 12.33
CA GLY C 274 -5.62 19.62 13.58
C GLY C 274 -5.48 18.42 14.47
N HIS C 275 -6.31 18.39 15.51
CA HIS C 275 -6.28 17.27 16.43
C HIS C 275 -7.13 16.11 15.91
N ASP C 276 -6.78 14.90 16.38
CA ASP C 276 -7.52 13.66 16.09
C ASP C 276 -7.57 13.36 14.59
N VAL C 277 -6.55 13.76 13.85
CA VAL C 277 -6.43 13.37 12.46
C VAL C 277 -5.94 11.93 12.40
N ARG C 278 -6.58 11.12 11.56
CA ARG C 278 -6.26 9.71 11.39
C ARG C 278 -5.92 9.45 9.94
N ILE C 279 -4.75 8.85 9.70
CA ILE C 279 -4.21 8.63 8.36
C ILE C 279 -3.95 7.14 8.19
N ASP C 280 -4.61 6.53 7.21
CA ASP C 280 -4.47 5.09 7.01
C ASP C 280 -3.23 4.80 6.17
N VAL C 281 -3.01 3.52 5.82
CA VAL C 281 -1.74 3.10 5.23
C VAL C 281 -1.58 3.67 3.81
N ASN C 282 -0.34 3.93 3.43
CA ASN C 282 0.08 4.30 2.09
C ASN C 282 -0.56 5.60 1.59
N VAL C 283 -0.77 6.55 2.49
CA VAL C 283 -1.19 7.89 2.09
C VAL C 283 0.03 8.68 1.65
N ILE C 284 -0.13 9.50 0.61
CA ILE C 284 0.89 10.42 0.12
C ILE C 284 0.32 11.83 0.16
N ILE C 285 1.10 12.79 0.64
CA ILE C 285 0.69 14.18 0.77
C ILE C 285 1.74 15.05 0.08
N GLU C 286 1.32 15.82 -0.93
CA GLU C 286 2.23 16.59 -1.76
C GLU C 286 1.85 18.07 -1.76
N GLY C 287 2.84 18.92 -2.02
CA GLY C 287 2.60 20.36 -1.98
C GLY C 287 2.28 20.82 -0.57
N ASN C 288 1.35 21.77 -0.47
CA ASN C 288 0.91 22.30 0.82
C ASN C 288 -0.53 21.90 1.07
N CYS C 289 -0.76 21.09 2.10
CA CYS C 289 -2.09 20.59 2.40
C CYS C 289 -2.50 21.00 3.81
N GLU C 290 -3.79 20.82 4.07
CA GLU C 290 -4.36 21.11 5.38
C GLU C 290 -5.39 20.03 5.70
N LEU C 291 -5.33 19.51 6.91
CA LEU C 291 -6.26 18.49 7.38
C LEU C 291 -6.84 19.01 8.67
N GLY C 292 -8.15 19.23 8.68
CA GLY C 292 -8.82 19.77 9.84
C GLY C 292 -9.04 18.73 10.92
N ASP C 293 -9.66 19.20 12.01
CA ASP C 293 -9.92 18.35 13.16
C ASP C 293 -10.76 17.14 12.79
N PHE C 294 -10.37 15.98 13.32
CA PHE C 294 -11.08 14.72 13.13
C PHE C 294 -11.11 14.27 11.68
N VAL C 295 -10.27 14.81 10.81
CA VAL C 295 -10.26 14.33 9.43
C VAL C 295 -9.66 12.94 9.39
N GLU C 296 -10.34 12.04 8.66
CA GLU C 296 -9.89 10.66 8.50
C GLU C 296 -9.59 10.43 7.02
N ILE C 297 -8.35 10.06 6.72
CA ILE C 297 -7.89 9.82 5.36
C ILE C 297 -7.69 8.32 5.18
N GLY C 298 -8.40 7.75 4.21
CA GLY C 298 -8.41 6.31 3.99
C GLY C 298 -7.17 5.79 3.30
N ALA C 299 -7.11 4.46 3.18
CA ALA C 299 -5.93 3.82 2.63
C ALA C 299 -5.66 4.30 1.22
N GLY C 300 -4.39 4.51 0.91
CA GLY C 300 -3.96 4.78 -0.43
C GLY C 300 -4.34 6.13 -1.00
N CYS C 301 -4.97 7.00 -0.21
CA CYS C 301 -5.33 8.32 -0.71
C CYS C 301 -4.10 9.17 -0.97
N ILE C 302 -4.20 10.03 -1.98
CA ILE C 302 -3.13 10.92 -2.42
C ILE C 302 -3.68 12.35 -2.47
N LEU C 303 -3.06 13.25 -1.71
CA LEU C 303 -3.51 14.63 -1.63
C LEU C 303 -2.39 15.56 -2.09
N LYS C 304 -2.72 16.47 -3.01
CA LYS C 304 -1.78 17.46 -3.48
C LYS C 304 -2.43 18.83 -3.47
N ASN C 305 -1.82 19.78 -2.75
CA ASN C 305 -2.30 21.18 -2.70
C ASN C 305 -3.79 21.25 -2.35
N THR C 306 -4.18 20.50 -1.32
CA THR C 306 -5.57 20.32 -1.00
C THR C 306 -5.81 20.65 0.46
N THR C 307 -6.93 21.30 0.74
CA THR C 307 -7.39 21.49 2.10
C THR C 307 -8.67 20.71 2.35
N ILE C 308 -8.72 20.07 3.51
CA ILE C 308 -9.84 19.23 3.91
C ILE C 308 -10.27 19.66 5.30
N ALA C 309 -11.49 20.15 5.43
CA ALA C 309 -11.93 20.74 6.68
C ALA C 309 -12.44 19.65 7.65
N ALA C 310 -12.68 20.08 8.89
CA ALA C 310 -12.92 19.19 10.03
C ALA C 310 -14.06 18.21 9.79
N GLY C 311 -13.88 16.97 10.29
CA GLY C 311 -14.94 15.99 10.24
C GLY C 311 -15.08 15.20 8.95
N THR C 312 -14.36 15.57 7.89
CA THR C 312 -14.50 14.86 6.63
C THR C 312 -13.87 13.48 6.71
N LYS C 313 -14.53 12.50 6.09
CA LYS C 313 -14.05 11.12 6.00
C LYS C 313 -13.82 10.79 4.54
N VAL C 314 -12.56 10.56 4.18
CA VAL C 314 -12.17 10.19 2.82
C VAL C 314 -11.92 8.69 2.79
N GLN C 315 -12.73 7.98 2.01
CA GLN C 315 -12.56 6.55 1.87
C GLN C 315 -11.35 6.27 1.00
N ALA C 316 -10.98 4.99 0.91
CA ALA C 316 -9.71 4.59 0.31
C ALA C 316 -9.61 5.00 -1.15
N TYR C 317 -8.36 5.22 -1.59
CA TYR C 317 -8.02 5.41 -3.01
C TYR C 317 -8.69 6.64 -3.61
N SER C 318 -8.72 7.73 -2.87
CA SER C 318 -9.19 8.99 -3.41
C SER C 318 -7.99 9.90 -3.66
N VAL C 319 -7.96 10.57 -4.82
CA VAL C 319 -6.85 11.46 -5.14
C VAL C 319 -7.37 12.88 -5.31
N PHE C 320 -6.63 13.83 -4.73
CA PHE C 320 -6.97 15.24 -4.73
C PHE C 320 -5.81 16.03 -5.30
N ASP C 321 -6.13 17.00 -6.17
CA ASP C 321 -5.12 17.94 -6.65
C ASP C 321 -5.78 19.32 -6.70
N GLY C 322 -5.29 20.26 -5.89
CA GLY C 322 -5.84 21.61 -5.88
C GLY C 322 -7.30 21.70 -5.49
N ALA C 323 -7.75 20.85 -4.56
CA ALA C 323 -9.13 20.83 -4.12
C ALA C 323 -9.31 21.55 -2.79
N VAL C 324 -10.51 22.05 -2.57
CA VAL C 324 -10.93 22.63 -1.30
C VAL C 324 -12.17 21.86 -0.85
N VAL C 325 -12.07 21.18 0.30
CA VAL C 325 -13.11 20.28 0.79
C VAL C 325 -13.59 20.77 2.15
N GLY C 326 -14.90 20.88 2.28
CA GLY C 326 -15.47 21.42 3.50
C GLY C 326 -15.52 20.40 4.61
N GLU C 327 -16.39 20.69 5.59
CA GLU C 327 -16.54 19.92 6.81
C GLU C 327 -17.59 18.82 6.66
N ASN C 328 -17.34 17.70 7.34
CA ASN C 328 -18.27 16.57 7.38
C ASN C 328 -18.67 16.11 5.99
N THR C 329 -17.73 16.18 5.04
CA THR C 329 -18.04 15.58 3.76
C THR C 329 -17.67 14.10 3.77
N GLN C 330 -18.22 13.37 2.80
CA GLN C 330 -17.92 11.97 2.60
C GLN C 330 -17.46 11.78 1.18
N ILE C 331 -16.24 11.29 1.03
CA ILE C 331 -15.57 11.20 -0.27
C ILE C 331 -15.05 9.79 -0.47
N GLY C 332 -15.32 9.23 -1.65
CA GLY C 332 -14.70 8.00 -2.06
C GLY C 332 -15.54 6.80 -1.68
N PRO C 333 -15.00 5.59 -1.90
CA PRO C 333 -13.63 5.37 -2.39
C PRO C 333 -13.50 5.69 -3.88
N PHE C 334 -12.28 5.80 -4.42
CA PHE C 334 -12.05 5.98 -5.86
C PHE C 334 -12.62 7.29 -6.39
N ALA C 335 -12.52 8.36 -5.60
CA ALA C 335 -12.88 9.68 -6.07
C ALA C 335 -11.64 10.40 -6.57
N ARG C 336 -11.84 11.25 -7.59
CA ARG C 336 -10.76 12.01 -8.21
C ARG C 336 -11.16 13.49 -8.26
N LEU C 337 -10.57 14.30 -7.39
CA LEU C 337 -10.80 15.75 -7.37
C LEU C 337 -9.59 16.47 -7.98
N ARG C 338 -9.87 17.31 -8.97
CA ARG C 338 -8.89 18.01 -9.77
C ARG C 338 -8.94 19.49 -9.46
N PRO C 339 -7.97 20.27 -9.94
CA PRO C 339 -7.93 21.68 -9.53
C PRO C 339 -9.25 22.40 -9.77
N GLY C 340 -9.62 23.24 -8.80
CA GLY C 340 -10.90 23.92 -8.86
C GLY C 340 -12.04 23.18 -8.22
N ALA C 341 -11.87 21.92 -7.84
CA ALA C 341 -12.94 21.24 -7.12
C ALA C 341 -13.11 21.88 -5.75
N LYS C 342 -14.30 22.40 -5.48
CA LYS C 342 -14.65 22.98 -4.19
C LYS C 342 -15.94 22.35 -3.70
N LEU C 343 -15.87 21.66 -2.55
CA LEU C 343 -17.03 21.03 -1.95
C LEU C 343 -17.45 21.77 -0.68
N ALA C 344 -18.72 22.13 -0.60
CA ALA C 344 -19.23 22.71 0.63
C ALA C 344 -19.32 21.63 1.72
N ASN C 345 -19.71 22.06 2.92
CA ASN C 345 -19.97 21.13 4.01
C ASN C 345 -21.04 20.12 3.60
N GLU C 346 -20.95 18.90 4.16
CA GLU C 346 -21.91 17.79 4.07
C GLU C 346 -22.02 17.17 2.69
N VAL C 347 -21.24 17.60 1.70
CA VAL C 347 -21.30 17.01 0.37
C VAL C 347 -20.85 15.54 0.41
N HIS C 348 -21.48 14.72 -0.43
CA HIS C 348 -21.09 13.32 -0.63
C HIS C 348 -20.61 13.09 -2.06
N ILE C 349 -19.38 12.58 -2.18
CA ILE C 349 -18.79 12.14 -3.44
C ILE C 349 -18.46 10.66 -3.30
N GLY C 350 -18.99 9.83 -4.19
CA GLY C 350 -18.83 8.39 -4.17
C GLY C 350 -17.72 7.91 -5.07
N ASN C 351 -17.89 6.70 -5.60
CA ASN C 351 -16.84 6.03 -6.37
C ASN C 351 -16.88 6.35 -7.85
N PHE C 352 -15.67 6.40 -8.45
CA PHE C 352 -15.48 6.61 -9.89
C PHE C 352 -16.08 7.96 -10.30
N VAL C 353 -15.88 8.95 -9.44
CA VAL C 353 -16.38 10.30 -9.64
C VAL C 353 -15.19 11.20 -9.91
N GLU C 354 -15.30 12.04 -10.94
CA GLU C 354 -14.28 13.02 -11.28
C GLU C 354 -14.87 14.42 -11.22
N VAL C 355 -14.34 15.25 -10.34
CA VAL C 355 -14.76 16.65 -10.18
C VAL C 355 -13.61 17.53 -10.63
N LYS C 356 -13.85 18.38 -11.63
CA LYS C 356 -12.84 19.30 -12.12
C LYS C 356 -13.42 20.69 -12.25
N ASN C 357 -12.77 21.66 -11.61
CA ASN C 357 -13.15 23.07 -11.68
C ASN C 357 -14.65 23.23 -11.46
N THR C 358 -15.13 22.67 -10.36
CA THR C 358 -16.56 22.61 -10.08
C THR C 358 -16.77 22.90 -8.60
N THR C 359 -17.74 23.77 -8.30
CA THR C 359 -18.13 23.99 -6.93
C THR C 359 -19.46 23.29 -6.67
N ILE C 360 -19.55 22.62 -5.53
CA ILE C 360 -20.71 21.82 -5.18
C ILE C 360 -21.21 22.33 -3.83
N GLY C 361 -22.44 22.83 -3.80
CA GLY C 361 -22.97 23.48 -2.64
C GLY C 361 -23.39 22.53 -1.54
N LEU C 362 -23.92 23.12 -0.49
CA LEU C 362 -24.10 22.43 0.78
C LEU C 362 -24.96 21.16 0.65
N GLY C 363 -24.43 20.05 1.13
CA GLY C 363 -25.16 18.80 1.23
C GLY C 363 -25.48 18.10 -0.07
N SER C 364 -24.95 18.55 -1.20
CA SER C 364 -25.29 17.88 -2.45
C SER C 364 -24.48 16.61 -2.58
N LYS C 365 -24.98 15.67 -3.39
CA LYS C 365 -24.39 14.35 -3.50
C LYS C 365 -24.23 13.88 -4.94
N ALA C 366 -23.09 13.26 -5.21
CA ALA C 366 -22.85 12.53 -6.47
C ALA C 366 -22.19 11.22 -6.04
N ASN C 367 -23.05 10.22 -5.77
CA ASN C 367 -22.64 8.98 -5.15
C ASN C 367 -22.07 7.97 -6.15
N HIS C 368 -22.30 8.16 -7.44
CA HIS C 368 -21.96 7.15 -8.43
C HIS C 368 -21.17 7.77 -9.56
N PHE C 369 -20.75 6.92 -10.50
CA PHE C 369 -19.82 7.36 -11.53
C PHE C 369 -20.40 8.51 -12.37
N THR C 370 -19.62 9.58 -12.49
CA THR C 370 -20.09 10.83 -13.11
C THR C 370 -18.86 11.68 -13.38
N TYR C 371 -18.97 12.56 -14.37
CA TYR C 371 -17.96 13.58 -14.63
C TYR C 371 -18.62 14.95 -14.47
N LEU C 372 -18.18 15.72 -13.49
CA LEU C 372 -18.62 17.10 -13.26
C LEU C 372 -17.45 18.02 -13.54
N GLY C 373 -17.50 18.70 -14.69
CA GLY C 373 -16.44 19.63 -15.03
C GLY C 373 -16.92 21.01 -15.39
N ASP C 374 -16.26 22.05 -14.85
CA ASP C 374 -16.60 23.46 -15.12
C ASP C 374 -18.06 23.75 -14.77
N ALA C 375 -18.45 23.32 -13.58
CA ALA C 375 -19.84 23.32 -13.16
C ALA C 375 -20.01 24.09 -11.86
N GLU C 376 -21.18 24.70 -11.71
CA GLU C 376 -21.59 25.26 -10.44
C GLU C 376 -22.89 24.57 -10.01
N ILE C 377 -22.83 23.85 -8.91
CA ILE C 377 -23.94 23.05 -8.41
C ILE C 377 -24.31 23.58 -7.04
N GLY C 378 -25.60 23.87 -6.84
CA GLY C 378 -26.06 24.43 -5.59
C GLY C 378 -26.16 23.44 -4.44
N ALA C 379 -27.04 23.75 -3.50
CA ALA C 379 -27.21 23.00 -2.27
C ALA C 379 -28.37 22.00 -2.36
N GLU C 380 -28.20 20.87 -1.68
CA GLU C 380 -29.24 19.82 -1.58
C GLU C 380 -29.64 19.27 -2.94
N SER C 381 -28.70 19.17 -3.85
CA SER C 381 -28.96 18.64 -5.17
C SER C 381 -28.37 17.23 -5.29
N ASN C 382 -28.89 16.49 -6.27
CA ASN C 382 -28.50 15.10 -6.45
C ASN C 382 -28.11 14.85 -7.91
N ILE C 383 -26.92 14.29 -8.10
CA ILE C 383 -26.40 13.96 -9.42
C ILE C 383 -26.52 12.45 -9.61
N GLY C 384 -27.30 12.05 -10.61
CA GLY C 384 -27.50 10.65 -10.86
C GLY C 384 -26.28 10.01 -11.48
N ALA C 385 -26.20 8.69 -11.34
CA ALA C 385 -25.16 7.90 -11.98
C ALA C 385 -25.16 8.14 -13.48
N GLY C 386 -23.97 8.17 -14.08
CA GLY C 386 -23.82 8.32 -15.51
C GLY C 386 -24.03 9.72 -16.04
N THR C 387 -24.25 10.70 -15.15
CA THR C 387 -24.41 12.10 -15.53
C THR C 387 -23.08 12.69 -15.98
N ILE C 388 -23.15 13.52 -17.02
CA ILE C 388 -21.96 14.15 -17.60
C ILE C 388 -22.25 15.61 -17.93
N THR C 389 -21.35 16.50 -17.49
CA THR C 389 -21.28 17.85 -18.03
C THR C 389 -20.52 17.82 -19.35
N CYS C 390 -21.19 18.18 -20.45
CA CYS C 390 -20.51 18.36 -21.73
C CYS C 390 -19.94 19.77 -21.73
N ASN C 391 -18.74 19.92 -21.20
CA ASN C 391 -18.17 21.23 -20.96
C ASN C 391 -17.25 21.69 -22.08
N TYR C 392 -17.00 20.84 -23.07
CA TYR C 392 -15.98 21.08 -24.08
C TYR C 392 -16.58 20.84 -25.46
N ASP C 393 -16.55 21.87 -26.31
CA ASP C 393 -17.08 21.75 -27.66
C ASP C 393 -16.00 21.42 -28.69
N GLY C 394 -14.82 20.97 -28.22
CA GLY C 394 -13.68 20.75 -29.07
C GLY C 394 -12.70 21.90 -29.12
N ALA C 395 -13.13 23.09 -28.70
CA ALA C 395 -12.24 24.25 -28.71
C ALA C 395 -12.32 25.01 -27.38
N ASN C 396 -13.52 25.29 -26.91
CA ASN C 396 -13.69 26.10 -25.71
C ASN C 396 -14.43 25.33 -24.63
N LYS C 397 -14.29 25.81 -23.41
CA LYS C 397 -15.01 25.25 -22.27
C LYS C 397 -16.22 26.13 -21.95
N HIS C 398 -17.26 25.50 -21.42
CA HIS C 398 -18.51 26.18 -21.13
C HIS C 398 -19.02 25.73 -19.77
N LYS C 399 -19.78 26.61 -19.12
CA LYS C 399 -20.18 26.40 -17.74
C LYS C 399 -21.54 25.72 -17.66
N THR C 400 -21.67 24.79 -16.71
CA THR C 400 -22.95 24.20 -16.33
C THR C 400 -23.37 24.76 -14.98
N THR C 401 -24.62 25.22 -14.89
CA THR C 401 -25.12 25.83 -13.67
C THR C 401 -26.33 25.03 -13.21
N ILE C 402 -26.24 24.47 -12.02
CA ILE C 402 -27.28 23.62 -11.46
C ILE C 402 -27.71 24.22 -10.13
N GLY C 403 -29.01 24.38 -9.93
CA GLY C 403 -29.50 25.07 -8.77
C GLY C 403 -29.56 24.23 -7.51
N ASP C 404 -30.34 24.71 -6.56
CA ASP C 404 -30.62 24.01 -5.30
C ASP C 404 -31.76 23.03 -5.48
N ALA C 405 -31.70 21.93 -4.75
CA ALA C 405 -32.75 20.91 -4.73
C ALA C 405 -33.08 20.41 -6.14
N VAL C 406 -32.06 20.30 -6.97
CA VAL C 406 -32.18 19.74 -8.31
C VAL C 406 -31.91 18.24 -8.24
N PHE C 407 -32.65 17.48 -9.04
CA PHE C 407 -32.43 16.04 -9.21
C PHE C 407 -32.04 15.81 -10.67
N ILE C 408 -30.79 15.44 -10.93
CA ILE C 408 -30.33 15.14 -12.27
C ILE C 408 -30.43 13.63 -12.43
N GLY C 409 -31.40 13.18 -13.23
CA GLY C 409 -31.58 11.77 -13.45
C GLY C 409 -30.39 11.15 -14.18
N SER C 410 -30.33 9.82 -14.10
CA SER C 410 -29.17 9.06 -14.53
C SER C 410 -28.97 9.13 -16.04
N ASN C 411 -27.72 8.94 -16.46
CA ASN C 411 -27.34 8.89 -17.87
C ASN C 411 -27.78 10.16 -18.61
N SER C 412 -27.71 11.30 -17.92
CA SER C 412 -28.03 12.60 -18.50
C SER C 412 -26.78 13.27 -19.07
N SER C 413 -26.93 13.92 -20.21
CA SER C 413 -25.87 14.74 -20.80
C SER C 413 -26.32 16.20 -20.77
N LEU C 414 -25.61 17.02 -19.99
CA LEU C 414 -25.93 18.44 -19.85
C LEU C 414 -24.99 19.23 -20.75
N VAL C 415 -25.53 19.78 -21.84
CA VAL C 415 -24.73 20.45 -22.84
C VAL C 415 -24.56 21.90 -22.40
N ALA C 416 -23.36 22.23 -21.94
CA ALA C 416 -23.06 23.58 -21.52
C ALA C 416 -22.95 24.47 -22.75
N PRO C 417 -23.23 25.78 -22.61
CA PRO C 417 -23.70 26.40 -21.37
C PRO C 417 -25.19 26.17 -21.19
N VAL C 418 -25.56 25.70 -20.01
CA VAL C 418 -26.93 25.44 -19.66
C VAL C 418 -27.09 25.72 -18.17
N THR C 419 -28.27 26.22 -17.80
CA THR C 419 -28.63 26.51 -16.43
C THR C 419 -29.84 25.64 -16.10
N ILE C 420 -29.83 25.04 -14.93
CA ILE C 420 -30.91 24.19 -14.45
C ILE C 420 -31.41 24.79 -13.14
N GLY C 421 -32.61 25.36 -13.17
CA GLY C 421 -33.09 26.15 -12.06
C GLY C 421 -33.43 25.32 -10.84
N ASN C 422 -33.61 26.05 -9.73
CA ASN C 422 -33.87 25.41 -8.44
C ASN C 422 -35.08 24.49 -8.53
N GLY C 423 -35.02 23.38 -7.80
CA GLY C 423 -36.08 22.41 -7.72
C GLY C 423 -36.40 21.65 -8.98
N ALA C 424 -35.64 21.84 -10.07
CA ALA C 424 -35.98 21.16 -11.31
C ALA C 424 -35.56 19.68 -11.24
N THR C 425 -36.18 18.89 -12.11
CA THR C 425 -35.87 17.48 -12.24
C THR C 425 -35.58 17.16 -13.69
N VAL C 426 -34.54 16.38 -13.92
CA VAL C 426 -34.12 15.97 -15.26
C VAL C 426 -34.37 14.48 -15.39
N GLY C 427 -35.10 14.09 -16.44
CA GLY C 427 -35.39 12.68 -16.64
C GLY C 427 -34.14 11.88 -16.99
N ALA C 428 -34.17 10.60 -16.66
CA ALA C 428 -33.03 9.73 -16.91
C ALA C 428 -32.75 9.61 -18.40
N GLY C 429 -31.48 9.50 -18.74
CA GLY C 429 -31.05 9.31 -20.11
C GLY C 429 -31.24 10.51 -21.01
N SER C 430 -31.57 11.67 -20.46
CA SER C 430 -31.84 12.84 -21.28
C SER C 430 -30.56 13.53 -21.73
N VAL C 431 -30.62 14.09 -22.93
CA VAL C 431 -29.66 15.04 -23.43
C VAL C 431 -30.30 16.42 -23.26
N ILE C 432 -29.71 17.27 -22.44
CA ILE C 432 -30.32 18.54 -22.06
C ILE C 432 -29.54 19.66 -22.73
N THR C 433 -30.22 20.47 -23.55
CA THR C 433 -29.60 21.62 -24.18
C THR C 433 -30.26 22.96 -23.87
N LYS C 434 -31.53 22.97 -23.48
CA LYS C 434 -32.18 24.22 -23.11
C LYS C 434 -32.26 24.32 -21.60
N ASP C 435 -32.16 25.55 -21.11
CA ASP C 435 -32.24 25.82 -19.68
C ASP C 435 -33.52 25.24 -19.11
N VAL C 436 -33.42 24.63 -17.94
CA VAL C 436 -34.58 24.04 -17.28
C VAL C 436 -35.09 24.99 -16.22
N ALA C 437 -36.38 25.29 -16.27
CA ALA C 437 -36.97 26.28 -15.39
C ALA C 437 -37.03 25.76 -13.95
N GLU C 438 -37.08 26.69 -13.01
CA GLU C 438 -37.28 26.33 -11.61
C GLU C 438 -38.53 25.47 -11.48
N GLN C 439 -38.43 24.41 -10.70
CA GLN C 439 -39.56 23.52 -10.43
C GLN C 439 -40.04 22.77 -11.66
N SER C 440 -39.31 22.78 -12.75
CA SER C 440 -39.82 22.12 -13.94
C SER C 440 -39.17 20.75 -14.10
N LEU C 441 -39.89 19.85 -14.75
CA LEU C 441 -39.34 18.57 -15.15
C LEU C 441 -38.99 18.71 -16.62
N SER C 442 -37.75 18.40 -16.96
CA SER C 442 -37.31 18.43 -18.34
C SER C 442 -36.69 17.08 -18.68
N PHE C 443 -37.16 16.51 -19.78
CA PHE C 443 -36.68 15.22 -20.23
C PHE C 443 -36.69 15.21 -21.74
N GLU C 444 -35.81 14.39 -22.31
CA GLU C 444 -35.69 14.33 -23.76
C GLU C 444 -36.69 13.29 -24.27
N GLN C 447 -39.01 7.05 -26.78
CA GLN C 447 -39.82 6.09 -27.52
C GLN C 447 -39.13 4.71 -27.68
N GLN C 448 -39.38 3.82 -26.73
CA GLN C 448 -38.87 2.45 -26.81
C GLN C 448 -39.75 1.58 -27.69
N ILE C 449 -39.13 0.90 -28.66
CA ILE C 449 -39.82 0.00 -29.58
C ILE C 449 -39.58 -1.46 -29.17
N SER C 450 -40.64 -2.25 -29.17
CA SER C 450 -40.59 -3.65 -28.76
C SER C 450 -40.77 -4.57 -29.97
N LYS C 451 -39.91 -5.59 -30.07
CA LYS C 451 -40.08 -6.66 -31.04
C LYS C 451 -40.11 -7.97 -30.27
N ALA C 452 -41.19 -8.73 -30.45
CA ALA C 452 -41.40 -9.95 -29.69
C ALA C 452 -40.55 -11.09 -30.23
N ASN C 453 -40.24 -12.04 -29.37
CA ASN C 453 -39.58 -13.28 -29.74
C ASN C 453 -38.35 -13.01 -30.61
N TYR C 454 -37.45 -12.20 -30.06
CA TYR C 454 -36.22 -11.84 -30.74
C TYR C 454 -35.11 -12.81 -30.35
N GLN C 455 -34.40 -13.34 -31.35
CA GLN C 455 -33.28 -14.23 -31.13
C GLN C 455 -31.98 -13.45 -31.30
N ARG C 456 -31.13 -13.49 -30.29
CA ARG C 456 -29.86 -12.77 -30.37
C ARG C 456 -28.91 -13.53 -31.29
N PRO C 457 -27.99 -12.82 -31.95
CA PRO C 457 -27.11 -13.47 -32.94
C PRO C 457 -26.37 -14.67 -32.35
N GLN C 458 -26.16 -15.67 -33.20
CA GLN C 458 -25.34 -16.82 -32.83
C GLN C 458 -24.06 -16.83 -33.66
#